data_1W96
#
_entry.id   1W96
#
_cell.length_a   63.830
_cell.length_b   96.520
_cell.length_c   139.950
_cell.angle_alpha   90.00
_cell.angle_beta   96.82
_cell.angle_gamma   90.00
#
_symmetry.space_group_name_H-M   'P 1 21 1'
#
loop_
_entity.id
_entity.type
_entity.pdbx_description
1 polymer 'ACETYL-COENZYME A CARBOXYLASE'
2 non-polymer 'SORAPHEN A'
3 water water
#
_entity_poly.entity_id   1
_entity_poly.type   'polypeptide(L)'
_entity_poly.pdbx_seq_one_letter_code
;KMEYEITNYSERHTELPGHFIGLNTVDKLEESPLRDFVKSHGGHTVISKILIANNGIAAVKEIRSVRKWAYETFGDDRTV
QFVAMATPEDLEANAEYIRMADQYIEVPGGTNNNNYANVDLIVDIAERADVDAVWAGWGHASENPLLPEKLSQSKRKVIF
IGPPGNAMRSLGDKISSTIVAQSAKVPCIPWSGTGVDTVHVDEKTGLVSVDDDIYQKGCCTSPEDGLQKAKRIGFPVMIK
ASEGGGGKGIRQVEREEDFIALYHQAANEIPGSPIFIMKLAGRARHLEVQLLADQYGTNISLFGRDCSVQRRHQKIIEEA
PVTIAKAETFHEMEKAAVRLGKLVGYVSAGTVEYLYSHDDGKFYFLELNPRLQVEHPTTEMVSGVNLPAAQLQIAMGIPM
HRISDIRTLYGMNPHSASEIDFEFKTQDATKKQRRPIPKGHCTACRITSEDPNDGFKPSGGTLHELNFRSSSNVWGYFSV
GNNGNIHSFSDSQFGHIFAFGENRQASRKHMVVALKELSIRGDFRTTVEYLIKLLETEDFEDNTITTGWLDDLI
;
_entity_poly.pdbx_strand_id   A,B,C
#
loop_
_chem_comp.id
_chem_comp.type
_chem_comp.name
_chem_comp.formula
S1A non-polymer 'SORAPHEN A' 'C29 H44 O8'
#
# COMPACT_ATOMS: atom_id res chain seq x y z
N MET A 2 12.85 30.61 17.91
CA MET A 2 11.52 30.59 17.25
C MET A 2 11.06 29.15 17.02
N GLU A 3 9.76 28.96 16.89
CA GLU A 3 9.20 27.64 16.66
C GLU A 3 8.49 27.56 15.33
N TYR A 4 8.26 26.34 14.86
CA TYR A 4 7.60 26.14 13.58
C TYR A 4 6.51 25.08 13.65
N GLU A 5 5.66 25.07 12.64
CA GLU A 5 4.61 24.07 12.54
C GLU A 5 5.38 22.79 12.26
N ILE A 6 4.94 21.69 12.85
CA ILE A 6 5.67 20.43 12.73
C ILE A 6 5.25 19.38 11.73
N THR A 7 6.26 18.76 11.12
CA THR A 7 6.07 17.67 10.17
C THR A 7 6.91 16.52 10.71
N ASN A 8 6.27 15.37 10.91
CA ASN A 8 6.97 14.19 11.39
C ASN A 8 7.06 13.18 10.23
N TYR A 9 8.24 13.09 9.63
CA TYR A 9 8.49 12.20 8.51
C TYR A 9 9.47 11.10 8.93
N SER A 10 9.52 10.80 10.21
CA SER A 10 10.44 9.78 10.71
C SER A 10 10.23 8.42 10.06
N GLU A 11 8.98 8.05 9.78
CA GLU A 11 8.76 6.75 9.14
C GLU A 11 9.36 6.77 7.74
N ARG A 12 9.12 7.85 7.01
CA ARG A 12 9.65 7.98 5.66
C ARG A 12 11.18 7.99 5.65
N HIS A 13 11.78 8.54 6.72
CA HIS A 13 13.24 8.57 6.81
C HIS A 13 13.82 7.16 6.79
N THR A 14 13.11 6.21 7.39
CA THR A 14 13.58 4.83 7.43
C THR A 14 13.64 4.18 6.06
N GLU A 15 12.82 4.65 5.14
CA GLU A 15 12.78 4.08 3.79
C GLU A 15 13.85 4.66 2.87
N LEU A 16 14.39 5.81 3.22
CA LEU A 16 15.40 6.46 2.39
C LEU A 16 16.70 5.69 2.25
N PRO A 17 17.30 5.71 1.04
CA PRO A 17 18.57 5.02 0.81
C PRO A 17 19.59 5.69 1.73
N GLY A 18 20.58 4.92 2.20
CA GLY A 18 21.57 5.48 3.10
C GLY A 18 22.35 6.66 2.56
N HIS A 19 22.55 6.73 1.25
CA HIS A 19 23.34 7.82 0.70
C HIS A 19 22.70 9.20 0.84
N PHE A 20 21.40 9.25 1.17
CA PHE A 20 20.72 10.53 1.36
C PHE A 20 21.02 11.06 2.75
N ILE A 21 21.22 10.14 3.69
CA ILE A 21 21.48 10.50 5.09
C ILE A 21 22.92 10.90 5.38
N GLY A 22 23.11 12.09 5.94
CA GLY A 22 24.44 12.58 6.25
C GLY A 22 24.92 12.18 7.63
N LEU A 23 26.04 12.77 8.05
CA LEU A 23 26.59 12.48 9.36
C LEU A 23 25.85 13.21 10.46
N ASN A 24 25.58 14.50 10.25
CA ASN A 24 24.90 15.31 11.24
C ASN A 24 23.38 15.27 11.18
N THR A 25 22.82 14.13 11.60
CA THR A 25 21.37 13.94 11.60
C THR A 25 20.74 14.70 12.77
N VAL A 26 19.50 15.12 12.59
CA VAL A 26 18.81 15.89 13.62
C VAL A 26 18.65 15.16 14.94
N ASP A 27 18.47 13.84 14.88
CA ASP A 27 18.28 13.03 16.09
C ASP A 27 19.43 13.07 17.10
N LYS A 28 20.66 13.16 16.61
CA LYS A 28 21.82 13.19 17.47
C LYS A 28 22.55 14.52 17.41
N LEU A 29 21.79 15.61 17.31
CA LEU A 29 22.39 16.93 17.22
C LEU A 29 21.77 17.88 18.25
N GLU A 30 22.60 18.75 18.81
CA GLU A 30 22.15 19.71 19.82
C GLU A 30 21.22 20.74 19.19
N GLU A 31 20.38 21.36 20.02
CA GLU A 31 19.45 22.37 19.53
C GLU A 31 20.18 23.57 18.94
N SER A 32 19.60 24.13 17.88
CA SER A 32 20.15 25.30 17.21
C SER A 32 19.10 25.81 16.22
N PRO A 33 19.18 27.09 15.84
CA PRO A 33 18.20 27.63 14.89
C PRO A 33 18.07 26.76 13.64
N LEU A 34 19.20 26.38 13.07
CA LEU A 34 19.19 25.56 11.86
C LEU A 34 18.65 24.16 12.12
N ARG A 35 19.11 23.54 13.21
CA ARG A 35 18.67 22.21 13.55
C ARG A 35 17.17 22.21 13.82
N ASP A 36 16.68 23.23 14.53
CA ASP A 36 15.26 23.32 14.84
C ASP A 36 14.46 23.43 13.56
N PHE A 37 14.98 24.19 12.61
CA PHE A 37 14.30 24.36 11.35
C PHE A 37 14.20 23.06 10.58
N VAL A 38 15.32 22.36 10.42
CA VAL A 38 15.32 21.10 9.69
C VAL A 38 14.41 20.07 10.36
N LYS A 39 14.54 19.92 11.68
CA LYS A 39 13.73 18.94 12.39
C LYS A 39 12.24 19.21 12.25
N SER A 40 11.81 20.43 12.55
CA SER A 40 10.40 20.76 12.47
C SER A 40 9.85 20.60 11.05
N HIS A 41 10.69 20.86 10.05
CA HIS A 41 10.24 20.76 8.67
C HIS A 41 10.27 19.35 8.08
N GLY A 42 10.53 18.35 8.91
CA GLY A 42 10.54 16.97 8.44
C GLY A 42 11.83 16.45 7.84
N GLY A 43 12.91 17.23 7.92
CA GLY A 43 14.19 16.82 7.37
C GLY A 43 14.95 15.87 8.28
N HIS A 44 16.01 15.26 7.75
CA HIS A 44 16.80 14.31 8.52
C HIS A 44 18.24 14.72 8.82
N THR A 45 18.84 15.53 7.94
CA THR A 45 20.23 15.93 8.12
C THR A 45 20.47 17.43 8.09
N VAL A 46 21.26 17.92 9.03
CA VAL A 46 21.59 19.33 9.07
C VAL A 46 22.81 19.61 8.19
N ILE A 47 22.61 20.38 7.14
CA ILE A 47 23.71 20.77 6.26
C ILE A 47 24.10 22.19 6.66
N SER A 48 25.19 22.33 7.40
CA SER A 48 25.63 23.65 7.83
C SER A 48 26.92 24.10 7.15
N LYS A 49 27.51 23.24 6.33
CA LYS A 49 28.73 23.59 5.61
C LYS A 49 28.69 22.92 4.24
N ILE A 50 28.88 23.72 3.20
CA ILE A 50 28.83 23.25 1.82
C ILE A 50 30.09 23.56 1.03
N LEU A 51 30.58 22.55 0.30
CA LEU A 51 31.74 22.74 -0.57
C LEU A 51 31.16 22.95 -1.95
N ILE A 52 31.58 24.03 -2.61
CA ILE A 52 31.13 24.33 -3.95
C ILE A 52 32.16 23.78 -4.96
N ALA A 53 31.75 22.77 -5.72
CA ALA A 53 32.63 22.18 -6.73
C ALA A 53 32.36 22.91 -8.03
N ASN A 54 32.70 24.19 -8.04
CA ASN A 54 32.47 25.03 -9.21
C ASN A 54 33.15 26.37 -8.95
N ASN A 55 33.06 27.26 -9.94
CA ASN A 55 33.63 28.59 -9.83
C ASN A 55 32.74 29.53 -10.64
N GLY A 56 33.28 30.70 -10.97
CA GLY A 56 32.52 31.67 -11.75
C GLY A 56 31.12 32.00 -11.27
N ILE A 57 30.23 32.28 -12.22
CA ILE A 57 28.86 32.65 -11.88
C ILE A 57 28.12 31.58 -11.08
N ALA A 58 28.40 30.31 -11.36
CA ALA A 58 27.74 29.23 -10.62
C ALA A 58 28.00 29.33 -9.12
N ALA A 59 29.27 29.50 -8.75
CA ALA A 59 29.62 29.60 -7.33
C ALA A 59 29.02 30.85 -6.69
N VAL A 60 29.07 31.97 -7.41
CA VAL A 60 28.52 33.21 -6.87
C VAL A 60 27.01 33.10 -6.67
N LYS A 61 26.31 32.53 -7.66
CA LYS A 61 24.86 32.38 -7.57
C LYS A 61 24.45 31.47 -6.42
N GLU A 62 25.16 30.36 -6.24
CA GLU A 62 24.86 29.43 -5.16
C GLU A 62 25.00 30.13 -3.81
N ILE A 63 26.11 30.84 -3.62
CA ILE A 63 26.33 31.52 -2.36
C ILE A 63 25.27 32.60 -2.11
N ARG A 64 25.02 33.45 -3.09
CA ARG A 64 24.03 34.51 -2.89
C ARG A 64 22.63 34.00 -2.65
N SER A 65 22.21 32.98 -3.39
CA SER A 65 20.86 32.45 -3.21
C SER A 65 20.68 31.80 -1.86
N VAL A 66 21.64 30.97 -1.44
CA VAL A 66 21.52 30.32 -0.14
C VAL A 66 21.66 31.32 1.01
N ARG A 67 22.58 32.26 0.90
CA ARG A 67 22.76 33.25 1.98
C ARG A 67 21.55 34.14 2.13
N LYS A 68 20.87 34.44 1.02
CA LYS A 68 19.68 35.27 1.08
C LYS A 68 18.60 34.51 1.84
N TRP A 69 18.45 33.23 1.54
CA TRP A 69 17.47 32.39 2.21
C TRP A 69 17.85 32.29 3.70
N ALA A 70 19.14 32.14 3.99
CA ALA A 70 19.61 32.02 5.37
C ALA A 70 19.28 33.28 6.16
N TYR A 71 19.48 34.43 5.54
CA TYR A 71 19.19 35.70 6.21
C TYR A 71 17.70 35.86 6.47
N GLU A 72 16.88 35.57 5.46
CA GLU A 72 15.43 35.70 5.61
C GLU A 72 14.89 34.75 6.66
N THR A 73 15.49 33.57 6.74
CA THR A 73 15.04 32.53 7.66
C THR A 73 15.62 32.55 9.07
N PHE A 74 16.89 32.89 9.19
CA PHE A 74 17.57 32.88 10.49
C PHE A 74 18.16 34.22 10.95
N GLY A 75 18.13 35.23 10.09
CA GLY A 75 18.68 36.52 10.46
C GLY A 75 20.20 36.56 10.47
N ASP A 76 20.81 35.48 9.99
CA ASP A 76 22.26 35.37 9.90
C ASP A 76 22.51 34.73 8.53
N ASP A 77 23.09 35.50 7.62
CA ASP A 77 23.32 34.98 6.27
C ASP A 77 24.47 33.98 6.14
N ARG A 78 25.13 33.68 7.25
CA ARG A 78 26.23 32.71 7.23
C ARG A 78 25.83 31.44 8.01
N THR A 79 24.53 31.27 8.24
CA THR A 79 24.05 30.09 8.97
C THR A 79 24.57 28.84 8.29
N VAL A 80 24.58 28.87 6.96
CA VAL A 80 25.11 27.74 6.18
C VAL A 80 26.42 28.24 5.57
N GLN A 81 27.53 27.68 6.02
CA GLN A 81 28.86 28.10 5.54
C GLN A 81 29.25 27.54 4.18
N PHE A 82 30.10 28.27 3.49
CA PHE A 82 30.58 27.86 2.16
C PHE A 82 32.09 27.77 2.07
N VAL A 83 32.56 26.66 1.50
CA VAL A 83 33.99 26.45 1.28
C VAL A 83 34.16 26.49 -0.23
N ALA A 84 35.15 27.26 -0.68
CA ALA A 84 35.39 27.36 -2.11
C ALA A 84 36.66 26.64 -2.54
N MET A 85 36.68 26.20 -3.79
CA MET A 85 37.85 25.55 -4.38
C MET A 85 38.44 26.67 -5.21
N ALA A 86 39.75 26.89 -5.09
CA ALA A 86 40.39 27.98 -5.81
C ALA A 86 41.62 27.57 -6.60
N THR A 87 41.52 27.70 -7.91
CA THR A 87 42.63 27.36 -8.80
C THR A 87 43.55 28.57 -8.87
N PRO A 88 44.79 28.39 -9.36
CA PRO A 88 45.69 29.54 -9.46
C PRO A 88 45.10 30.60 -10.39
N GLU A 89 44.40 30.16 -11.43
CA GLU A 89 43.78 31.10 -12.36
C GLU A 89 42.73 31.95 -11.67
N ASP A 90 41.89 31.33 -10.85
CA ASP A 90 40.86 32.09 -10.15
C ASP A 90 41.45 32.98 -9.06
N LEU A 91 42.45 32.46 -8.35
CA LEU A 91 43.10 33.25 -7.30
C LEU A 91 43.74 34.49 -7.89
N GLU A 92 44.44 34.31 -9.02
CA GLU A 92 45.10 35.41 -9.69
C GLU A 92 44.14 36.44 -10.27
N ALA A 93 42.92 36.01 -10.56
CA ALA A 93 41.91 36.93 -11.10
C ALA A 93 41.09 37.54 -9.96
N ASN A 94 41.41 37.16 -8.73
CA ASN A 94 40.69 37.64 -7.54
C ASN A 94 39.20 37.36 -7.69
N ALA A 95 38.87 36.14 -8.11
CA ALA A 95 37.49 35.74 -8.31
C ALA A 95 36.63 36.05 -7.08
N GLU A 96 35.50 36.70 -7.31
CA GLU A 96 34.59 37.08 -6.23
C GLU A 96 34.13 35.93 -5.35
N TYR A 97 33.84 34.77 -5.93
CA TYR A 97 33.34 33.66 -5.14
C TYR A 97 34.34 33.19 -4.08
N ILE A 98 35.63 33.36 -4.34
CA ILE A 98 36.65 32.95 -3.36
C ILE A 98 36.60 33.90 -2.17
N ARG A 99 36.51 35.20 -2.47
CA ARG A 99 36.45 36.23 -1.44
C ARG A 99 35.17 36.08 -0.62
N MET A 100 34.09 35.71 -1.31
CA MET A 100 32.77 35.54 -0.69
C MET A 100 32.68 34.35 0.25
N ALA A 101 33.30 33.23 -0.16
CA ALA A 101 33.27 32.02 0.64
C ALA A 101 33.83 32.25 2.04
N ASP A 102 33.32 31.47 3.00
CA ASP A 102 33.76 31.59 4.39
C ASP A 102 35.18 31.06 4.52
N GLN A 103 35.56 30.17 3.60
CA GLN A 103 36.90 29.62 3.58
C GLN A 103 37.13 29.02 2.20
N TYR A 104 38.39 28.77 1.87
CA TYR A 104 38.69 28.19 0.57
C TYR A 104 39.92 27.29 0.63
N ILE A 105 40.03 26.42 -0.36
CA ILE A 105 41.15 25.51 -0.43
C ILE A 105 41.75 25.59 -1.82
N GLU A 106 43.08 25.73 -1.88
CA GLU A 106 43.76 25.81 -3.16
C GLU A 106 43.77 24.47 -3.85
N VAL A 107 43.65 24.50 -5.17
CA VAL A 107 43.64 23.30 -5.99
C VAL A 107 44.50 23.58 -7.23
N PRO A 108 44.95 22.52 -7.92
CA PRO A 108 45.78 22.67 -9.12
C PRO A 108 45.07 23.40 -10.26
N GLY A 109 45.84 24.05 -11.12
CA GLY A 109 45.25 24.78 -12.23
C GLY A 109 45.04 23.90 -13.45
N GLY A 110 44.93 24.54 -14.61
CA GLY A 110 44.74 23.80 -15.84
C GLY A 110 43.29 23.47 -16.14
N THR A 111 43.07 22.58 -17.11
CA THR A 111 41.71 22.19 -17.48
C THR A 111 40.97 21.60 -16.28
N ASN A 112 39.63 21.67 -16.30
CA ASN A 112 38.86 21.21 -15.14
C ASN A 112 39.03 19.79 -14.63
N ASN A 113 39.62 18.91 -15.44
CA ASN A 113 39.83 17.54 -14.98
C ASN A 113 40.87 17.54 -13.86
N ASN A 114 41.57 18.67 -13.70
CA ASN A 114 42.58 18.80 -12.65
C ASN A 114 42.03 19.48 -11.42
N ASN A 115 40.80 19.97 -11.50
CA ASN A 115 40.25 20.69 -10.36
C ASN A 115 38.76 20.55 -10.14
N TYR A 116 38.00 21.52 -10.64
CA TYR A 116 36.55 21.53 -10.43
C TYR A 116 35.78 20.30 -10.91
N ALA A 117 36.34 19.53 -11.84
CA ALA A 117 35.67 18.35 -12.34
C ALA A 117 36.35 17.05 -11.88
N ASN A 118 37.36 17.18 -11.01
CA ASN A 118 38.08 16.00 -10.52
C ASN A 118 37.34 15.44 -9.31
N VAL A 119 36.62 14.33 -9.51
CA VAL A 119 35.84 13.72 -8.44
C VAL A 119 36.64 13.35 -7.20
N ASP A 120 37.74 12.62 -7.37
CA ASP A 120 38.55 12.22 -6.23
C ASP A 120 39.02 13.40 -5.41
N LEU A 121 39.40 14.48 -6.10
CA LEU A 121 39.87 15.68 -5.44
C LEU A 121 38.73 16.30 -4.65
N ILE A 122 37.56 16.41 -5.28
CA ILE A 122 36.40 16.99 -4.61
C ILE A 122 36.08 16.24 -3.32
N VAL A 123 36.14 14.91 -3.39
CA VAL A 123 35.86 14.08 -2.22
C VAL A 123 36.91 14.33 -1.15
N ASP A 124 38.17 14.39 -1.57
CA ASP A 124 39.27 14.63 -0.65
C ASP A 124 39.10 15.97 0.07
N ILE A 125 38.79 17.01 -0.69
CA ILE A 125 38.59 18.34 -0.13
C ILE A 125 37.37 18.38 0.80
N ALA A 126 36.31 17.67 0.41
CA ALA A 126 35.11 17.61 1.22
C ALA A 126 35.44 17.06 2.60
N GLU A 127 36.28 16.02 2.62
CA GLU A 127 36.68 15.40 3.88
C GLU A 127 37.62 16.32 4.66
N ARG A 128 38.60 16.90 3.97
CA ARG A 128 39.56 17.79 4.60
C ARG A 128 38.88 19.01 5.20
N ALA A 129 37.87 19.53 4.50
CA ALA A 129 37.13 20.71 4.97
C ALA A 129 36.00 20.32 5.91
N ASP A 130 35.82 19.02 6.11
CA ASP A 130 34.80 18.52 7.03
C ASP A 130 33.42 19.12 6.71
N VAL A 131 33.03 19.09 5.43
CA VAL A 131 31.74 19.64 5.01
C VAL A 131 30.61 18.62 5.07
N ASP A 132 29.37 19.11 5.13
CA ASP A 132 28.20 18.24 5.18
C ASP A 132 27.71 17.88 3.78
N ALA A 133 27.99 18.74 2.82
CA ALA A 133 27.52 18.52 1.45
C ALA A 133 28.35 19.21 0.40
N VAL A 134 28.12 18.82 -0.85
CA VAL A 134 28.79 19.40 -2.00
C VAL A 134 27.71 19.85 -2.98
N TRP A 135 27.87 21.03 -3.57
CA TRP A 135 26.93 21.52 -4.58
C TRP A 135 27.77 21.69 -5.85
N ALA A 136 27.35 21.07 -6.94
CA ALA A 136 28.08 21.16 -8.19
C ALA A 136 27.42 22.09 -9.22
N GLY A 137 26.12 22.28 -9.13
CA GLY A 137 25.44 23.16 -10.08
C GLY A 137 25.43 22.65 -11.52
N TRP A 138 26.14 23.34 -12.40
CA TRP A 138 26.20 22.94 -13.81
C TRP A 138 27.63 22.96 -14.32
N GLY A 139 27.90 22.17 -15.35
CA GLY A 139 29.24 22.08 -15.89
C GLY A 139 30.10 21.20 -15.02
N HIS A 140 31.39 21.16 -15.30
CA HIS A 140 32.33 20.36 -14.52
C HIS A 140 31.85 18.94 -14.22
N ALA A 141 31.81 18.53 -12.96
CA ALA A 141 31.39 17.17 -12.64
C ALA A 141 29.95 17.03 -12.18
N SER A 142 29.13 18.04 -12.46
CA SER A 142 27.72 18.03 -12.03
C SER A 142 26.91 16.82 -12.53
N GLU A 143 27.28 16.26 -13.67
CA GLU A 143 26.55 15.13 -14.22
C GLU A 143 27.31 13.81 -14.12
N ASN A 144 28.34 13.78 -13.27
CA ASN A 144 29.14 12.57 -13.11
C ASN A 144 28.59 11.77 -11.91
N PRO A 145 27.96 10.61 -12.16
CA PRO A 145 27.41 9.81 -11.05
C PRO A 145 28.42 9.43 -9.99
N LEU A 146 29.69 9.37 -10.36
CA LEU A 146 30.73 9.02 -9.40
C LEU A 146 30.87 10.07 -8.32
N LEU A 147 30.44 11.30 -8.60
CA LEU A 147 30.55 12.34 -7.58
C LEU A 147 29.64 12.06 -6.38
N PRO A 148 28.32 11.92 -6.59
CA PRO A 148 27.50 11.64 -5.40
C PRO A 148 27.82 10.27 -4.78
N GLU A 149 28.21 9.31 -5.62
CA GLU A 149 28.54 7.98 -5.12
C GLU A 149 29.77 7.99 -4.21
N LYS A 150 30.87 8.55 -4.69
CA LYS A 150 32.08 8.59 -3.88
C LYS A 150 31.91 9.47 -2.64
N LEU A 151 31.10 10.52 -2.75
CA LEU A 151 30.88 11.39 -1.60
C LEU A 151 30.14 10.62 -0.51
N SER A 152 29.16 9.81 -0.91
CA SER A 152 28.39 9.03 0.06
C SER A 152 29.19 7.86 0.63
N GLN A 153 30.21 7.41 -0.10
CA GLN A 153 31.03 6.28 0.34
C GLN A 153 32.06 6.72 1.37
N SER A 154 32.29 8.03 1.45
CA SER A 154 33.23 8.59 2.40
C SER A 154 32.73 8.36 3.83
N LYS A 155 33.65 8.18 4.77
CA LYS A 155 33.26 7.99 6.16
C LYS A 155 32.61 9.27 6.68
N ARG A 156 32.81 10.37 5.96
CA ARG A 156 32.22 11.65 6.35
C ARG A 156 30.76 11.72 5.89
N LYS A 157 30.35 10.74 5.08
CA LYS A 157 28.98 10.65 4.56
C LYS A 157 28.51 12.00 4.03
N VAL A 158 29.23 12.51 3.03
CA VAL A 158 28.93 13.80 2.43
C VAL A 158 27.76 13.70 1.44
N ILE A 159 26.81 14.61 1.60
CA ILE A 159 25.61 14.66 0.77
C ILE A 159 25.87 15.41 -0.54
N PHE A 160 25.18 15.00 -1.61
CA PHE A 160 25.30 15.67 -2.91
C PHE A 160 24.03 16.47 -3.12
N ILE A 161 24.16 17.79 -3.29
CA ILE A 161 22.98 18.62 -3.50
C ILE A 161 22.66 18.56 -4.99
N GLY A 162 21.95 17.50 -5.35
CA GLY A 162 21.58 17.25 -6.73
C GLY A 162 21.00 15.85 -6.79
N PRO A 163 20.77 15.30 -7.99
CA PRO A 163 20.22 13.95 -8.12
C PRO A 163 21.23 12.87 -7.73
N PRO A 164 20.74 11.72 -7.25
CA PRO A 164 21.61 10.61 -6.85
C PRO A 164 22.24 9.93 -8.06
N GLY A 165 23.32 9.19 -7.82
CA GLY A 165 23.99 8.51 -8.91
C GLY A 165 23.04 7.58 -9.64
N ASN A 166 22.19 6.87 -8.91
CA ASN A 166 21.26 5.94 -9.54
C ASN A 166 20.32 6.62 -10.53
N ALA A 167 19.91 7.86 -10.24
CA ALA A 167 19.02 8.59 -11.14
C ALA A 167 19.79 8.95 -12.41
N MET A 168 21.01 9.44 -12.24
CA MET A 168 21.84 9.80 -13.38
C MET A 168 22.10 8.56 -14.24
N ARG A 169 22.36 7.43 -13.60
CA ARG A 169 22.64 6.19 -14.32
C ARG A 169 21.38 5.56 -14.93
N SER A 170 20.22 5.83 -14.34
CA SER A 170 18.97 5.27 -14.86
C SER A 170 18.72 5.74 -16.29
N LEU A 171 19.41 6.80 -16.68
CA LEU A 171 19.30 7.34 -18.03
C LEU A 171 20.66 7.23 -18.70
N GLY A 172 20.99 6.01 -19.12
CA GLY A 172 22.28 5.75 -19.75
C GLY A 172 22.41 6.27 -21.16
N ASP A 173 22.79 5.40 -22.09
CA ASP A 173 22.96 5.84 -23.47
C ASP A 173 21.63 6.29 -24.06
N LYS A 174 21.67 6.70 -25.32
CA LYS A 174 20.46 7.17 -26.00
C LYS A 174 19.40 6.08 -26.07
N ILE A 175 19.81 4.86 -26.41
CA ILE A 175 18.87 3.75 -26.52
C ILE A 175 18.17 3.43 -25.21
N SER A 176 18.94 3.17 -24.16
CA SER A 176 18.38 2.84 -22.86
C SER A 176 17.48 3.97 -22.36
N SER A 177 17.96 5.20 -22.53
CA SER A 177 17.24 6.39 -22.09
C SER A 177 15.84 6.53 -22.72
N THR A 178 15.75 6.29 -24.02
CA THR A 178 14.47 6.42 -24.72
C THR A 178 13.49 5.33 -24.30
N ILE A 179 13.99 4.12 -24.07
CA ILE A 179 13.16 3.01 -23.63
C ILE A 179 12.55 3.31 -22.26
N VAL A 180 13.36 3.88 -21.37
CA VAL A 180 12.89 4.24 -20.03
C VAL A 180 11.80 5.30 -20.14
N ALA A 181 12.02 6.28 -21.01
CA ALA A 181 11.04 7.34 -21.21
C ALA A 181 9.73 6.73 -21.70
N GLN A 182 9.84 5.84 -22.67
CA GLN A 182 8.64 5.20 -23.22
C GLN A 182 7.93 4.37 -22.15
N SER A 183 8.68 3.81 -21.20
CA SER A 183 8.04 3.03 -20.15
C SER A 183 7.30 3.98 -19.22
N ALA A 184 7.69 5.25 -19.22
CA ALA A 184 7.06 6.26 -18.39
C ALA A 184 5.96 6.95 -19.20
N LYS A 185 5.66 6.36 -20.36
CA LYS A 185 4.63 6.87 -21.25
C LYS A 185 4.91 8.27 -21.77
N VAL A 186 6.18 8.55 -22.06
CA VAL A 186 6.56 9.86 -22.59
C VAL A 186 6.71 9.67 -24.10
N PRO A 187 6.02 10.48 -24.91
CA PRO A 187 6.13 10.35 -26.37
C PRO A 187 7.57 10.54 -26.82
N CYS A 188 8.04 9.66 -27.69
CA CYS A 188 9.41 9.75 -28.21
C CYS A 188 9.42 9.78 -29.72
N ILE A 189 10.48 10.34 -30.29
CA ILE A 189 10.64 10.44 -31.73
C ILE A 189 10.67 9.04 -32.33
N PRO A 190 9.96 8.83 -33.45
CA PRO A 190 9.94 7.52 -34.08
C PRO A 190 11.36 7.02 -34.30
N TRP A 191 11.63 5.80 -33.84
CA TRP A 191 12.97 5.25 -33.99
C TRP A 191 12.91 3.74 -34.04
N SER A 192 14.07 3.10 -34.19
CA SER A 192 14.14 1.65 -34.26
C SER A 192 13.69 0.98 -32.97
N GLY A 193 13.51 1.78 -31.92
CA GLY A 193 13.09 1.22 -30.65
C GLY A 193 11.69 1.62 -30.21
N THR A 194 10.95 2.29 -31.09
CA THR A 194 9.59 2.71 -30.77
C THR A 194 8.83 1.48 -30.29
N GLY A 195 8.07 1.64 -29.21
CA GLY A 195 7.30 0.52 -28.69
C GLY A 195 8.02 -0.28 -27.61
N VAL A 196 9.35 -0.20 -27.59
CA VAL A 196 10.14 -0.91 -26.60
C VAL A 196 10.06 -0.10 -25.31
N ASP A 197 9.35 -0.62 -24.31
CA ASP A 197 9.18 0.11 -23.05
C ASP A 197 9.27 -0.74 -21.80
N THR A 198 9.98 -1.87 -21.86
CA THR A 198 10.11 -2.73 -20.70
C THR A 198 11.41 -2.42 -19.97
N VAL A 199 11.30 -2.02 -18.71
CA VAL A 199 12.48 -1.70 -17.92
C VAL A 199 12.56 -2.55 -16.66
N HIS A 200 13.77 -2.64 -16.11
CA HIS A 200 14.01 -3.40 -14.90
C HIS A 200 14.40 -2.43 -13.78
N VAL A 201 13.66 -2.47 -12.69
CA VAL A 201 13.93 -1.60 -11.55
C VAL A 201 14.39 -2.42 -10.35
N ASP A 202 15.62 -2.20 -9.92
CA ASP A 202 16.16 -2.91 -8.77
C ASP A 202 15.26 -2.65 -7.58
N GLU A 203 14.57 -3.69 -7.14
CA GLU A 203 13.63 -3.61 -6.03
C GLU A 203 14.22 -3.05 -4.74
N LYS A 204 15.53 -2.84 -4.70
CA LYS A 204 16.17 -2.33 -3.50
C LYS A 204 16.85 -0.96 -3.66
N THR A 205 17.33 -0.66 -4.86
CA THR A 205 18.00 0.61 -5.09
C THR A 205 17.20 1.55 -5.98
N GLY A 206 16.23 0.99 -6.70
CA GLY A 206 15.43 1.82 -7.58
C GLY A 206 16.13 2.08 -8.90
N LEU A 207 17.37 1.62 -9.02
CA LEU A 207 18.13 1.81 -10.26
C LEU A 207 17.33 1.22 -11.41
N VAL A 208 17.13 2.02 -12.46
CA VAL A 208 16.39 1.55 -13.62
C VAL A 208 17.36 1.15 -14.72
N SER A 209 17.16 -0.04 -15.29
CA SER A 209 18.02 -0.53 -16.35
C SER A 209 17.17 -1.22 -17.40
N VAL A 210 17.79 -1.60 -18.51
CA VAL A 210 17.09 -2.27 -19.58
C VAL A 210 17.84 -3.57 -19.90
N ASP A 211 17.15 -4.71 -19.76
CA ASP A 211 17.79 -5.98 -20.03
C ASP A 211 18.24 -6.07 -21.48
N ASP A 212 19.37 -6.72 -21.70
CA ASP A 212 19.95 -6.86 -23.03
C ASP A 212 18.94 -7.33 -24.09
N ASP A 213 18.09 -8.29 -23.74
CA ASP A 213 17.10 -8.80 -24.68
C ASP A 213 16.10 -7.73 -25.11
N ILE A 214 15.96 -6.70 -24.28
CA ILE A 214 15.03 -5.61 -24.58
C ILE A 214 15.76 -4.50 -25.32
N TYR A 215 16.95 -4.17 -24.82
CA TYR A 215 17.80 -3.14 -25.38
C TYR A 215 18.07 -3.42 -26.86
N GLN A 216 18.46 -4.66 -27.16
CA GLN A 216 18.75 -5.06 -28.52
C GLN A 216 17.54 -4.96 -29.44
N LYS A 217 16.36 -4.95 -28.85
CA LYS A 217 15.13 -4.85 -29.64
C LYS A 217 15.11 -3.53 -30.42
N GLY A 218 15.87 -2.56 -29.93
CA GLY A 218 15.93 -1.27 -30.61
C GLY A 218 17.21 -1.05 -31.38
N CYS A 219 18.02 -2.11 -31.52
CA CYS A 219 19.29 -2.04 -32.23
C CYS A 219 19.27 -2.71 -33.60
N CYS A 220 20.24 -2.35 -34.42
CA CYS A 220 20.37 -2.92 -35.76
C CYS A 220 21.32 -4.11 -35.69
N THR A 221 20.95 -5.20 -36.35
CA THR A 221 21.77 -6.40 -36.34
C THR A 221 22.74 -6.38 -37.52
N SER A 222 22.48 -5.49 -38.47
CA SER A 222 23.32 -5.37 -39.65
C SER A 222 22.88 -4.14 -40.43
N PRO A 223 23.70 -3.70 -41.39
CA PRO A 223 23.34 -2.51 -42.19
C PRO A 223 22.00 -2.72 -42.91
N GLU A 224 21.81 -3.93 -43.43
CA GLU A 224 20.57 -4.27 -44.13
C GLU A 224 19.38 -4.21 -43.19
N ASP A 225 19.60 -4.64 -41.94
CA ASP A 225 18.54 -4.62 -40.94
C ASP A 225 18.20 -3.17 -40.66
N GLY A 226 19.24 -2.34 -40.52
CA GLY A 226 19.03 -0.93 -40.26
C GLY A 226 18.26 -0.26 -41.38
N LEU A 227 18.54 -0.67 -42.62
CA LEU A 227 17.86 -0.09 -43.77
C LEU A 227 16.36 -0.40 -43.69
N GLN A 228 16.02 -1.63 -43.35
CA GLN A 228 14.62 -2.02 -43.25
C GLN A 228 13.93 -1.19 -42.16
N LYS A 229 14.60 -1.02 -41.03
CA LYS A 229 14.05 -0.23 -39.94
C LYS A 229 13.90 1.23 -40.37
N ALA A 230 14.84 1.70 -41.16
CA ALA A 230 14.83 3.08 -41.66
C ALA A 230 13.65 3.31 -42.59
N LYS A 231 13.41 2.34 -43.47
CA LYS A 231 12.30 2.44 -44.42
C LYS A 231 10.96 2.59 -43.68
N ARG A 232 10.81 1.81 -42.62
CA ARG A 232 9.59 1.83 -41.82
C ARG A 232 9.40 3.19 -41.16
N ILE A 233 10.49 3.72 -40.59
CA ILE A 233 10.48 5.01 -39.93
C ILE A 233 10.25 6.13 -40.94
N GLY A 234 10.83 5.97 -42.12
CA GLY A 234 10.69 6.97 -43.16
C GLY A 234 11.88 7.91 -43.17
N PHE A 235 12.47 8.09 -44.36
CA PHE A 235 13.60 8.98 -44.53
C PHE A 235 13.15 10.42 -44.55
N PRO A 236 14.02 11.36 -44.17
CA PRO A 236 15.40 11.12 -43.72
C PRO A 236 15.48 10.63 -42.27
N VAL A 237 16.55 9.90 -41.98
CA VAL A 237 16.74 9.37 -40.64
C VAL A 237 18.17 9.64 -40.18
N MET A 238 18.44 9.35 -38.92
CA MET A 238 19.75 9.54 -38.35
C MET A 238 20.26 8.17 -37.93
N ILE A 239 21.50 7.84 -38.30
CA ILE A 239 22.09 6.58 -37.89
C ILE A 239 22.97 7.01 -36.73
N LYS A 240 22.82 6.37 -35.57
CA LYS A 240 23.61 6.75 -34.41
C LYS A 240 24.16 5.61 -33.59
N ALA A 241 25.44 5.69 -33.27
CA ALA A 241 26.11 4.70 -32.43
C ALA A 241 25.82 5.19 -31.02
N SER A 242 25.10 4.37 -30.25
CA SER A 242 24.73 4.73 -28.88
C SER A 242 25.92 5.15 -28.03
N GLU A 243 27.09 4.59 -28.29
CA GLU A 243 28.28 4.93 -27.52
C GLU A 243 29.04 6.06 -28.20
N GLY A 244 28.40 6.68 -29.19
CA GLY A 244 29.01 7.76 -29.92
C GLY A 244 29.46 8.91 -29.05
N GLY A 245 30.59 9.52 -29.43
CA GLY A 245 31.11 10.64 -28.67
C GLY A 245 31.00 11.95 -29.43
N GLY A 246 30.41 12.95 -28.80
CA GLY A 246 30.25 14.24 -29.44
C GLY A 246 29.52 14.13 -30.76
N GLY A 247 30.26 14.32 -31.85
CA GLY A 247 29.65 14.24 -33.17
C GLY A 247 30.13 13.04 -33.96
N LYS A 248 30.72 12.06 -33.25
CA LYS A 248 31.21 10.85 -33.90
C LYS A 248 30.17 9.73 -33.80
N GLY A 249 30.20 8.84 -34.79
CA GLY A 249 29.26 7.73 -34.81
C GLY A 249 27.85 8.13 -35.21
N ILE A 250 27.72 9.28 -35.87
CA ILE A 250 26.42 9.77 -36.30
C ILE A 250 26.44 10.22 -37.76
N ARG A 251 25.38 9.87 -38.49
CA ARG A 251 25.26 10.24 -39.90
C ARG A 251 23.81 10.46 -40.28
N GLN A 252 23.54 11.56 -40.97
CA GLN A 252 22.18 11.85 -41.43
C GLN A 252 22.02 11.19 -42.80
N VAL A 253 20.90 10.52 -43.02
CA VAL A 253 20.66 9.85 -44.29
C VAL A 253 19.41 10.43 -44.94
N GLU A 254 19.58 10.96 -46.15
CA GLU A 254 18.47 11.56 -46.89
C GLU A 254 17.73 10.55 -47.76
N ARG A 255 18.47 9.61 -48.34
CA ARG A 255 17.86 8.61 -49.22
C ARG A 255 18.38 7.19 -48.98
N GLU A 256 17.52 6.22 -49.24
CA GLU A 256 17.86 4.81 -49.07
C GLU A 256 19.20 4.47 -49.70
N GLU A 257 19.39 4.92 -50.93
CA GLU A 257 20.61 4.66 -51.69
C GLU A 257 21.91 5.05 -50.99
N ASP A 258 21.84 5.92 -49.98
CA ASP A 258 23.04 6.33 -49.26
C ASP A 258 23.16 5.67 -47.90
N PHE A 259 22.08 5.01 -47.46
CA PHE A 259 22.05 4.38 -46.15
C PHE A 259 23.18 3.42 -45.80
N ILE A 260 23.32 2.34 -46.56
CA ILE A 260 24.35 1.34 -46.28
C ILE A 260 25.74 1.93 -46.09
N ALA A 261 26.17 2.76 -47.04
CA ALA A 261 27.49 3.37 -46.97
C ALA A 261 27.64 4.21 -45.70
N LEU A 262 26.67 5.08 -45.44
CA LEU A 262 26.73 5.94 -44.26
C LEU A 262 26.66 5.14 -42.96
N TYR A 263 25.98 4.00 -43.00
CA TYR A 263 25.87 3.16 -41.82
C TYR A 263 27.28 2.72 -41.39
N HIS A 264 28.07 2.28 -42.36
CA HIS A 264 29.43 1.86 -42.06
C HIS A 264 30.31 3.00 -41.57
N GLN A 265 30.07 4.20 -42.10
CA GLN A 265 30.86 5.37 -41.68
C GLN A 265 30.66 5.66 -40.20
N ALA A 266 29.42 5.59 -39.74
CA ALA A 266 29.11 5.84 -38.35
C ALA A 266 29.62 4.70 -37.47
N ALA A 267 29.34 3.47 -37.90
CA ALA A 267 29.76 2.29 -37.17
C ALA A 267 31.28 2.23 -36.97
N ASN A 268 32.01 2.53 -38.04
CA ASN A 268 33.46 2.50 -38.00
C ASN A 268 34.09 3.53 -37.07
N GLU A 269 33.36 4.59 -36.76
CA GLU A 269 33.90 5.64 -35.87
C GLU A 269 33.83 5.23 -34.40
N ILE A 270 32.87 4.37 -34.07
CA ILE A 270 32.71 3.88 -32.71
C ILE A 270 32.51 2.36 -32.84
N PRO A 271 33.59 1.63 -33.15
CA PRO A 271 33.58 0.18 -33.33
C PRO A 271 32.96 -0.63 -32.20
N GLY A 272 32.09 -1.57 -32.58
CA GLY A 272 31.44 -2.44 -31.62
C GLY A 272 30.24 -1.82 -30.91
N SER A 273 30.03 -0.53 -31.11
CA SER A 273 28.91 0.15 -30.47
C SER A 273 27.56 -0.22 -31.06
N PRO A 274 26.52 -0.30 -30.21
CA PRO A 274 25.19 -0.64 -30.73
C PRO A 274 24.78 0.52 -31.61
N ILE A 275 23.96 0.25 -32.62
CA ILE A 275 23.50 1.31 -33.51
C ILE A 275 21.98 1.31 -33.59
N PHE A 276 21.40 2.51 -33.53
CA PHE A 276 19.95 2.64 -33.63
C PHE A 276 19.63 3.70 -34.68
N ILE A 277 18.42 3.61 -35.23
CA ILE A 277 17.96 4.54 -36.24
C ILE A 277 16.84 5.40 -35.64
N MET A 278 16.83 6.68 -36.00
CA MET A 278 15.81 7.58 -35.50
C MET A 278 15.42 8.60 -36.55
N LYS A 279 14.16 9.00 -36.53
CA LYS A 279 13.67 9.97 -37.50
C LYS A 279 14.39 11.30 -37.28
N LEU A 280 14.65 12.02 -38.36
CA LEU A 280 15.36 13.27 -38.28
C LEU A 280 14.46 14.46 -37.94
N ALA A 281 14.68 15.05 -36.77
CA ALA A 281 13.90 16.20 -36.36
C ALA A 281 14.16 17.31 -37.35
N GLY A 282 13.12 18.04 -37.73
CA GLY A 282 13.27 19.14 -38.66
C GLY A 282 13.15 20.46 -37.93
N ARG A 283 12.79 21.52 -38.65
CA ARG A 283 12.64 22.83 -38.02
C ARG A 283 11.42 22.79 -37.11
N ALA A 284 11.66 22.91 -35.80
CA ALA A 284 10.57 22.86 -34.84
C ALA A 284 10.85 23.74 -33.63
N ARG A 285 10.37 23.31 -32.47
CA ARG A 285 10.56 24.06 -31.24
C ARG A 285 11.28 23.22 -30.19
N HIS A 286 12.13 23.87 -29.39
CA HIS A 286 12.84 23.18 -28.32
C HIS A 286 12.29 23.75 -27.01
N LEU A 287 11.51 22.94 -26.31
CA LEU A 287 10.92 23.37 -25.04
C LEU A 287 11.52 22.56 -23.90
N GLU A 288 11.58 23.16 -22.72
CA GLU A 288 12.11 22.47 -21.56
C GLU A 288 11.10 22.60 -20.43
N VAL A 289 11.04 21.58 -19.58
CA VAL A 289 10.18 21.62 -18.41
C VAL A 289 11.15 21.62 -17.22
N GLN A 290 10.97 22.55 -16.29
CA GLN A 290 11.82 22.60 -15.11
C GLN A 290 11.23 21.61 -14.10
N LEU A 291 12.02 20.63 -13.72
CA LEU A 291 11.58 19.63 -12.75
C LEU A 291 12.24 19.91 -11.41
N LEU A 292 11.53 19.63 -10.33
CA LEU A 292 12.07 19.79 -8.98
C LEU A 292 11.49 18.58 -8.24
N ALA A 293 12.35 17.81 -7.58
CA ALA A 293 11.90 16.62 -6.88
C ALA A 293 12.52 16.53 -5.50
N ASP A 294 11.74 16.04 -4.53
CA ASP A 294 12.29 15.89 -3.19
C ASP A 294 12.72 14.44 -3.02
N GLN A 295 13.04 14.02 -1.80
CA GLN A 295 13.50 12.65 -1.57
C GLN A 295 12.42 11.63 -1.27
N TYR A 296 11.16 12.06 -1.37
CA TYR A 296 10.04 11.20 -1.04
C TYR A 296 9.14 10.85 -2.23
N GLY A 297 9.70 10.93 -3.43
CA GLY A 297 8.96 10.59 -4.63
C GLY A 297 8.13 11.70 -5.25
N THR A 298 8.15 12.87 -4.63
CA THR A 298 7.35 13.98 -5.14
C THR A 298 8.11 14.80 -6.17
N ASN A 299 7.62 14.75 -7.41
CA ASN A 299 8.20 15.48 -8.53
C ASN A 299 7.19 16.50 -9.01
N ILE A 300 7.62 17.74 -9.16
CA ILE A 300 6.73 18.77 -9.66
C ILE A 300 7.42 19.53 -10.77
N SER A 301 6.63 20.28 -11.53
CA SER A 301 7.18 21.10 -12.60
C SER A 301 7.08 22.55 -12.16
N LEU A 302 8.02 23.38 -12.59
CA LEU A 302 7.98 24.81 -12.27
C LEU A 302 7.88 25.48 -13.65
N PHE A 303 6.82 25.14 -14.35
CA PHE A 303 6.56 25.66 -15.69
C PHE A 303 7.73 25.23 -16.57
N GLY A 304 8.00 25.99 -17.63
CA GLY A 304 9.10 25.62 -18.51
C GLY A 304 9.75 26.79 -19.20
N ARG A 305 10.58 26.49 -20.18
CA ARG A 305 11.29 27.52 -20.92
C ARG A 305 11.30 27.18 -22.41
N ASP A 306 11.25 28.22 -23.23
CA ASP A 306 11.30 28.00 -24.67
C ASP A 306 12.69 28.44 -25.13
N CYS A 307 13.47 27.49 -25.63
CA CYS A 307 14.81 27.79 -26.12
C CYS A 307 14.95 27.31 -27.56
N SER A 308 14.03 27.75 -28.41
CA SER A 308 14.04 27.34 -29.81
C SER A 308 15.08 28.11 -30.62
N VAL A 309 15.34 29.36 -30.21
CA VAL A 309 16.31 30.20 -30.90
C VAL A 309 17.73 29.77 -30.52
N GLN A 310 18.35 28.99 -31.39
CA GLN A 310 19.70 28.49 -31.14
C GLN A 310 20.62 28.73 -32.34
N ARG A 311 21.92 28.71 -32.06
CA ARG A 311 22.93 28.90 -33.10
C ARG A 311 23.99 27.82 -32.88
N ARG A 312 24.04 26.86 -33.81
CA ARG A 312 25.00 25.75 -33.72
C ARG A 312 24.61 24.91 -32.51
N HIS A 313 23.31 24.79 -32.27
CA HIS A 313 22.77 24.02 -31.14
C HIS A 313 23.02 24.68 -29.79
N GLN A 314 23.45 25.94 -29.81
CA GLN A 314 23.71 26.68 -28.58
C GLN A 314 22.55 27.64 -28.31
N LYS A 315 21.95 27.53 -27.12
CA LYS A 315 20.83 28.38 -26.75
C LYS A 315 21.26 29.84 -26.66
N ILE A 316 20.62 30.70 -27.46
CA ILE A 316 20.96 32.11 -27.47
C ILE A 316 19.89 32.94 -26.77
N ILE A 317 18.63 32.68 -27.10
CA ILE A 317 17.53 33.39 -26.49
C ILE A 317 16.55 32.37 -25.91
N GLU A 318 16.21 32.54 -24.64
CA GLU A 318 15.30 31.63 -23.98
C GLU A 318 14.28 32.43 -23.19
N GLU A 319 13.07 31.90 -23.06
CA GLU A 319 12.05 32.59 -22.30
C GLU A 319 11.20 31.67 -21.45
N ALA A 320 10.66 32.24 -20.38
CA ALA A 320 9.82 31.52 -19.45
C ALA A 320 8.66 32.44 -19.08
N PRO A 321 7.44 31.91 -19.03
CA PRO A 321 7.11 30.51 -19.31
C PRO A 321 6.99 30.30 -20.82
N VAL A 322 6.64 29.09 -21.20
CA VAL A 322 6.46 28.75 -22.61
C VAL A 322 5.09 29.28 -23.01
N THR A 323 4.97 29.82 -24.23
CA THR A 323 3.70 30.34 -24.70
C THR A 323 3.27 29.77 -26.05
N ILE A 324 4.21 29.20 -26.81
CA ILE A 324 3.88 28.68 -28.12
C ILE A 324 2.91 27.51 -28.12
N ALA A 325 3.04 26.61 -27.15
CA ALA A 325 2.16 25.45 -27.07
C ALA A 325 0.85 25.76 -26.38
N LYS A 326 -0.19 25.01 -26.75
CA LYS A 326 -1.50 25.18 -26.13
C LYS A 326 -1.33 24.85 -24.65
N ALA A 327 -2.03 25.56 -23.78
CA ALA A 327 -1.91 25.33 -22.34
C ALA A 327 -2.01 23.87 -21.92
N GLU A 328 -3.04 23.17 -22.39
CA GLU A 328 -3.18 21.76 -22.00
C GLU A 328 -2.08 20.88 -22.57
N THR A 329 -1.55 21.24 -23.73
CA THR A 329 -0.48 20.45 -24.32
C THR A 329 0.79 20.61 -23.50
N PHE A 330 1.04 21.81 -22.99
CA PHE A 330 2.26 21.99 -22.21
C PHE A 330 2.07 21.30 -20.85
N HIS A 331 0.84 21.25 -20.37
CA HIS A 331 0.57 20.58 -19.11
C HIS A 331 0.86 19.09 -19.28
N GLU A 332 0.64 18.57 -20.49
CA GLU A 332 0.92 17.17 -20.75
C GLU A 332 2.43 16.94 -20.75
N MET A 333 3.18 17.95 -21.21
CA MET A 333 4.63 17.84 -21.21
C MET A 333 5.13 17.89 -19.76
N GLU A 334 4.47 18.71 -18.96
CA GLU A 334 4.81 18.80 -17.54
C GLU A 334 4.55 17.47 -16.86
N LYS A 335 3.38 16.89 -17.11
CA LYS A 335 3.02 15.63 -16.50
C LYS A 335 3.92 14.49 -16.93
N ALA A 336 4.34 14.49 -18.19
CA ALA A 336 5.22 13.43 -18.70
C ALA A 336 6.59 13.56 -18.05
N ALA A 337 7.02 14.80 -17.84
CA ALA A 337 8.31 15.06 -17.22
C ALA A 337 8.26 14.53 -15.80
N VAL A 338 7.13 14.74 -15.14
CA VAL A 338 6.95 14.27 -13.76
C VAL A 338 6.93 12.74 -13.72
N ARG A 339 6.28 12.10 -14.68
CA ARG A 339 6.25 10.64 -14.69
C ARG A 339 7.67 10.09 -14.82
N LEU A 340 8.46 10.71 -15.70
CA LEU A 340 9.84 10.27 -15.90
C LEU A 340 10.67 10.47 -14.64
N GLY A 341 10.53 11.65 -14.03
CA GLY A 341 11.27 11.93 -12.81
C GLY A 341 11.00 10.92 -11.73
N LYS A 342 9.73 10.61 -11.52
CA LYS A 342 9.35 9.64 -10.50
C LYS A 342 9.93 8.26 -10.81
N LEU A 343 9.92 7.88 -12.07
CA LEU A 343 10.44 6.57 -12.47
C LEU A 343 11.93 6.39 -12.22
N VAL A 344 12.75 7.38 -12.57
CA VAL A 344 14.19 7.25 -12.37
C VAL A 344 14.65 7.62 -10.96
N GLY A 345 13.69 7.94 -10.09
CA GLY A 345 14.04 8.29 -8.73
C GLY A 345 14.81 9.61 -8.66
N TYR A 346 14.41 10.56 -9.49
CA TYR A 346 15.06 11.85 -9.53
C TYR A 346 14.89 12.62 -8.21
N VAL A 347 15.87 13.47 -7.91
CA VAL A 347 15.86 14.30 -6.70
C VAL A 347 16.56 15.60 -7.10
N SER A 348 16.08 16.71 -6.54
CA SER A 348 16.64 18.04 -6.80
C SER A 348 16.14 18.65 -8.11
N ALA A 349 16.90 19.60 -8.67
CA ALA A 349 16.49 20.27 -9.90
C ALA A 349 16.96 19.55 -11.15
N GLY A 350 16.11 19.49 -12.16
CA GLY A 350 16.47 18.85 -13.41
C GLY A 350 15.63 19.42 -14.53
N THR A 351 16.05 19.17 -15.77
CA THR A 351 15.31 19.69 -16.91
C THR A 351 14.98 18.57 -17.89
N VAL A 352 13.73 18.54 -18.37
CA VAL A 352 13.34 17.55 -19.36
C VAL A 352 13.19 18.36 -20.63
N GLU A 353 13.96 18.02 -21.66
CA GLU A 353 13.93 18.71 -22.94
C GLU A 353 12.98 18.03 -23.91
N TYR A 354 12.24 18.82 -24.67
CA TYR A 354 11.27 18.28 -25.62
C TYR A 354 11.40 18.90 -27.00
N LEU A 355 11.03 18.12 -28.00
CA LEU A 355 10.98 18.61 -29.37
C LEU A 355 9.48 18.86 -29.54
N TYR A 356 9.09 20.07 -29.91
CA TYR A 356 7.67 20.38 -30.08
C TYR A 356 7.38 20.93 -31.47
N SER A 357 6.40 20.34 -32.14
CA SER A 357 6.01 20.79 -33.48
C SER A 357 4.73 21.59 -33.38
N HIS A 358 4.80 22.88 -33.71
CA HIS A 358 3.59 23.69 -33.63
C HIS A 358 2.61 23.39 -34.76
N ASP A 359 3.12 22.84 -35.87
CA ASP A 359 2.25 22.51 -37.00
C ASP A 359 1.19 21.48 -36.66
N ASP A 360 1.56 20.43 -35.94
CA ASP A 360 0.60 19.40 -35.58
C ASP A 360 0.40 19.29 -34.06
N GLY A 361 1.07 20.16 -33.32
CA GLY A 361 0.92 20.18 -31.86
C GLY A 361 1.46 19.00 -31.07
N LYS A 362 2.27 18.16 -31.67
CA LYS A 362 2.82 17.01 -30.95
C LYS A 362 4.18 17.32 -30.33
N PHE A 363 4.57 16.58 -29.30
CA PHE A 363 5.86 16.80 -28.66
C PHE A 363 6.58 15.47 -28.44
N TYR A 364 7.90 15.51 -28.33
CA TYR A 364 8.69 14.30 -28.15
C TYR A 364 9.86 14.51 -27.20
N PHE A 365 10.13 13.50 -26.40
CA PHE A 365 11.22 13.53 -25.44
C PHE A 365 12.58 13.62 -26.13
N LEU A 366 13.47 14.46 -25.61
CA LEU A 366 14.82 14.58 -26.17
C LEU A 366 15.80 14.05 -25.14
N GLU A 367 15.72 14.57 -23.92
CA GLU A 367 16.61 14.13 -22.86
C GLU A 367 16.29 14.81 -21.54
N LEU A 368 16.85 14.26 -20.47
CA LEU A 368 16.67 14.84 -19.16
C LEU A 368 18.07 15.25 -18.70
N ASN A 369 18.27 16.54 -18.50
CA ASN A 369 19.54 17.08 -18.03
C ASN A 369 19.44 17.01 -16.51
N PRO A 370 20.23 16.12 -15.89
CA PRO A 370 20.21 15.95 -14.43
C PRO A 370 20.99 16.99 -13.66
N ARG A 371 20.62 18.26 -13.84
CA ARG A 371 21.32 19.35 -13.16
C ARG A 371 20.53 20.64 -13.24
N LEU A 372 20.98 21.62 -12.46
CA LEU A 372 20.37 22.94 -12.49
C LEU A 372 21.11 23.58 -13.67
N GLN A 373 20.44 24.45 -14.42
CA GLN A 373 21.08 25.10 -15.57
C GLN A 373 21.37 26.58 -15.32
N VAL A 374 22.33 27.12 -16.05
CA VAL A 374 22.73 28.51 -15.92
C VAL A 374 21.59 29.50 -16.13
N GLU A 375 20.62 29.13 -16.95
CA GLU A 375 19.50 30.02 -17.21
C GLU A 375 18.36 29.88 -16.19
N HIS A 376 18.59 29.14 -15.12
CA HIS A 376 17.54 28.94 -14.11
C HIS A 376 16.88 30.19 -13.53
N PRO A 377 17.57 31.36 -13.55
CA PRO A 377 16.88 32.51 -12.97
C PRO A 377 15.61 32.92 -13.72
N THR A 378 15.48 32.51 -14.99
CA THR A 378 14.29 32.83 -15.76
C THR A 378 13.11 32.17 -15.06
N THR A 379 13.29 30.90 -14.71
CA THR A 379 12.26 30.13 -14.01
C THR A 379 12.05 30.64 -12.59
N GLU A 380 13.13 31.04 -11.93
CA GLU A 380 13.03 31.57 -10.57
C GLU A 380 12.17 32.83 -10.54
N MET A 381 12.37 33.70 -11.52
CA MET A 381 11.64 34.96 -11.57
C MET A 381 10.13 34.80 -11.76
N VAL A 382 9.71 33.91 -12.66
CA VAL A 382 8.28 33.73 -12.89
C VAL A 382 7.59 32.80 -11.89
N SER A 383 8.37 32.06 -11.11
CA SER A 383 7.78 31.14 -10.13
C SER A 383 7.99 31.65 -8.71
N GLY A 384 8.94 32.58 -8.54
CA GLY A 384 9.23 33.11 -7.24
C GLY A 384 10.03 32.13 -6.38
N VAL A 385 10.48 31.03 -6.98
CA VAL A 385 11.23 30.04 -6.23
C VAL A 385 12.76 30.26 -6.26
N ASN A 386 13.36 30.26 -5.09
CA ASN A 386 14.81 30.39 -4.94
C ASN A 386 15.26 28.94 -5.15
N LEU A 387 15.72 28.59 -6.34
CA LEU A 387 16.09 27.21 -6.61
C LEU A 387 17.26 26.65 -5.79
N PRO A 388 18.35 27.42 -5.62
CA PRO A 388 19.45 26.85 -4.82
C PRO A 388 19.00 26.61 -3.37
N ALA A 389 18.12 27.45 -2.86
CA ALA A 389 17.63 27.25 -1.48
C ALA A 389 16.72 26.02 -1.44
N ALA A 390 15.92 25.83 -2.49
CA ALA A 390 15.05 24.66 -2.50
C ALA A 390 15.90 23.39 -2.58
N GLN A 391 16.95 23.42 -3.40
CA GLN A 391 17.83 22.25 -3.52
C GLN A 391 18.42 21.89 -2.17
N LEU A 392 18.90 22.91 -1.48
CA LEU A 392 19.51 22.71 -0.17
C LEU A 392 18.54 22.09 0.83
N GLN A 393 17.32 22.60 0.87
CA GLN A 393 16.35 22.05 1.81
C GLN A 393 16.00 20.62 1.43
N ILE A 394 15.88 20.37 0.13
CA ILE A 394 15.57 19.02 -0.32
C ILE A 394 16.69 18.06 0.07
N ALA A 395 17.94 18.52 -0.04
CA ALA A 395 19.10 17.70 0.31
C ALA A 395 19.17 17.40 1.81
N MET A 396 18.51 18.23 2.61
CA MET A 396 18.46 17.99 4.05
C MET A 396 17.31 17.04 4.39
N GLY A 397 16.55 16.65 3.38
CA GLY A 397 15.44 15.75 3.59
C GLY A 397 14.10 16.42 3.84
N ILE A 398 14.03 17.72 3.64
CA ILE A 398 12.76 18.43 3.83
C ILE A 398 11.86 18.14 2.64
N PRO A 399 10.60 17.70 2.91
CA PRO A 399 9.64 17.40 1.84
C PRO A 399 9.16 18.65 1.11
N MET A 400 8.74 18.45 -0.13
CA MET A 400 8.29 19.53 -0.99
C MET A 400 7.28 20.49 -0.36
N HIS A 401 6.32 19.95 0.39
CA HIS A 401 5.29 20.80 1.00
C HIS A 401 5.79 21.67 2.16
N ARG A 402 7.02 21.46 2.62
CA ARG A 402 7.53 22.29 3.70
C ARG A 402 8.57 23.30 3.20
N ILE A 403 8.62 23.47 1.88
CA ILE A 403 9.53 24.45 1.28
C ILE A 403 8.69 25.71 1.09
N SER A 404 8.99 26.75 1.85
CA SER A 404 8.21 27.99 1.81
C SER A 404 7.88 28.56 0.41
N ASP A 405 8.87 28.67 -0.47
CA ASP A 405 8.61 29.22 -1.79
C ASP A 405 7.62 28.38 -2.58
N ILE A 406 7.64 27.07 -2.34
CA ILE A 406 6.73 26.17 -3.03
C ILE A 406 5.31 26.39 -2.48
N ARG A 407 5.19 26.49 -1.16
CA ARG A 407 3.86 26.72 -0.58
C ARG A 407 3.29 28.02 -1.15
N THR A 408 4.12 29.06 -1.24
CA THR A 408 3.67 30.34 -1.79
C THR A 408 3.21 30.20 -3.25
N LEU A 409 3.95 29.42 -4.03
CA LEU A 409 3.62 29.18 -5.43
C LEU A 409 2.25 28.54 -5.58
N TYR A 410 1.89 27.70 -4.61
CA TYR A 410 0.61 27.00 -4.62
C TYR A 410 -0.47 27.75 -3.82
N GLY A 411 -0.20 29.01 -3.50
CA GLY A 411 -1.16 29.83 -2.76
C GLY A 411 -1.49 29.37 -1.36
N MET A 412 -0.55 28.70 -0.70
CA MET A 412 -0.77 28.21 0.66
C MET A 412 -0.15 29.17 1.67
N ASN A 413 -0.52 29.00 2.93
CA ASN A 413 0.07 29.81 4.00
C ASN A 413 1.47 29.20 4.09
N PRO A 414 2.51 29.98 3.81
CA PRO A 414 3.88 29.45 3.87
C PRO A 414 4.36 28.92 5.22
N HIS A 415 3.68 29.27 6.30
CA HIS A 415 4.08 28.81 7.63
C HIS A 415 3.41 27.51 8.04
N SER A 416 2.31 27.18 7.35
CA SER A 416 1.55 25.97 7.64
C SER A 416 2.28 24.70 7.22
N ALA A 417 2.00 23.61 7.93
CA ALA A 417 2.61 22.32 7.62
C ALA A 417 1.62 21.41 6.90
N SER A 418 0.49 21.96 6.45
CA SER A 418 -0.51 21.13 5.77
C SER A 418 0.04 20.49 4.51
N GLU A 419 -0.36 19.26 4.25
CA GLU A 419 0.10 18.55 3.07
C GLU A 419 -0.48 19.20 1.83
N ILE A 420 0.26 19.13 0.74
CA ILE A 420 -0.18 19.69 -0.53
C ILE A 420 -0.33 18.54 -1.52
N ASP A 421 -1.42 18.55 -2.27
CA ASP A 421 -1.66 17.54 -3.30
C ASP A 421 -1.20 18.21 -4.59
N PHE A 422 0.06 17.98 -4.95
CA PHE A 422 0.64 18.61 -6.13
C PHE A 422 -0.01 18.23 -7.46
N GLU A 423 -0.80 17.17 -7.44
CA GLU A 423 -1.48 16.73 -8.65
C GLU A 423 -2.93 17.23 -8.72
N PHE A 424 -3.37 17.94 -7.69
CA PHE A 424 -4.73 18.46 -7.63
C PHE A 424 -5.72 17.36 -8.01
N LYS A 425 -5.60 16.21 -7.36
CA LYS A 425 -6.46 15.06 -7.66
C LYS A 425 -7.89 15.15 -7.11
N THR A 426 -8.05 15.77 -5.94
CA THR A 426 -9.35 15.85 -5.29
C THR A 426 -9.99 17.23 -5.21
N GLN A 427 -11.25 17.28 -4.77
CA GLN A 427 -11.97 18.53 -4.63
C GLN A 427 -11.37 19.28 -3.43
N ASP A 428 -10.94 18.52 -2.44
CA ASP A 428 -10.35 19.12 -1.25
C ASP A 428 -9.10 19.90 -1.64
N ALA A 429 -8.26 19.31 -2.49
CA ALA A 429 -7.04 19.97 -2.94
C ALA A 429 -7.34 21.25 -3.72
N THR A 430 -8.30 21.17 -4.63
CA THR A 430 -8.65 22.33 -5.43
C THR A 430 -9.29 23.42 -4.58
N LYS A 431 -9.74 23.05 -3.38
CA LYS A 431 -10.37 23.99 -2.45
C LYS A 431 -9.39 24.74 -1.56
N LYS A 432 -8.35 24.05 -1.11
CA LYS A 432 -7.36 24.65 -0.23
C LYS A 432 -6.12 25.15 -0.95
N GLN A 433 -5.99 24.80 -2.23
CA GLN A 433 -4.82 25.19 -3.02
C GLN A 433 -5.16 26.06 -4.23
N ARG A 434 -4.14 26.73 -4.76
CA ARG A 434 -4.29 27.57 -5.94
C ARG A 434 -3.38 26.98 -7.01
N ARG A 435 -3.91 26.75 -8.20
CA ARG A 435 -3.09 26.21 -9.27
C ARG A 435 -2.01 27.25 -9.57
N PRO A 436 -0.75 26.82 -9.66
CA PRO A 436 0.33 27.78 -9.93
C PRO A 436 0.17 28.52 -11.24
N ILE A 437 0.41 29.83 -11.20
CA ILE A 437 0.34 30.65 -12.38
C ILE A 437 1.64 31.43 -12.49
N PRO A 438 2.27 31.40 -13.67
CA PRO A 438 3.52 32.14 -13.84
C PRO A 438 3.30 33.61 -13.55
N LYS A 439 4.28 34.24 -12.91
CA LYS A 439 4.20 35.65 -12.59
C LYS A 439 4.98 36.39 -13.67
N GLY A 440 4.27 36.99 -14.61
CA GLY A 440 4.97 37.72 -15.65
C GLY A 440 5.70 36.85 -16.65
N HIS A 441 6.74 37.41 -17.24
CA HIS A 441 7.49 36.71 -18.28
C HIS A 441 8.95 37.13 -18.21
N CYS A 442 9.85 36.21 -18.56
CA CYS A 442 11.27 36.54 -18.53
C CYS A 442 11.95 36.11 -19.83
N THR A 443 12.77 37.01 -20.36
CA THR A 443 13.52 36.71 -21.57
C THR A 443 15.00 36.73 -21.15
N ALA A 444 15.76 35.74 -21.61
CA ALA A 444 17.18 35.66 -21.29
C ALA A 444 17.97 35.60 -22.59
N CYS A 445 19.03 36.38 -22.67
CA CYS A 445 19.88 36.43 -23.86
C CYS A 445 21.32 36.11 -23.49
N ARG A 446 21.96 35.26 -24.29
CA ARG A 446 23.35 34.93 -24.03
C ARG A 446 24.14 36.04 -24.72
N ILE A 447 25.12 36.58 -24.03
CA ILE A 447 25.95 37.65 -24.58
C ILE A 447 27.42 37.25 -24.51
N THR A 448 28.21 37.74 -25.46
CA THR A 448 29.63 37.41 -25.49
C THR A 448 30.46 38.68 -25.59
N SER A 449 31.66 38.63 -25.05
CA SER A 449 32.57 39.77 -25.08
C SER A 449 33.99 39.29 -25.31
N GLU A 450 34.85 40.21 -25.73
CA GLU A 450 36.26 39.88 -25.97
C GLU A 450 37.13 40.75 -25.08
N ASP A 451 37.83 40.12 -24.15
CA ASP A 451 38.72 40.83 -23.25
C ASP A 451 40.06 40.09 -23.24
N PRO A 452 40.84 40.25 -24.32
CA PRO A 452 42.15 39.61 -24.49
C PRO A 452 43.09 39.76 -23.30
N ASN A 453 43.74 38.66 -22.93
CA ASN A 453 44.71 38.67 -21.85
C ASN A 453 45.93 39.35 -22.44
N ASP A 454 46.26 40.54 -21.94
CA ASP A 454 47.38 41.31 -22.45
C ASP A 454 48.43 41.66 -21.40
N GLY A 455 48.50 40.87 -20.33
CA GLY A 455 49.48 41.17 -19.30
C GLY A 455 48.94 42.19 -18.31
N PHE A 456 48.38 43.28 -18.83
CA PHE A 456 47.81 44.32 -17.97
C PHE A 456 46.79 43.70 -17.03
N LYS A 457 46.79 44.17 -15.78
CA LYS A 457 45.86 43.65 -14.79
C LYS A 457 44.42 43.86 -15.24
N PRO A 458 43.68 42.76 -15.43
CA PRO A 458 42.27 42.83 -15.87
C PRO A 458 41.41 43.36 -14.73
N SER A 459 40.18 43.78 -15.04
CA SER A 459 39.28 44.26 -14.00
C SER A 459 39.14 43.12 -12.99
N GLY A 460 39.41 43.41 -11.73
CA GLY A 460 39.32 42.39 -10.69
C GLY A 460 38.06 41.54 -10.75
N GLY A 461 38.15 40.31 -10.28
CA GLY A 461 37.00 39.42 -10.26
C GLY A 461 36.79 38.66 -11.56
N THR A 462 35.98 37.60 -11.49
CA THR A 462 35.68 36.80 -12.67
C THR A 462 34.22 36.96 -13.07
N LEU A 463 33.48 37.77 -12.32
CA LEU A 463 32.06 38.00 -12.61
C LEU A 463 31.80 39.50 -12.71
N HIS A 464 31.71 39.99 -13.95
CA HIS A 464 31.45 41.40 -14.20
C HIS A 464 29.95 41.62 -14.36
N GLU A 465 29.34 42.25 -13.36
CA GLU A 465 27.90 42.49 -13.37
C GLU A 465 27.49 43.82 -14.00
N LEU A 466 26.33 43.81 -14.64
CA LEU A 466 25.80 45.00 -15.31
C LEU A 466 24.62 45.60 -14.55
N ASN A 467 24.80 46.81 -14.02
CA ASN A 467 23.72 47.49 -13.31
C ASN A 467 23.18 48.59 -14.21
N PHE A 468 22.21 48.23 -15.04
CA PHE A 468 21.59 49.15 -15.99
C PHE A 468 20.94 50.37 -15.36
N ARG A 469 21.29 51.54 -15.89
CA ARG A 469 20.75 52.80 -15.38
C ARG A 469 19.40 53.14 -16.00
N SER A 470 19.13 52.62 -17.20
CA SER A 470 17.88 52.93 -17.90
C SER A 470 16.76 51.90 -17.78
N SER A 471 17.07 50.72 -17.26
CA SER A 471 16.06 49.67 -17.14
C SER A 471 15.90 49.22 -15.69
N SER A 472 14.66 49.03 -15.26
CA SER A 472 14.38 48.61 -13.88
C SER A 472 14.20 47.10 -13.73
N ASN A 473 13.91 46.41 -14.83
CA ASN A 473 13.64 44.98 -14.79
C ASN A 473 14.67 44.12 -15.52
N VAL A 474 15.94 44.53 -15.49
CA VAL A 474 16.96 43.77 -16.18
C VAL A 474 18.25 43.65 -15.37
N TRP A 475 18.88 42.48 -15.45
CA TRP A 475 20.14 42.23 -14.77
C TRP A 475 20.98 41.32 -15.67
N GLY A 476 22.29 41.52 -15.68
CA GLY A 476 23.14 40.70 -16.53
C GLY A 476 24.56 40.63 -16.03
N TYR A 477 25.37 39.80 -16.69
CA TYR A 477 26.76 39.63 -16.28
C TYR A 477 27.60 39.04 -17.39
N PHE A 478 28.92 39.17 -17.22
CA PHE A 478 29.92 38.63 -18.12
C PHE A 478 30.88 37.94 -17.16
N SER A 479 31.32 36.73 -17.48
CA SER A 479 32.23 36.05 -16.57
C SER A 479 33.49 35.53 -17.24
N VAL A 480 34.61 35.65 -16.53
CA VAL A 480 35.90 35.17 -17.02
C VAL A 480 35.82 33.65 -16.97
N GLY A 481 36.06 33.01 -18.11
CA GLY A 481 35.99 31.56 -18.14
C GLY A 481 37.28 30.85 -17.77
N ASN A 482 37.46 30.61 -16.47
CA ASN A 482 38.67 29.92 -16.01
C ASN A 482 38.41 28.44 -15.80
N ASN A 483 39.44 27.64 -16.05
CA ASN A 483 39.40 26.21 -15.84
C ASN A 483 38.24 25.44 -16.47
N GLY A 484 38.04 25.64 -17.76
CA GLY A 484 36.99 24.90 -18.44
C GLY A 484 37.56 23.55 -18.84
N ASN A 485 36.81 22.77 -19.60
CA ASN A 485 37.30 21.47 -20.03
C ASN A 485 38.15 21.60 -21.29
N ILE A 486 37.91 22.66 -22.05
CA ILE A 486 38.64 22.90 -23.28
C ILE A 486 39.68 24.01 -23.13
N HIS A 487 39.35 25.03 -22.35
CA HIS A 487 40.24 26.17 -22.14
C HIS A 487 40.48 26.42 -20.66
N SER A 488 41.73 26.46 -20.22
CA SER A 488 42.03 26.72 -18.81
C SER A 488 41.82 28.21 -18.51
N PHE A 489 41.84 29.01 -19.57
CA PHE A 489 41.60 30.44 -19.49
C PHE A 489 41.31 30.90 -20.92
N SER A 490 40.65 32.04 -21.08
CA SER A 490 40.30 32.50 -22.41
C SER A 490 40.17 34.01 -22.56
N ASP A 491 40.33 34.50 -23.79
CA ASP A 491 40.20 35.92 -24.07
C ASP A 491 38.72 36.26 -24.19
N SER A 492 37.92 35.24 -24.48
CA SER A 492 36.48 35.44 -24.63
C SER A 492 35.73 35.33 -23.31
N GLN A 493 34.62 36.05 -23.21
CA GLN A 493 33.80 36.03 -22.01
C GLN A 493 32.34 35.88 -22.37
N PHE A 494 31.65 34.97 -21.69
CA PHE A 494 30.24 34.74 -21.95
C PHE A 494 29.42 35.11 -20.74
N GLY A 495 28.12 35.31 -20.94
CA GLY A 495 27.26 35.67 -19.84
C GLY A 495 25.82 35.69 -20.30
N HIS A 496 24.94 36.24 -19.47
CA HIS A 496 23.54 36.33 -19.82
C HIS A 496 22.93 37.61 -19.27
N ILE A 497 21.83 38.02 -19.90
CA ILE A 497 21.08 39.18 -19.46
C ILE A 497 19.67 38.64 -19.28
N PHE A 498 19.04 38.96 -18.16
CA PHE A 498 17.68 38.50 -17.86
C PHE A 498 16.78 39.72 -17.81
N ALA A 499 15.64 39.66 -18.51
CA ALA A 499 14.71 40.78 -18.52
C ALA A 499 13.30 40.33 -18.17
N PHE A 500 12.67 41.04 -17.23
CA PHE A 500 11.32 40.70 -16.81
C PHE A 500 10.30 41.67 -17.37
N GLY A 501 9.09 41.17 -17.59
CA GLY A 501 8.00 41.99 -18.10
C GLY A 501 6.68 41.36 -17.69
N GLU A 502 5.60 42.14 -17.69
CA GLU A 502 4.30 41.60 -17.29
C GLU A 502 3.83 40.53 -18.27
N ASN A 503 4.34 40.60 -19.49
CA ASN A 503 3.99 39.63 -20.53
C ASN A 503 5.16 39.50 -21.50
N ARG A 504 5.03 38.59 -22.47
CA ARG A 504 6.09 38.35 -23.46
C ARG A 504 6.55 39.61 -24.17
N GLN A 505 5.61 40.44 -24.62
CA GLN A 505 5.96 41.66 -25.32
C GLN A 505 6.73 42.62 -24.42
N ALA A 506 6.31 42.75 -23.17
CA ALA A 506 6.97 43.63 -22.23
C ALA A 506 8.40 43.19 -21.86
N SER A 507 8.61 41.90 -21.62
CA SER A 507 9.96 41.45 -21.25
C SER A 507 10.89 41.65 -22.45
N ARG A 508 10.36 41.40 -23.65
CA ARG A 508 11.12 41.56 -24.89
C ARG A 508 11.55 43.02 -25.01
N LYS A 509 10.60 43.92 -24.81
CA LYS A 509 10.87 45.35 -24.90
C LYS A 509 11.96 45.76 -23.93
N HIS A 510 11.83 45.32 -22.68
CA HIS A 510 12.81 45.66 -21.65
C HIS A 510 14.21 45.14 -21.99
N MET A 511 14.27 43.97 -22.61
CA MET A 511 15.55 43.40 -23.00
C MET A 511 16.22 44.32 -24.02
N VAL A 512 15.46 44.70 -25.05
CA VAL A 512 15.97 45.58 -26.10
C VAL A 512 16.50 46.88 -25.51
N VAL A 513 15.75 47.47 -24.58
CA VAL A 513 16.15 48.71 -23.95
C VAL A 513 17.49 48.56 -23.24
N ALA A 514 17.65 47.45 -22.52
CA ALA A 514 18.89 47.19 -21.80
C ALA A 514 20.06 46.99 -22.76
N LEU A 515 19.83 46.20 -23.82
CA LEU A 515 20.87 45.93 -24.81
C LEU A 515 21.35 47.22 -25.47
N LYS A 516 20.43 48.13 -25.75
CA LYS A 516 20.82 49.40 -26.37
C LYS A 516 21.72 50.17 -25.43
N GLU A 517 21.37 50.20 -24.14
CA GLU A 517 22.18 50.91 -23.16
C GLU A 517 23.56 50.29 -23.10
N LEU A 518 23.61 48.96 -23.16
CA LEU A 518 24.86 48.22 -23.11
C LEU A 518 25.73 48.47 -24.35
N SER A 519 25.08 48.66 -25.49
CA SER A 519 25.78 48.88 -26.76
C SER A 519 26.49 50.22 -26.81
N ILE A 520 26.39 51.01 -25.73
CA ILE A 520 27.05 52.30 -25.68
C ILE A 520 28.40 52.12 -24.99
N ARG A 521 28.89 50.89 -25.01
CA ARG A 521 30.18 50.55 -24.40
C ARG A 521 31.13 49.99 -25.46
N GLY A 522 32.42 50.06 -25.18
CA GLY A 522 33.41 49.56 -26.12
C GLY A 522 33.17 48.11 -26.51
N THR A 527 28.46 42.85 -30.93
CA THR A 527 28.27 42.05 -29.73
C THR A 527 26.78 41.79 -29.48
N VAL A 528 26.10 42.79 -28.94
CA VAL A 528 24.67 42.67 -28.67
C VAL A 528 23.86 43.33 -29.78
N GLU A 529 24.57 43.78 -30.81
CA GLU A 529 23.93 44.44 -31.94
C GLU A 529 23.01 43.48 -32.69
N TYR A 530 23.47 42.26 -32.90
CA TYR A 530 22.68 41.28 -33.63
C TYR A 530 21.51 40.78 -32.79
N LEU A 531 21.66 40.81 -31.47
CA LEU A 531 20.59 40.37 -30.58
C LEU A 531 19.41 41.32 -30.72
N ILE A 532 19.70 42.62 -30.73
CA ILE A 532 18.66 43.64 -30.86
C ILE A 532 17.89 43.43 -32.16
N LYS A 533 18.60 43.10 -33.23
CA LYS A 533 17.95 42.86 -34.50
C LYS A 533 17.06 41.63 -34.43
N LEU A 534 17.57 40.56 -33.84
CA LEU A 534 16.80 39.32 -33.71
C LEU A 534 15.52 39.57 -32.92
N LEU A 535 15.63 40.32 -31.83
CA LEU A 535 14.50 40.61 -30.98
C LEU A 535 13.44 41.51 -31.63
N GLU A 536 13.86 42.33 -32.58
CA GLU A 536 12.92 43.22 -33.25
C GLU A 536 12.42 42.71 -34.60
N THR A 537 12.62 41.42 -34.86
CA THR A 537 12.16 40.83 -36.11
C THR A 537 10.68 40.47 -35.98
N GLU A 538 9.98 40.46 -37.12
CA GLU A 538 8.57 40.11 -37.13
C GLU A 538 8.37 38.70 -36.62
N ASP A 539 9.18 37.76 -37.11
CA ASP A 539 9.06 36.36 -36.71
C ASP A 539 9.15 36.16 -35.20
N PHE A 540 10.15 36.75 -34.57
CA PHE A 540 10.31 36.60 -33.13
C PHE A 540 9.13 37.24 -32.40
N GLU A 541 8.77 38.45 -32.81
CA GLU A 541 7.66 39.15 -32.19
C GLU A 541 6.38 38.31 -32.30
N ASP A 542 6.15 37.74 -33.47
CA ASP A 542 4.95 36.92 -33.69
C ASP A 542 5.13 35.49 -33.19
N ASN A 543 6.33 35.19 -32.69
CA ASN A 543 6.62 33.87 -32.17
C ASN A 543 6.46 32.77 -33.22
N THR A 544 6.94 33.03 -34.43
CA THR A 544 6.86 32.05 -35.52
C THR A 544 8.22 31.43 -35.81
N ILE A 545 9.17 31.61 -34.89
CA ILE A 545 10.52 31.08 -35.05
C ILE A 545 10.58 29.56 -34.88
N THR A 546 11.75 28.99 -35.14
CA THR A 546 11.97 27.56 -34.99
C THR A 546 13.43 27.30 -34.62
N THR A 547 13.77 26.04 -34.43
CA THR A 547 15.13 25.66 -34.07
C THR A 547 16.11 25.93 -35.21
N GLY A 548 15.59 26.12 -36.42
CA GLY A 548 16.45 26.39 -37.56
C GLY A 548 16.43 27.85 -37.99
N TRP A 549 15.55 28.64 -37.39
CA TRP A 549 15.40 30.05 -37.72
C TRP A 549 16.70 30.84 -37.77
N LEU A 550 17.41 30.90 -36.64
CA LEU A 550 18.65 31.64 -36.56
C LEU A 550 19.73 31.12 -37.51
N ASP A 551 19.80 29.81 -37.72
CA ASP A 551 20.80 29.25 -38.62
C ASP A 551 20.45 29.61 -40.06
N ASP A 552 19.16 29.70 -40.38
CA ASP A 552 18.72 30.03 -41.73
C ASP A 552 19.03 31.49 -42.07
N LEU A 553 19.01 32.35 -41.05
CA LEU A 553 19.30 33.77 -41.25
C LEU A 553 20.76 33.96 -41.61
N ILE A 554 21.63 33.15 -41.01
CA ILE A 554 23.06 33.21 -41.27
C ILE A 554 23.36 32.64 -42.65
N LYS B 1 -34.04 -10.94 46.45
CA LYS B 1 -34.06 -10.40 47.84
C LYS B 1 -33.08 -9.23 47.95
N MET B 2 -31.82 -9.47 47.60
CA MET B 2 -30.81 -8.42 47.65
C MET B 2 -30.95 -7.57 46.38
N GLU B 3 -31.05 -6.26 46.56
CA GLU B 3 -31.19 -5.37 45.41
C GLU B 3 -29.94 -4.50 45.28
N TYR B 4 -29.66 -4.05 44.06
CA TYR B 4 -28.49 -3.23 43.79
C TYR B 4 -28.81 -1.98 42.99
N GLU B 5 -27.87 -1.05 43.02
CA GLU B 5 -27.99 0.18 42.24
C GLU B 5 -27.84 -0.32 40.81
N ILE B 6 -28.63 0.23 39.91
CA ILE B 6 -28.65 -0.24 38.53
C ILE B 6 -27.86 0.49 37.45
N THR B 7 -27.29 -0.30 36.55
CA THR B 7 -26.55 0.21 35.41
C THR B 7 -27.18 -0.45 34.18
N ASN B 8 -27.62 0.38 33.23
CA ASN B 8 -28.22 -0.14 32.01
C ASN B 8 -27.23 0.03 30.86
N TYR B 9 -26.63 -1.08 30.44
CA TYR B 9 -25.66 -1.08 29.36
C TYR B 9 -26.16 -1.85 28.14
N SER B 10 -27.47 -2.11 28.13
CA SER B 10 -28.11 -2.86 27.04
C SER B 10 -27.67 -2.43 25.64
N GLU B 11 -27.64 -1.12 25.41
CA GLU B 11 -27.24 -0.62 24.10
C GLU B 11 -25.78 -0.92 23.81
N ARG B 12 -24.91 -0.57 24.74
CA ARG B 12 -23.49 -0.82 24.57
C ARG B 12 -23.25 -2.30 24.26
N HIS B 13 -24.11 -3.14 24.82
CA HIS B 13 -24.01 -4.59 24.61
C HIS B 13 -24.22 -4.95 23.14
N THR B 14 -25.16 -4.29 22.48
CA THR B 14 -25.42 -4.58 21.07
C THR B 14 -24.26 -4.16 20.17
N GLU B 15 -23.36 -3.33 20.69
CA GLU B 15 -22.21 -2.89 19.92
C GLU B 15 -20.97 -3.74 20.18
N LEU B 16 -21.05 -4.62 21.18
CA LEU B 16 -19.92 -5.47 21.53
C LEU B 16 -19.62 -6.57 20.53
N PRO B 17 -18.34 -6.92 20.37
CA PRO B 17 -17.97 -7.99 19.44
C PRO B 17 -18.70 -9.23 19.93
N GLY B 18 -19.24 -10.03 19.01
CA GLY B 18 -19.98 -11.22 19.39
C GLY B 18 -19.28 -12.22 20.29
N HIS B 19 -17.96 -12.36 20.16
CA HIS B 19 -17.26 -13.34 20.98
C HIS B 19 -17.24 -13.02 22.47
N PHE B 20 -17.65 -11.81 22.85
CA PHE B 20 -17.70 -11.44 24.26
C PHE B 20 -18.95 -12.00 24.93
N ILE B 21 -20.04 -12.07 24.18
CA ILE B 21 -21.34 -12.53 24.68
C ILE B 21 -21.48 -14.05 24.67
N GLY B 22 -21.78 -14.62 25.83
CA GLY B 22 -21.92 -16.06 25.94
C GLY B 22 -23.32 -16.54 25.64
N LEU B 23 -23.54 -17.84 25.83
CA LEU B 23 -24.84 -18.45 25.58
C LEU B 23 -25.86 -18.06 26.64
N ASN B 24 -25.46 -18.12 27.91
CA ASN B 24 -26.36 -17.80 29.01
C ASN B 24 -26.41 -16.32 29.35
N THR B 25 -27.07 -15.57 28.47
CA THR B 25 -27.23 -14.13 28.62
C THR B 25 -28.23 -13.84 29.73
N VAL B 26 -28.11 -12.65 30.34
CA VAL B 26 -28.98 -12.28 31.45
C VAL B 26 -30.48 -12.33 31.17
N ASP B 27 -30.89 -11.91 29.97
CA ASP B 27 -32.31 -11.91 29.64
C ASP B 27 -32.87 -13.30 29.37
N LYS B 28 -32.00 -14.26 29.13
CA LYS B 28 -32.43 -15.63 28.86
C LYS B 28 -32.66 -16.43 30.14
N LEU B 29 -31.87 -16.16 31.16
CA LEU B 29 -31.97 -16.88 32.43
C LEU B 29 -33.04 -16.37 33.38
N GLU B 30 -33.45 -17.26 34.29
CA GLU B 30 -34.45 -16.94 35.29
C GLU B 30 -33.78 -16.23 36.45
N GLU B 31 -34.58 -15.65 37.34
CA GLU B 31 -34.07 -14.94 38.49
C GLU B 31 -33.17 -15.80 39.37
N SER B 32 -32.12 -15.18 39.89
CA SER B 32 -31.18 -15.86 40.78
C SER B 32 -30.27 -14.76 41.34
N PRO B 33 -29.67 -15.00 42.51
CA PRO B 33 -28.78 -13.99 43.09
C PRO B 33 -27.68 -13.58 42.11
N LEU B 34 -27.05 -14.57 41.49
CA LEU B 34 -25.97 -14.29 40.55
C LEU B 34 -26.48 -13.52 39.34
N ARG B 35 -27.61 -13.96 38.81
CA ARG B 35 -28.19 -13.30 37.65
C ARG B 35 -28.57 -11.85 37.97
N ASP B 36 -29.16 -11.63 39.14
CA ASP B 36 -29.56 -10.29 39.54
C ASP B 36 -28.35 -9.39 39.69
N PHE B 37 -27.25 -9.95 40.20
CA PHE B 37 -26.03 -9.18 40.38
C PHE B 37 -25.48 -8.75 39.02
N VAL B 38 -25.35 -9.70 38.10
CA VAL B 38 -24.82 -9.40 36.77
C VAL B 38 -25.71 -8.41 36.02
N LYS B 39 -27.02 -8.62 36.06
CA LYS B 39 -27.93 -7.72 35.34
C LYS B 39 -27.87 -6.31 35.90
N SER B 40 -27.98 -6.17 37.21
CA SER B 40 -27.96 -4.85 37.83
C SER B 40 -26.63 -4.12 37.63
N HIS B 41 -25.54 -4.88 37.54
CA HIS B 41 -24.22 -4.28 37.36
C HIS B 41 -23.83 -3.99 35.91
N GLY B 42 -24.79 -4.14 34.99
CA GLY B 42 -24.53 -3.85 33.59
C GLY B 42 -23.89 -4.93 32.73
N GLY B 43 -23.80 -6.15 33.25
CA GLY B 43 -23.21 -7.25 32.51
C GLY B 43 -24.17 -7.87 31.52
N HIS B 44 -23.65 -8.71 30.63
CA HIS B 44 -24.48 -9.34 29.61
C HIS B 44 -24.60 -10.86 29.71
N THR B 45 -23.62 -11.50 30.32
CA THR B 45 -23.62 -12.95 30.43
C THR B 45 -23.38 -13.44 31.85
N VAL B 46 -24.17 -14.43 32.28
CA VAL B 46 -24.01 -15.00 33.60
C VAL B 46 -23.02 -16.16 33.57
N ILE B 47 -21.88 -15.97 34.19
CA ILE B 47 -20.85 -17.01 34.25
C ILE B 47 -21.01 -17.70 35.61
N SER B 48 -21.65 -18.87 35.61
CA SER B 48 -21.87 -19.61 36.84
C SER B 48 -21.02 -20.88 36.93
N LYS B 49 -20.28 -21.16 35.86
CA LYS B 49 -19.43 -22.34 35.84
C LYS B 49 -18.17 -22.04 35.05
N ILE B 50 -17.02 -22.30 35.65
CA ILE B 50 -15.73 -22.03 35.01
C ILE B 50 -14.83 -23.25 34.94
N LEU B 51 -14.24 -23.48 33.78
CA LEU B 51 -13.30 -24.57 33.60
C LEU B 51 -11.92 -23.94 33.77
N ILE B 52 -11.09 -24.52 34.64
CA ILE B 52 -9.75 -24.01 34.85
C ILE B 52 -8.78 -24.79 33.97
N ALA B 53 -8.17 -24.11 33.00
CA ALA B 53 -7.20 -24.75 32.11
C ALA B 53 -5.82 -24.52 32.71
N ASN B 54 -5.59 -25.15 33.86
CA ASN B 54 -4.35 -24.99 34.57
C ASN B 54 -4.34 -25.93 35.77
N ASN B 55 -3.26 -25.90 36.54
CA ASN B 55 -3.12 -26.73 37.73
C ASN B 55 -2.26 -25.96 38.73
N GLY B 56 -1.69 -26.67 39.70
CA GLY B 56 -0.83 -26.05 40.68
C GLY B 56 -1.38 -24.81 41.40
N ILE B 57 -0.49 -23.90 41.73
CA ILE B 57 -0.86 -22.68 42.44
C ILE B 57 -1.83 -21.81 41.65
N ALA B 58 -1.73 -21.80 40.32
CA ALA B 58 -2.63 -21.00 39.50
C ALA B 58 -4.07 -21.42 39.72
N ALA B 59 -4.32 -22.73 39.66
CA ALA B 59 -5.67 -23.25 39.84
C ALA B 59 -6.18 -22.97 41.24
N VAL B 60 -5.34 -23.16 42.25
CA VAL B 60 -5.76 -22.92 43.62
C VAL B 60 -6.07 -21.44 43.86
N LYS B 61 -5.23 -20.56 43.33
CA LYS B 61 -5.43 -19.13 43.51
C LYS B 61 -6.72 -18.65 42.84
N GLU B 62 -7.01 -19.14 41.64
CA GLU B 62 -8.23 -18.75 40.95
C GLU B 62 -9.45 -19.16 41.77
N ILE B 63 -9.44 -20.40 42.26
CA ILE B 63 -10.56 -20.88 43.06
C ILE B 63 -10.73 -20.09 44.34
N ARG B 64 -9.66 -19.92 45.12
CA ARG B 64 -9.77 -19.19 46.37
C ARG B 64 -10.19 -17.73 46.20
N SER B 65 -9.64 -17.05 45.20
CA SER B 65 -9.98 -15.65 44.99
C SER B 65 -11.43 -15.47 44.55
N VAL B 66 -11.89 -16.29 43.60
CA VAL B 66 -13.27 -16.17 43.15
C VAL B 66 -14.25 -16.61 44.24
N ARG B 67 -13.94 -17.70 44.93
CA ARG B 67 -14.86 -18.16 45.99
C ARG B 67 -14.96 -17.16 47.12
N LYS B 68 -13.87 -16.47 47.44
CA LYS B 68 -13.91 -15.48 48.51
C LYS B 68 -14.88 -14.35 48.08
N TRP B 69 -14.76 -13.91 46.84
CA TRP B 69 -15.63 -12.86 46.31
C TRP B 69 -17.08 -13.34 46.35
N ALA B 70 -17.29 -14.58 45.92
CA ALA B 70 -18.62 -15.17 45.90
C ALA B 70 -19.21 -15.21 47.30
N TYR B 71 -18.39 -15.59 48.27
CA TYR B 71 -18.87 -15.64 49.65
C TYR B 71 -19.25 -14.26 50.15
N GLU B 72 -18.40 -13.28 49.90
CA GLU B 72 -18.64 -11.91 50.34
C GLU B 72 -19.86 -11.30 49.66
N THR B 73 -20.04 -11.66 48.40
CA THR B 73 -21.14 -11.12 47.61
C THR B 73 -22.48 -11.83 47.75
N PHE B 74 -22.44 -13.16 47.81
CA PHE B 74 -23.68 -13.94 47.85
C PHE B 74 -23.90 -14.80 49.10
N GLY B 75 -22.90 -14.88 49.97
CA GLY B 75 -23.05 -15.71 51.15
C GLY B 75 -22.95 -17.19 50.83
N ASP B 76 -22.60 -17.50 49.59
CA ASP B 76 -22.45 -18.89 49.13
C ASP B 76 -21.20 -18.89 48.28
N ASP B 77 -20.12 -19.47 48.79
CA ASP B 77 -18.86 -19.47 48.06
C ASP B 77 -18.79 -20.41 46.85
N ARG B 78 -19.91 -21.10 46.56
CA ARG B 78 -19.95 -21.99 45.41
C ARG B 78 -20.91 -21.44 44.35
N THR B 79 -21.26 -20.17 44.47
CA THR B 79 -22.16 -19.53 43.52
C THR B 79 -21.65 -19.68 42.09
N VAL B 80 -20.32 -19.58 41.93
CA VAL B 80 -19.71 -19.78 40.63
C VAL B 80 -18.94 -21.08 40.77
N GLN B 81 -19.38 -22.10 40.04
CA GLN B 81 -18.76 -23.44 40.10
C GLN B 81 -17.47 -23.52 39.32
N PHE B 82 -16.60 -24.44 39.74
CA PHE B 82 -15.32 -24.67 39.09
C PHE B 82 -15.13 -26.12 38.66
N VAL B 83 -14.71 -26.31 37.42
CA VAL B 83 -14.45 -27.63 36.85
C VAL B 83 -12.95 -27.67 36.65
N ALA B 84 -12.30 -28.71 37.16
CA ALA B 84 -10.86 -28.84 37.01
C ALA B 84 -10.51 -29.91 35.99
N MET B 85 -9.30 -29.79 35.42
CA MET B 85 -8.77 -30.77 34.48
C MET B 85 -7.75 -31.50 35.32
N ALA B 86 -7.74 -32.82 35.27
CA ALA B 86 -6.81 -33.57 36.08
C ALA B 86 -6.03 -34.64 35.32
N THR B 87 -4.72 -34.48 35.28
CA THR B 87 -3.84 -35.43 34.60
C THR B 87 -3.52 -36.56 35.58
N PRO B 88 -3.00 -37.68 35.07
CA PRO B 88 -2.65 -38.80 35.94
C PRO B 88 -1.63 -38.37 36.99
N GLU B 89 -0.71 -37.50 36.58
CA GLU B 89 0.32 -37.02 37.50
C GLU B 89 -0.26 -36.21 38.65
N ASP B 90 -1.23 -35.34 38.37
CA ASP B 90 -1.83 -34.55 39.42
C ASP B 90 -2.76 -35.40 40.29
N LEU B 91 -3.49 -36.33 39.67
CA LEU B 91 -4.39 -37.22 40.41
C LEU B 91 -3.58 -38.10 41.34
N GLU B 92 -2.45 -38.60 40.86
CA GLU B 92 -1.58 -39.45 41.65
C GLU B 92 -0.94 -38.70 42.81
N ALA B 93 -0.69 -37.41 42.61
CA ALA B 93 -0.08 -36.58 43.64
C ALA B 93 -1.12 -35.95 44.58
N ASN B 94 -2.39 -36.27 44.36
CA ASN B 94 -3.46 -35.72 45.18
C ASN B 94 -3.43 -34.20 45.15
N ALA B 95 -3.30 -33.64 43.94
CA ALA B 95 -3.26 -32.19 43.75
C ALA B 95 -4.42 -31.52 44.45
N GLU B 96 -4.12 -30.54 45.30
CA GLU B 96 -5.13 -29.82 46.04
C GLU B 96 -6.25 -29.22 45.20
N TYR B 97 -5.91 -28.58 44.10
CA TYR B 97 -6.94 -27.96 43.25
C TYR B 97 -8.00 -28.93 42.78
N ILE B 98 -7.63 -30.20 42.61
CA ILE B 98 -8.59 -31.21 42.17
C ILE B 98 -9.68 -31.45 43.21
N ARG B 99 -9.27 -31.55 44.48
CA ARG B 99 -10.23 -31.78 45.56
C ARG B 99 -11.06 -30.52 45.82
N MET B 100 -10.46 -29.36 45.57
CA MET B 100 -11.14 -28.08 45.77
C MET B 100 -12.26 -27.84 44.77
N ALA B 101 -12.01 -28.19 43.52
CA ALA B 101 -12.98 -28.00 42.44
C ALA B 101 -14.31 -28.71 42.72
N ASP B 102 -15.38 -28.14 42.18
CA ASP B 102 -16.71 -28.72 42.37
C ASP B 102 -16.81 -30.03 41.59
N GLN B 103 -16.12 -30.08 40.46
CA GLN B 103 -16.08 -31.30 39.66
C GLN B 103 -14.80 -31.30 38.86
N TYR B 104 -14.42 -32.46 38.34
CA TYR B 104 -13.19 -32.53 37.56
C TYR B 104 -13.32 -33.53 36.43
N ILE B 105 -12.45 -33.39 35.44
CA ILE B 105 -12.45 -34.28 34.29
C ILE B 105 -11.03 -34.76 34.07
N GLU B 106 -10.88 -36.08 33.88
CA GLU B 106 -9.57 -36.66 33.65
C GLU B 106 -9.07 -36.35 32.26
N VAL B 107 -7.78 -36.05 32.14
CA VAL B 107 -7.17 -35.74 30.84
C VAL B 107 -5.83 -36.49 30.73
N PRO B 108 -5.29 -36.60 29.51
CA PRO B 108 -4.02 -37.30 29.28
C PRO B 108 -2.84 -36.67 30.04
N GLY B 109 -1.88 -37.51 30.42
CA GLY B 109 -0.71 -37.03 31.14
C GLY B 109 0.40 -36.57 30.21
N GLY B 110 1.62 -36.47 30.74
CA GLY B 110 2.74 -36.05 29.93
C GLY B 110 2.88 -34.54 29.85
N THR B 111 3.70 -34.07 28.92
CA THR B 111 3.93 -32.64 28.73
C THR B 111 2.61 -31.91 28.44
N ASN B 112 2.55 -30.62 28.76
CA ASN B 112 1.30 -29.89 28.60
C ASN B 112 0.62 -29.81 27.25
N ASN B 113 1.33 -30.11 26.16
CA ASN B 113 0.69 -30.09 24.85
C ASN B 113 -0.38 -31.20 24.80
N ASN B 114 -0.33 -32.13 25.74
CA ASN B 114 -1.31 -33.22 25.80
C ASN B 114 -2.47 -32.91 26.75
N ASN B 115 -2.35 -31.83 27.52
CA ASN B 115 -3.39 -31.53 28.48
C ASN B 115 -3.71 -30.05 28.71
N TYR B 116 -3.14 -29.45 29.74
CA TYR B 116 -3.45 -28.06 30.07
C TYR B 116 -3.19 -27.03 28.97
N ALA B 117 -2.31 -27.34 28.03
CA ALA B 117 -2.01 -26.43 26.92
C ALA B 117 -2.62 -26.89 25.60
N ASN B 118 -3.45 -27.93 25.63
CA ASN B 118 -4.08 -28.44 24.41
C ASN B 118 -5.40 -27.73 24.15
N VAL B 119 -5.41 -26.74 23.25
CA VAL B 119 -6.62 -25.97 22.97
C VAL B 119 -7.84 -26.78 22.57
N ASP B 120 -7.71 -27.69 21.60
CA ASP B 120 -8.87 -28.47 21.19
C ASP B 120 -9.46 -29.28 22.34
N LEU B 121 -8.58 -29.79 23.20
CA LEU B 121 -9.04 -30.58 24.34
C LEU B 121 -9.78 -29.67 25.31
N ILE B 122 -9.22 -28.50 25.59
CA ILE B 122 -9.86 -27.56 26.51
C ILE B 122 -11.26 -27.18 26.01
N VAL B 123 -11.37 -26.89 24.72
CA VAL B 123 -12.67 -26.53 24.14
C VAL B 123 -13.64 -27.71 24.25
N ASP B 124 -13.15 -28.91 23.98
CA ASP B 124 -13.98 -30.11 24.07
C ASP B 124 -14.50 -30.31 25.49
N ILE B 125 -13.62 -30.15 26.48
CA ILE B 125 -13.99 -30.30 27.87
C ILE B 125 -14.98 -29.22 28.31
N ALA B 126 -14.80 -28.01 27.79
CA ALA B 126 -15.69 -26.91 28.13
C ALA B 126 -17.10 -27.24 27.66
N GLU B 127 -17.20 -27.79 26.46
CA GLU B 127 -18.51 -28.15 25.92
C GLU B 127 -19.13 -29.29 26.72
N ARG B 128 -18.33 -30.32 27.00
CA ARG B 128 -18.80 -31.48 27.76
C ARG B 128 -19.25 -31.12 29.17
N ALA B 129 -18.63 -30.09 29.75
CA ALA B 129 -18.96 -29.67 31.11
C ALA B 129 -19.92 -28.48 31.18
N ASP B 130 -20.44 -28.05 30.05
CA ASP B 130 -21.40 -26.94 29.99
C ASP B 130 -20.92 -25.70 30.74
N VAL B 131 -19.63 -25.38 30.60
CA VAL B 131 -19.09 -24.21 31.29
C VAL B 131 -19.37 -22.94 30.50
N ASP B 132 -19.51 -21.83 31.23
CA ASP B 132 -19.75 -20.54 30.60
C ASP B 132 -18.44 -19.87 30.22
N ALA B 133 -17.37 -20.26 30.90
CA ALA B 133 -16.08 -19.65 30.63
C ALA B 133 -14.90 -20.50 31.02
N VAL B 134 -13.72 -20.10 30.53
CA VAL B 134 -12.47 -20.78 30.83
C VAL B 134 -11.47 -19.77 31.36
N TRP B 135 -10.71 -20.16 32.38
CA TRP B 135 -9.68 -19.31 32.95
C TRP B 135 -8.40 -20.11 32.77
N ALA B 136 -7.40 -19.51 32.11
CA ALA B 136 -6.13 -20.17 31.87
C ALA B 136 -5.01 -19.59 32.72
N GLY B 137 -5.25 -18.44 33.33
CA GLY B 137 -4.24 -17.81 34.17
C GLY B 137 -2.93 -17.51 33.47
N TRP B 138 -1.85 -18.14 33.91
CA TRP B 138 -0.54 -17.95 33.31
C TRP B 138 0.07 -19.30 32.96
N GLY B 139 0.98 -19.30 31.99
CA GLY B 139 1.59 -20.54 31.56
C GLY B 139 0.65 -21.29 30.64
N HIS B 140 1.01 -22.53 30.30
CA HIS B 140 0.18 -23.36 29.43
C HIS B 140 -0.33 -22.64 28.18
N ALA B 141 -1.65 -22.58 27.98
CA ALA B 141 -2.18 -21.93 26.78
C ALA B 141 -2.73 -20.52 27.00
N SER B 142 -2.36 -19.90 28.11
CA SER B 142 -2.86 -18.57 28.46
C SER B 142 -2.60 -17.46 27.44
N GLU B 143 -1.56 -17.62 26.61
CA GLU B 143 -1.24 -16.61 25.61
C GLU B 143 -1.46 -17.10 24.18
N ASN B 144 -2.24 -18.17 24.02
CA ASN B 144 -2.52 -18.74 22.71
C ASN B 144 -3.84 -18.17 22.21
N PRO B 145 -3.81 -17.29 21.18
CA PRO B 145 -5.04 -16.70 20.66
C PRO B 145 -6.10 -17.70 20.20
N LEU B 146 -5.66 -18.90 19.83
CA LEU B 146 -6.59 -19.93 19.37
C LEU B 146 -7.54 -20.37 20.48
N LEU B 147 -7.12 -20.21 21.75
CA LEU B 147 -7.99 -20.61 22.85
C LEU B 147 -9.23 -19.72 22.93
N PRO B 148 -9.08 -18.39 23.09
CA PRO B 148 -10.33 -17.62 23.15
C PRO B 148 -11.12 -17.72 21.83
N GLU B 149 -10.41 -17.83 20.71
CA GLU B 149 -11.08 -17.92 19.42
C GLU B 149 -11.93 -19.19 19.25
N LYS B 150 -11.34 -20.35 19.48
CA LYS B 150 -12.09 -21.61 19.35
C LYS B 150 -13.19 -21.75 20.39
N LEU B 151 -12.98 -21.18 21.57
CA LEU B 151 -14.01 -21.25 22.61
C LEU B 151 -15.24 -20.46 22.17
N SER B 152 -15.01 -19.31 21.53
CA SER B 152 -16.13 -18.48 21.08
C SER B 152 -16.79 -19.07 19.83
N GLN B 153 -16.03 -19.82 19.04
CA GLN B 153 -16.53 -20.43 17.81
C GLN B 153 -17.43 -21.63 18.12
N SER B 154 -17.27 -22.18 19.32
CA SER B 154 -18.08 -23.30 19.77
C SER B 154 -19.55 -22.91 19.81
N LYS B 155 -20.44 -23.89 19.62
CA LYS B 155 -21.87 -23.66 19.66
C LYS B 155 -22.24 -23.25 21.08
N ARG B 156 -21.39 -23.61 22.04
CA ARG B 156 -21.61 -23.31 23.44
C ARG B 156 -21.24 -21.86 23.77
N LYS B 157 -20.60 -21.18 22.83
CA LYS B 157 -20.19 -19.79 23.01
C LYS B 157 -19.57 -19.58 24.38
N VAL B 158 -18.43 -20.23 24.60
CA VAL B 158 -17.70 -20.18 25.86
C VAL B 158 -16.84 -18.92 25.89
N ILE B 159 -16.86 -18.25 27.03
CA ILE B 159 -16.11 -17.01 27.23
C ILE B 159 -14.70 -17.29 27.76
N PHE B 160 -13.74 -16.47 27.33
CA PHE B 160 -12.36 -16.60 27.80
C PHE B 160 -12.14 -15.49 28.83
N ILE B 161 -11.73 -15.87 30.04
CA ILE B 161 -11.48 -14.88 31.08
C ILE B 161 -10.07 -14.37 30.86
N GLY B 162 -9.96 -13.43 29.93
CA GLY B 162 -8.67 -12.86 29.58
C GLY B 162 -8.88 -12.03 28.33
N PRO B 163 -7.79 -11.55 27.70
CA PRO B 163 -7.92 -10.75 26.49
C PRO B 163 -8.36 -11.57 25.28
N PRO B 164 -9.05 -10.93 24.33
CA PRO B 164 -9.52 -11.63 23.13
C PRO B 164 -8.36 -12.00 22.20
N GLY B 165 -8.59 -12.94 21.30
CA GLY B 165 -7.54 -13.36 20.37
C GLY B 165 -6.99 -12.20 19.54
N ASN B 166 -7.87 -11.29 19.13
CA ASN B 166 -7.44 -10.14 18.34
C ASN B 166 -6.41 -9.31 19.09
N ALA B 167 -6.62 -9.12 20.38
CA ALA B 167 -5.70 -8.34 21.19
C ALA B 167 -4.34 -9.02 21.23
N MET B 168 -4.34 -10.32 21.49
CA MET B 168 -3.09 -11.08 21.53
C MET B 168 -2.38 -11.01 20.18
N ARG B 169 -3.15 -11.17 19.10
CA ARG B 169 -2.58 -11.16 17.75
C ARG B 169 -2.11 -9.77 17.32
N SER B 170 -2.68 -8.72 17.93
CA SER B 170 -2.32 -7.36 17.58
C SER B 170 -0.86 -7.08 17.89
N LEU B 171 -0.28 -7.89 18.78
CA LEU B 171 1.12 -7.75 19.13
C LEU B 171 1.82 -9.04 18.71
N GLY B 172 2.25 -9.08 17.45
CA GLY B 172 2.90 -10.25 16.91
C GLY B 172 4.38 -10.35 17.25
N ASP B 173 5.23 -10.49 16.24
CA ASP B 173 6.65 -10.60 16.53
C ASP B 173 7.16 -9.26 17.06
N LYS B 174 8.44 -9.20 17.41
CA LYS B 174 9.01 -7.97 17.95
C LYS B 174 8.87 -6.77 17.02
N ILE B 175 9.00 -6.99 15.73
CA ILE B 175 8.90 -5.91 14.75
C ILE B 175 7.49 -5.31 14.73
N SER B 176 6.48 -6.14 14.49
CA SER B 176 5.10 -5.67 14.45
C SER B 176 4.69 -5.04 15.78
N SER B 177 5.06 -5.70 16.88
CA SER B 177 4.71 -5.21 18.20
C SER B 177 5.25 -3.83 18.51
N THR B 178 6.51 -3.61 18.13
CA THR B 178 7.15 -2.32 18.40
C THR B 178 6.50 -1.23 17.54
N ILE B 179 6.16 -1.57 16.30
CA ILE B 179 5.53 -0.60 15.40
C ILE B 179 4.17 -0.21 16.00
N VAL B 180 3.43 -1.20 16.51
CA VAL B 180 2.14 -0.91 17.12
C VAL B 180 2.32 -0.02 18.35
N ALA B 181 3.32 -0.32 19.17
CA ALA B 181 3.60 0.46 20.35
C ALA B 181 3.93 1.91 19.97
N GLN B 182 4.72 2.08 18.92
CA GLN B 182 5.08 3.42 18.48
C GLN B 182 3.86 4.19 17.97
N SER B 183 2.92 3.49 17.34
CA SER B 183 1.72 4.16 16.84
C SER B 183 0.91 4.67 18.02
N ALA B 184 1.06 4.02 19.17
CA ALA B 184 0.35 4.41 20.39
C ALA B 184 1.22 5.40 21.18
N LYS B 185 2.26 5.90 20.53
CA LYS B 185 3.19 6.85 21.12
C LYS B 185 3.89 6.35 22.39
N VAL B 186 4.27 5.08 22.38
CA VAL B 186 4.99 4.50 23.50
C VAL B 186 6.46 4.55 23.13
N PRO B 187 7.31 5.15 23.98
CA PRO B 187 8.74 5.24 23.69
C PRO B 187 9.34 3.85 23.55
N CYS B 188 10.15 3.63 22.52
CA CYS B 188 10.75 2.33 22.30
C CYS B 188 12.25 2.42 22.14
N ILE B 189 12.94 1.31 22.41
CA ILE B 189 14.39 1.25 22.29
C ILE B 189 14.80 1.54 20.86
N PRO B 190 15.80 2.42 20.65
CA PRO B 190 16.23 2.74 19.29
C PRO B 190 16.47 1.46 18.48
N TRP B 191 15.90 1.40 17.28
CA TRP B 191 16.06 0.22 16.45
C TRP B 191 15.89 0.56 14.97
N SER B 192 16.07 -0.44 14.11
CA SER B 192 15.95 -0.20 12.68
C SER B 192 14.58 0.29 12.26
N GLY B 193 13.59 0.14 13.13
CA GLY B 193 12.24 0.59 12.83
C GLY B 193 11.76 1.82 13.60
N THR B 194 12.67 2.52 14.26
CA THR B 194 12.32 3.72 15.00
C THR B 194 11.61 4.67 14.04
N GLY B 195 10.49 5.26 14.45
CA GLY B 195 9.77 6.17 13.59
C GLY B 195 8.62 5.53 12.82
N VAL B 196 8.69 4.22 12.61
CA VAL B 196 7.64 3.51 11.87
C VAL B 196 6.45 3.32 12.81
N ASP B 197 5.32 3.94 12.48
CA ASP B 197 4.15 3.87 13.33
C ASP B 197 2.81 3.74 12.61
N THR B 198 2.83 3.25 11.38
CA THR B 198 1.61 3.09 10.61
C THR B 198 1.04 1.70 10.80
N VAL B 199 -0.19 1.63 11.32
CA VAL B 199 -0.86 0.36 11.53
C VAL B 199 -2.20 0.31 10.80
N HIS B 200 -2.72 -0.89 10.65
CA HIS B 200 -4.01 -1.11 10.01
C HIS B 200 -4.94 -1.71 11.04
N VAL B 201 -6.14 -1.13 11.16
CA VAL B 201 -7.12 -1.63 12.10
C VAL B 201 -8.31 -2.20 11.33
N ASP B 202 -8.46 -3.51 11.36
CA ASP B 202 -9.56 -4.16 10.65
C ASP B 202 -10.87 -3.59 11.17
N GLU B 203 -11.66 -3.03 10.26
CA GLU B 203 -12.94 -2.42 10.60
C GLU B 203 -13.80 -3.30 11.51
N LYS B 204 -13.94 -4.57 11.15
CA LYS B 204 -14.76 -5.49 11.92
C LYS B 204 -14.10 -6.00 13.20
N THR B 205 -13.23 -6.99 13.06
CA THR B 205 -12.53 -7.61 14.18
C THR B 205 -11.78 -6.67 15.13
N GLY B 206 -11.34 -5.53 14.63
CA GLY B 206 -10.60 -4.61 15.48
C GLY B 206 -9.15 -5.03 15.58
N LEU B 207 -8.79 -6.09 14.85
CA LEU B 207 -7.43 -6.60 14.84
C LEU B 207 -6.46 -5.53 14.33
N VAL B 208 -5.41 -5.27 15.07
CA VAL B 208 -4.42 -4.29 14.64
C VAL B 208 -3.27 -5.07 14.01
N SER B 209 -2.87 -4.67 12.81
CA SER B 209 -1.79 -5.35 12.14
C SER B 209 -0.87 -4.35 11.49
N VAL B 210 0.20 -4.85 10.90
CA VAL B 210 1.18 -4.02 10.21
C VAL B 210 1.32 -4.56 8.80
N ASP B 211 1.01 -3.73 7.80
CA ASP B 211 1.13 -4.15 6.41
C ASP B 211 2.59 -4.48 6.11
N ASP B 212 2.82 -5.42 5.19
CA ASP B 212 4.17 -5.82 4.86
C ASP B 212 5.04 -4.66 4.39
N ASP B 213 4.45 -3.76 3.60
CA ASP B 213 5.18 -2.61 3.10
C ASP B 213 5.71 -1.74 4.26
N ILE B 214 4.97 -1.73 5.36
CA ILE B 214 5.34 -0.95 6.55
C ILE B 214 6.31 -1.77 7.40
N TYR B 215 5.98 -3.06 7.55
CA TYR B 215 6.80 -3.99 8.33
C TYR B 215 8.25 -4.01 7.84
N GLN B 216 8.43 -4.10 6.53
CA GLN B 216 9.77 -4.16 5.94
C GLN B 216 10.62 -2.90 6.16
N LYS B 217 9.97 -1.81 6.55
CA LYS B 217 10.70 -0.57 6.78
C LYS B 217 11.65 -0.71 7.97
N GLY B 218 11.33 -1.64 8.86
CA GLY B 218 12.17 -1.86 10.02
C GLY B 218 13.08 -3.06 9.86
N CYS B 219 13.12 -3.61 8.65
CA CYS B 219 13.94 -4.79 8.34
C CYS B 219 15.18 -4.46 7.54
N CYS B 220 16.15 -5.37 7.58
CA CYS B 220 17.39 -5.19 6.83
C CYS B 220 17.26 -5.96 5.51
N THR B 221 17.71 -5.34 4.42
CA THR B 221 17.64 -5.97 3.12
C THR B 221 18.88 -6.81 2.84
N SER B 222 19.91 -6.61 3.65
CA SER B 222 21.17 -7.33 3.49
C SER B 222 22.07 -6.99 4.66
N PRO B 223 23.19 -7.73 4.83
CA PRO B 223 24.12 -7.47 5.92
C PRO B 223 24.64 -6.04 5.90
N GLU B 224 24.98 -5.56 4.70
CA GLU B 224 25.48 -4.19 4.51
C GLU B 224 24.43 -3.18 4.97
N ASP B 225 23.19 -3.40 4.58
CA ASP B 225 22.10 -2.53 4.96
C ASP B 225 21.98 -2.53 6.49
N GLY B 226 22.11 -3.71 7.08
CA GLY B 226 22.03 -3.82 8.52
C GLY B 226 23.17 -3.06 9.19
N LEU B 227 24.35 -3.07 8.58
CA LEU B 227 25.50 -2.38 9.14
C LEU B 227 25.32 -0.85 9.12
N GLN B 228 24.77 -0.32 8.03
CA GLN B 228 24.58 1.12 7.95
C GLN B 228 23.54 1.53 9.01
N LYS B 229 22.52 0.69 9.20
CA LYS B 229 21.50 0.96 10.19
C LYS B 229 22.10 0.89 11.60
N ALA B 230 22.93 -0.11 11.84
CA ALA B 230 23.56 -0.29 13.14
C ALA B 230 24.45 0.91 13.50
N LYS B 231 25.18 1.42 12.51
CA LYS B 231 26.06 2.57 12.75
C LYS B 231 25.28 3.81 13.15
N ARG B 232 24.05 3.94 12.67
CA ARG B 232 23.22 5.08 13.00
C ARG B 232 22.63 4.90 14.40
N ILE B 233 22.31 3.66 14.76
CA ILE B 233 21.76 3.36 16.07
C ILE B 233 22.87 3.46 17.11
N GLY B 234 24.07 3.05 16.72
CA GLY B 234 25.20 3.11 17.63
C GLY B 234 25.47 1.80 18.34
N PHE B 235 26.69 1.30 18.22
CA PHE B 235 27.08 0.04 18.87
C PHE B 235 27.21 0.23 20.37
N PRO B 236 27.02 -0.86 21.14
CA PRO B 236 26.69 -2.21 20.70
C PRO B 236 25.21 -2.40 20.33
N VAL B 237 24.95 -3.36 19.45
CA VAL B 237 23.59 -3.64 19.02
C VAL B 237 23.30 -5.13 19.01
N MET B 238 22.03 -5.46 18.83
CA MET B 238 21.58 -6.84 18.76
C MET B 238 21.00 -7.05 17.38
N ILE B 239 21.41 -8.13 16.72
CA ILE B 239 20.88 -8.48 15.41
C ILE B 239 19.89 -9.57 15.76
N LYS B 240 18.64 -9.43 15.35
CA LYS B 240 17.64 -10.43 15.70
C LYS B 240 16.72 -10.86 14.55
N ALA B 241 16.50 -12.16 14.44
CA ALA B 241 15.62 -12.72 13.44
C ALA B 241 14.25 -12.64 14.11
N SER B 242 13.32 -11.92 13.49
CA SER B 242 11.99 -11.76 14.06
C SER B 242 11.24 -13.07 14.28
N GLU B 243 11.47 -14.05 13.41
CA GLU B 243 10.78 -15.34 13.54
C GLU B 243 11.49 -16.23 14.56
N GLY B 244 12.60 -15.75 15.08
CA GLY B 244 13.35 -16.51 16.06
C GLY B 244 12.64 -16.61 17.39
N GLY B 245 12.24 -17.82 17.76
CA GLY B 245 11.55 -18.03 19.02
C GLY B 245 12.44 -17.79 20.21
N GLY B 246 13.06 -18.86 20.71
CA GLY B 246 13.94 -18.75 21.85
C GLY B 246 15.17 -17.89 21.61
N GLY B 247 16.29 -18.33 22.16
CA GLY B 247 17.53 -17.59 21.98
C GLY B 247 18.09 -17.63 20.58
N LYS B 248 17.60 -18.56 19.77
CA LYS B 248 18.08 -18.70 18.40
C LYS B 248 17.77 -17.49 17.52
N GLY B 249 18.66 -17.25 16.56
CA GLY B 249 18.49 -16.13 15.64
C GLY B 249 18.88 -14.78 16.23
N ILE B 250 19.64 -14.80 17.32
CA ILE B 250 20.06 -13.56 17.95
C ILE B 250 21.58 -13.52 18.14
N ARG B 251 22.16 -12.33 17.97
CA ARG B 251 23.59 -12.13 18.14
C ARG B 251 23.87 -10.72 18.63
N GLN B 252 24.72 -10.61 19.65
CA GLN B 252 25.09 -9.29 20.17
C GLN B 252 26.32 -8.88 19.38
N VAL B 253 26.38 -7.61 18.98
CA VAL B 253 27.51 -7.11 18.21
C VAL B 253 28.12 -5.92 18.93
N GLU B 254 29.36 -6.08 19.37
CA GLU B 254 30.06 -5.01 20.09
C GLU B 254 30.80 -4.08 19.13
N ARG B 255 31.33 -4.64 18.05
CA ARG B 255 32.09 -3.85 17.09
C ARG B 255 31.56 -4.02 15.67
N GLU B 256 31.68 -2.97 14.87
CA GLU B 256 31.21 -3.03 13.48
C GLU B 256 31.97 -4.07 12.66
N GLU B 257 33.24 -4.28 12.98
CA GLU B 257 34.04 -5.25 12.24
C GLU B 257 33.54 -6.69 12.39
N ASP B 258 32.72 -6.96 13.39
CA ASP B 258 32.19 -8.31 13.58
C ASP B 258 30.73 -8.38 13.13
N PHE B 259 30.16 -7.24 12.75
CA PHE B 259 28.77 -7.19 12.34
C PHE B 259 28.35 -8.09 11.19
N ILE B 260 29.02 -7.98 10.05
CA ILE B 260 28.67 -8.79 8.88
C ILE B 260 28.64 -10.30 9.16
N ALA B 261 29.70 -10.82 9.75
CA ALA B 261 29.78 -12.24 10.06
C ALA B 261 28.66 -12.67 11.01
N LEU B 262 28.48 -11.93 12.11
CA LEU B 262 27.45 -12.27 13.09
C LEU B 262 26.05 -12.15 12.50
N TYR B 263 25.89 -11.25 11.54
CA TYR B 263 24.60 -11.07 10.87
C TYR B 263 24.22 -12.37 10.17
N HIS B 264 25.20 -12.99 9.52
CA HIS B 264 24.96 -14.25 8.82
C HIS B 264 24.64 -15.36 9.81
N GLN B 265 25.36 -15.39 10.92
CA GLN B 265 25.13 -16.41 11.94
C GLN B 265 23.69 -16.39 12.42
N ALA B 266 23.19 -15.19 12.72
CA ALA B 266 21.82 -15.02 13.19
C ALA B 266 20.81 -15.40 12.10
N ALA B 267 21.02 -14.89 10.89
CA ALA B 267 20.11 -15.18 9.79
C ALA B 267 20.05 -16.66 9.44
N ASN B 268 21.22 -17.29 9.38
CA ASN B 268 21.31 -18.71 9.05
C ASN B 268 20.58 -19.63 10.04
N GLU B 269 20.49 -19.20 11.30
CA GLU B 269 19.82 -20.01 12.32
C GLU B 269 18.32 -20.09 12.10
N ILE B 270 17.76 -19.05 11.50
CA ILE B 270 16.32 -18.99 11.23
C ILE B 270 16.17 -18.54 9.77
N PRO B 271 16.53 -19.43 8.82
CA PRO B 271 16.45 -19.14 7.38
C PRO B 271 15.16 -18.47 6.90
N GLY B 272 15.31 -17.41 6.12
CA GLY B 272 14.16 -16.72 5.58
C GLY B 272 13.50 -15.72 6.51
N SER B 273 13.89 -15.73 7.78
CA SER B 273 13.29 -14.80 8.74
C SER B 273 13.72 -13.35 8.52
N PRO B 274 12.79 -12.42 8.75
CA PRO B 274 13.16 -11.01 8.57
C PRO B 274 14.15 -10.69 9.71
N ILE B 275 15.04 -9.73 9.46
CA ILE B 275 16.03 -9.37 10.46
C ILE B 275 15.93 -7.88 10.81
N PHE B 276 16.00 -7.56 12.10
CA PHE B 276 15.98 -6.18 12.52
C PHE B 276 17.17 -5.93 13.45
N ILE B 277 17.50 -4.66 13.66
CA ILE B 277 18.62 -4.25 14.51
C ILE B 277 18.07 -3.40 15.64
N MET B 278 18.53 -3.62 16.86
CA MET B 278 18.06 -2.83 18.00
C MET B 278 19.23 -2.56 18.94
N LYS B 279 19.19 -1.41 19.61
CA LYS B 279 20.24 -1.04 20.54
C LYS B 279 20.27 -2.04 21.69
N LEU B 280 21.47 -2.37 22.16
CA LEU B 280 21.62 -3.32 23.26
C LEU B 280 21.42 -2.65 24.61
N ALA B 281 20.56 -3.25 25.42
CA ALA B 281 20.28 -2.72 26.75
C ALA B 281 21.41 -3.08 27.72
N GLY B 282 21.74 -2.15 28.59
CA GLY B 282 22.80 -2.38 29.56
C GLY B 282 22.16 -2.60 30.92
N ARG B 283 22.92 -2.42 31.99
CA ARG B 283 22.35 -2.59 33.32
C ARG B 283 21.37 -1.46 33.55
N ALA B 284 20.11 -1.80 33.77
CA ALA B 284 19.08 -0.81 33.99
C ALA B 284 18.02 -1.39 34.90
N ARG B 285 16.83 -0.78 34.87
CA ARG B 285 15.74 -1.25 35.71
C ARG B 285 14.65 -1.86 34.81
N HIS B 286 13.96 -2.86 35.35
CA HIS B 286 12.86 -3.50 34.64
C HIS B 286 11.63 -3.22 35.48
N LEU B 287 10.73 -2.39 34.93
CA LEU B 287 9.51 -2.02 35.61
C LEU B 287 8.30 -2.53 34.85
N GLU B 288 7.21 -2.78 35.55
CA GLU B 288 5.99 -3.27 34.93
C GLU B 288 4.80 -2.42 35.37
N VAL B 289 3.84 -2.23 34.49
CA VAL B 289 2.63 -1.52 34.83
C VAL B 289 1.52 -2.57 34.75
N GLN B 290 0.71 -2.68 35.81
CA GLN B 290 -0.40 -3.62 35.79
C GLN B 290 -1.57 -2.96 35.10
N LEU B 291 -2.01 -3.54 34.00
CA LEU B 291 -3.13 -2.99 33.25
C LEU B 291 -4.39 -3.81 33.53
N LEU B 292 -5.54 -3.14 33.58
CA LEU B 292 -6.79 -3.85 33.76
C LEU B 292 -7.75 -3.13 32.82
N ALA B 293 -8.44 -3.88 31.98
CA ALA B 293 -9.36 -3.29 31.01
C ALA B 293 -10.70 -4.00 30.98
N ASP B 294 -11.79 -3.25 30.81
CA ASP B 294 -13.08 -3.89 30.72
C ASP B 294 -13.41 -4.07 29.24
N GLN B 295 -14.64 -4.42 28.92
CA GLN B 295 -15.00 -4.64 27.52
C GLN B 295 -15.56 -3.42 26.80
N TYR B 296 -15.45 -2.27 27.45
CA TYR B 296 -15.98 -1.02 26.90
C TYR B 296 -14.92 0.03 26.59
N GLY B 297 -13.69 -0.43 26.43
CA GLY B 297 -12.58 0.46 26.10
C GLY B 297 -11.91 1.13 27.29
N THR B 298 -12.39 0.86 28.50
CA THR B 298 -11.79 1.48 29.67
C THR B 298 -10.58 0.69 30.12
N ASN B 299 -9.41 1.31 30.03
CA ASN B 299 -8.14 0.71 30.46
C ASN B 299 -7.59 1.55 31.59
N ILE B 300 -7.21 0.90 32.70
CA ILE B 300 -6.62 1.62 33.82
C ILE B 300 -5.36 0.90 34.29
N SER B 301 -4.57 1.58 35.09
CA SER B 301 -3.36 0.97 35.64
C SER B 301 -3.61 0.75 37.13
N LEU B 302 -3.02 -0.31 37.67
CA LEU B 302 -3.13 -0.59 39.10
C LEU B 302 -1.70 -0.51 39.61
N PHE B 303 -1.11 0.68 39.45
CA PHE B 303 0.28 0.95 39.84
C PHE B 303 1.18 -0.02 39.09
N GLY B 304 2.34 -0.33 39.64
CA GLY B 304 3.23 -1.24 38.94
C GLY B 304 4.11 -2.06 39.86
N ARG B 305 5.08 -2.74 39.26
CA ARG B 305 6.01 -3.58 40.00
C ARG B 305 7.43 -3.37 39.50
N ASP B 306 8.39 -3.46 40.41
CA ASP B 306 9.78 -3.33 40.02
C ASP B 306 10.32 -4.76 40.04
N CYS B 307 10.79 -5.23 38.89
CA CYS B 307 11.31 -6.59 38.75
C CYS B 307 12.76 -6.56 38.26
N SER B 308 13.52 -5.59 38.76
CA SER B 308 14.91 -5.43 38.36
C SER B 308 15.82 -6.58 38.79
N VAL B 309 15.63 -7.09 40.00
CA VAL B 309 16.45 -8.19 40.50
C VAL B 309 16.14 -9.51 39.79
N GLN B 310 17.03 -9.90 38.88
CA GLN B 310 16.83 -11.13 38.12
C GLN B 310 18.10 -11.95 37.98
N ARG B 311 17.93 -13.23 37.67
CA ARG B 311 19.04 -14.15 37.47
C ARG B 311 18.72 -14.92 36.19
N ARG B 312 19.51 -14.70 35.15
CA ARG B 312 19.30 -15.37 33.89
C ARG B 312 17.91 -15.05 33.33
N HIS B 313 17.56 -13.76 33.39
CA HIS B 313 16.27 -13.29 32.91
C HIS B 313 15.05 -13.80 33.67
N GLN B 314 15.28 -14.35 34.86
CA GLN B 314 14.17 -14.84 35.67
C GLN B 314 14.00 -13.93 36.88
N LYS B 315 12.79 -13.40 37.06
CA LYS B 315 12.51 -12.49 38.17
C LYS B 315 12.63 -13.20 39.51
N ILE B 316 13.51 -12.69 40.36
CA ILE B 316 13.75 -13.29 41.68
C ILE B 316 13.10 -12.46 42.78
N ILE B 317 13.32 -11.15 42.76
CA ILE B 317 12.73 -10.27 43.77
C ILE B 317 11.90 -9.21 43.07
N GLU B 318 10.65 -9.07 43.50
CA GLU B 318 9.76 -8.07 42.94
C GLU B 318 9.14 -7.23 44.04
N GLU B 319 8.79 -5.99 43.70
CA GLU B 319 8.14 -5.15 44.68
C GLU B 319 7.11 -4.24 44.03
N ALA B 320 6.09 -3.91 44.80
CA ALA B 320 5.01 -3.04 44.38
C ALA B 320 4.71 -2.15 45.57
N PRO B 321 4.53 -0.83 45.35
CA PRO B 321 4.60 -0.17 44.04
C PRO B 321 6.05 0.13 43.69
N VAL B 322 6.25 0.75 42.54
CA VAL B 322 7.58 1.12 42.10
C VAL B 322 7.98 2.38 42.87
N THR B 323 9.24 2.44 43.28
CA THR B 323 9.73 3.60 44.01
C THR B 323 10.96 4.24 43.40
N ILE B 324 11.63 3.52 42.50
CA ILE B 324 12.85 4.05 41.89
C ILE B 324 12.58 5.24 40.98
N ALA B 325 11.47 5.20 40.25
CA ALA B 325 11.14 6.27 39.32
C ALA B 325 10.37 7.41 39.99
N LYS B 326 10.56 8.61 39.45
CA LYS B 326 9.86 9.79 39.95
C LYS B 326 8.38 9.58 39.68
N ALA B 327 7.52 10.05 40.59
CA ALA B 327 6.07 9.88 40.43
C ALA B 327 5.55 10.27 39.05
N GLU B 328 5.95 11.44 38.57
CA GLU B 328 5.51 11.92 37.26
C GLU B 328 5.94 10.98 36.14
N THR B 329 7.17 10.48 36.22
CA THR B 329 7.69 9.58 35.21
C THR B 329 6.92 8.26 35.18
N PHE B 330 6.63 7.71 36.36
CA PHE B 330 5.91 6.45 36.37
C PHE B 330 4.48 6.67 35.86
N HIS B 331 3.93 7.85 36.12
CA HIS B 331 2.57 8.11 35.64
C HIS B 331 2.61 8.11 34.12
N GLU B 332 3.72 8.54 33.53
CA GLU B 332 3.84 8.53 32.08
C GLU B 332 3.86 7.09 31.57
N MET B 333 4.51 6.20 32.33
CA MET B 333 4.55 4.79 31.92
C MET B 333 3.14 4.20 32.05
N GLU B 334 2.41 4.61 33.07
CA GLU B 334 1.03 4.13 33.24
C GLU B 334 0.17 4.62 32.08
N LYS B 335 0.31 5.89 31.72
CA LYS B 335 -0.49 6.46 30.63
C LYS B 335 -0.17 5.84 29.28
N ALA B 336 1.11 5.53 29.05
CA ALA B 336 1.53 4.90 27.79
C ALA B 336 0.96 3.49 27.73
N ALA B 337 0.94 2.81 28.87
CA ALA B 337 0.42 1.45 28.92
C ALA B 337 -1.07 1.48 28.58
N VAL B 338 -1.78 2.47 29.12
CA VAL B 338 -3.20 2.62 28.85
C VAL B 338 -3.44 2.90 27.37
N ARG B 339 -2.60 3.72 26.75
CA ARG B 339 -2.77 4.02 25.34
C ARG B 339 -2.64 2.74 24.51
N LEU B 340 -1.65 1.93 24.84
CA LEU B 340 -1.40 0.67 24.13
C LEU B 340 -2.56 -0.31 24.33
N GLY B 341 -3.04 -0.43 25.56
CA GLY B 341 -4.15 -1.32 25.83
C GLY B 341 -5.38 -0.93 25.03
N LYS B 342 -5.68 0.37 25.00
CA LYS B 342 -6.83 0.84 24.25
C LYS B 342 -6.67 0.56 22.76
N LEU B 343 -5.48 0.78 22.23
CA LEU B 343 -5.24 0.55 20.81
C LEU B 343 -5.44 -0.91 20.37
N VAL B 344 -4.90 -1.86 21.15
CA VAL B 344 -5.05 -3.25 20.76
C VAL B 344 -6.37 -3.89 21.17
N GLY B 345 -7.24 -3.12 21.83
CA GLY B 345 -8.52 -3.67 22.25
C GLY B 345 -8.33 -4.66 23.39
N TYR B 346 -7.44 -4.34 24.30
CA TYR B 346 -7.17 -5.22 25.43
C TYR B 346 -8.37 -5.34 26.36
N VAL B 347 -8.50 -6.51 26.98
CA VAL B 347 -9.56 -6.79 27.95
C VAL B 347 -8.93 -7.69 29.01
N SER B 348 -9.34 -7.48 30.27
CA SER B 348 -8.88 -8.23 31.41
C SER B 348 -7.54 -7.73 31.95
N ALA B 349 -6.81 -8.61 32.64
CA ALA B 349 -5.52 -8.23 33.21
C ALA B 349 -4.34 -8.47 32.28
N GLY B 350 -3.41 -7.51 32.27
CA GLY B 350 -2.23 -7.63 31.44
C GLY B 350 -1.11 -6.80 32.04
N THR B 351 0.13 -7.03 31.58
CA THR B 351 1.27 -6.29 32.10
C THR B 351 2.06 -5.65 30.97
N VAL B 352 2.43 -4.38 31.14
CA VAL B 352 3.26 -3.71 30.15
C VAL B 352 4.63 -3.59 30.82
N GLU B 353 5.63 -4.21 30.22
CA GLU B 353 7.01 -4.20 30.73
C GLU B 353 7.81 -3.06 30.10
N TYR B 354 8.66 -2.44 30.91
CA TYR B 354 9.49 -1.33 30.44
C TYR B 354 10.93 -1.44 30.90
N LEU B 355 11.84 -0.91 30.09
CA LEU B 355 13.25 -0.83 30.45
C LEU B 355 13.30 0.60 30.98
N TYR B 356 13.81 0.79 32.19
CA TYR B 356 13.88 2.14 32.78
C TYR B 356 15.31 2.53 33.16
N SER B 357 15.74 3.68 32.66
CA SER B 357 17.07 4.22 32.94
C SER B 357 16.92 5.35 33.95
N HIS B 358 17.37 5.14 35.18
CA HIS B 358 17.22 6.15 36.23
C HIS B 358 18.02 7.43 35.96
N ASP B 359 19.22 7.28 35.39
CA ASP B 359 20.08 8.43 35.09
C ASP B 359 19.35 9.56 34.37
N ASP B 360 18.78 9.26 33.21
CA ASP B 360 18.06 10.28 32.45
C ASP B 360 16.56 10.20 32.70
N GLY B 361 16.13 9.18 33.43
CA GLY B 361 14.72 9.02 33.73
C GLY B 361 13.87 8.57 32.56
N LYS B 362 14.51 8.08 31.50
CA LYS B 362 13.79 7.63 30.33
C LYS B 362 13.34 6.18 30.47
N PHE B 363 12.31 5.82 29.73
CA PHE B 363 11.80 4.45 29.76
C PHE B 363 11.46 4.01 28.35
N TYR B 364 11.49 2.69 28.13
CA TYR B 364 11.23 2.11 26.83
C TYR B 364 10.39 0.84 26.90
N PHE B 365 9.48 0.70 25.95
CA PHE B 365 8.60 -0.46 25.89
C PHE B 365 9.39 -1.74 25.61
N LEU B 366 9.08 -2.80 26.37
CA LEU B 366 9.72 -4.08 26.15
C LEU B 366 8.67 -5.04 25.60
N GLU B 367 7.53 -5.13 26.27
CA GLU B 367 6.47 -5.98 25.78
C GLU B 367 5.21 -5.92 26.65
N LEU B 368 4.12 -6.46 26.13
CA LEU B 368 2.87 -6.51 26.87
C LEU B 368 2.56 -8.00 27.04
N ASN B 369 2.55 -8.45 28.29
CA ASN B 369 2.23 -9.85 28.63
C ASN B 369 0.72 -9.88 28.76
N PRO B 370 0.03 -10.50 27.79
CA PRO B 370 -1.44 -10.61 27.78
C PRO B 370 -2.04 -11.63 28.73
N ARG B 371 -1.69 -11.53 30.00
CA ARG B 371 -2.21 -12.48 30.98
C ARG B 371 -1.93 -11.98 32.38
N LEU B 372 -2.51 -12.67 33.35
CA LEU B 372 -2.28 -12.36 34.75
C LEU B 372 -0.95 -13.08 35.00
N GLN B 373 -0.13 -12.57 35.90
CA GLN B 373 1.15 -13.21 36.22
C GLN B 373 1.13 -13.80 37.61
N VAL B 374 1.99 -14.79 37.85
CA VAL B 374 2.06 -15.44 39.15
C VAL B 374 2.31 -14.47 40.31
N GLU B 375 3.05 -13.39 40.07
CA GLU B 375 3.32 -12.45 41.16
C GLU B 375 2.22 -11.40 41.37
N HIS B 376 1.06 -11.58 40.72
CA HIS B 376 -0.01 -10.59 40.88
C HIS B 376 -0.44 -10.23 42.32
N PRO B 377 -0.29 -11.16 43.29
CA PRO B 377 -0.70 -10.79 44.65
C PRO B 377 0.00 -9.54 45.21
N THR B 378 1.18 -9.23 44.69
CA THR B 378 1.89 -8.04 45.14
C THR B 378 1.03 -6.82 44.83
N THR B 379 0.52 -6.77 43.61
CA THR B 379 -0.34 -5.68 43.18
C THR B 379 -1.68 -5.72 43.91
N GLU B 380 -2.22 -6.92 44.09
CA GLU B 380 -3.50 -7.06 44.80
C GLU B 380 -3.40 -6.48 46.21
N MET B 381 -2.30 -6.79 46.89
CA MET B 381 -2.13 -6.33 48.25
C MET B 381 -2.08 -4.81 48.39
N VAL B 382 -1.33 -4.14 47.53
CA VAL B 382 -1.24 -2.68 47.64
C VAL B 382 -2.39 -1.91 47.00
N SER B 383 -3.18 -2.59 46.17
CA SER B 383 -4.32 -1.95 45.51
C SER B 383 -5.63 -2.36 46.15
N GLY B 384 -5.62 -3.47 46.88
CA GLY B 384 -6.81 -3.98 47.52
C GLY B 384 -7.74 -4.67 46.53
N VAL B 385 -7.29 -4.81 45.29
CA VAL B 385 -8.12 -5.43 44.25
C VAL B 385 -7.94 -6.95 44.13
N ASN B 386 -9.06 -7.67 44.17
CA ASN B 386 -9.07 -9.13 44.02
C ASN B 386 -9.03 -9.25 42.49
N LEU B 387 -7.85 -9.51 41.92
CA LEU B 387 -7.75 -9.58 40.45
C LEU B 387 -8.57 -10.68 39.77
N PRO B 388 -8.55 -11.90 40.30
CA PRO B 388 -9.36 -12.95 39.65
C PRO B 388 -10.86 -12.60 39.67
N ALA B 389 -11.31 -11.94 40.73
CA ALA B 389 -12.72 -11.55 40.81
C ALA B 389 -13.02 -10.44 39.82
N ALA B 390 -12.06 -9.53 39.65
CA ALA B 390 -12.24 -8.43 38.71
C ALA B 390 -12.28 -8.99 37.28
N GLN B 391 -11.39 -9.94 36.99
CA GLN B 391 -11.34 -10.56 35.67
C GLN B 391 -12.70 -11.21 35.36
N LEU B 392 -13.22 -11.95 36.35
CA LEU B 392 -14.49 -12.64 36.17
C LEU B 392 -15.63 -11.66 35.91
N GLN B 393 -15.71 -10.58 36.67
CA GLN B 393 -16.79 -9.62 36.44
C GLN B 393 -16.66 -8.97 35.07
N ILE B 394 -15.43 -8.64 34.68
CA ILE B 394 -15.16 -8.02 33.38
C ILE B 394 -15.61 -8.96 32.26
N ALA B 395 -15.38 -10.26 32.45
CA ALA B 395 -15.73 -11.28 31.47
C ALA B 395 -17.25 -11.40 31.32
N MET B 396 -17.99 -11.07 32.38
CA MET B 396 -19.43 -11.13 32.30
C MET B 396 -20.00 -9.87 31.64
N GLY B 397 -19.11 -8.93 31.34
CA GLY B 397 -19.53 -7.68 30.71
C GLY B 397 -19.78 -6.54 31.68
N ILE B 398 -19.37 -6.71 32.94
CA ILE B 398 -19.56 -5.65 33.93
C ILE B 398 -18.51 -4.56 33.69
N PRO B 399 -18.94 -3.30 33.54
CA PRO B 399 -17.99 -2.22 33.30
C PRO B 399 -17.15 -1.90 34.53
N MET B 400 -15.98 -1.31 34.31
CA MET B 400 -15.04 -0.98 35.36
C MET B 400 -15.62 -0.29 36.57
N HIS B 401 -16.50 0.69 36.35
CA HIS B 401 -17.07 1.44 37.46
C HIS B 401 -18.03 0.67 38.36
N ARG B 402 -18.44 -0.52 37.94
CA ARG B 402 -19.33 -1.33 38.78
C ARG B 402 -18.59 -2.47 39.49
N ILE B 403 -17.26 -2.49 39.38
CA ILE B 403 -16.46 -3.50 40.07
C ILE B 403 -16.13 -2.88 41.43
N SER B 404 -16.71 -3.45 42.48
CA SER B 404 -16.55 -2.92 43.84
C SER B 404 -15.14 -2.55 44.28
N ASP B 405 -14.17 -3.44 44.07
CA ASP B 405 -12.80 -3.14 44.50
C ASP B 405 -12.19 -1.94 43.80
N ILE B 406 -12.60 -1.70 42.55
CA ILE B 406 -12.10 -0.56 41.80
C ILE B 406 -12.75 0.71 42.38
N ARG B 407 -14.04 0.65 42.68
CA ARG B 407 -14.70 1.82 43.27
C ARG B 407 -13.99 2.19 44.58
N THR B 408 -13.67 1.18 45.39
CA THR B 408 -12.99 1.42 46.65
C THR B 408 -11.60 2.02 46.43
N LEU B 409 -10.91 1.53 45.42
CA LEU B 409 -9.57 2.03 45.08
C LEU B 409 -9.65 3.53 44.75
N TYR B 410 -10.74 3.94 44.12
CA TYR B 410 -10.93 5.34 43.74
C TYR B 410 -11.67 6.14 44.82
N GLY B 411 -11.74 5.57 46.02
CA GLY B 411 -12.40 6.25 47.13
C GLY B 411 -13.87 6.54 46.98
N MET B 412 -14.56 5.72 46.20
CA MET B 412 -15.99 5.88 45.95
C MET B 412 -16.78 4.94 46.85
N ASN B 413 -18.08 5.19 46.92
CA ASN B 413 -18.98 4.34 47.70
C ASN B 413 -19.08 3.10 46.81
N PRO B 414 -18.66 1.93 47.30
CA PRO B 414 -18.71 0.71 46.50
C PRO B 414 -20.09 0.22 46.07
N HIS B 415 -21.14 0.69 46.74
CA HIS B 415 -22.50 0.28 46.39
C HIS B 415 -23.11 1.16 45.31
N SER B 416 -22.56 2.37 45.15
CA SER B 416 -23.07 3.31 44.15
C SER B 416 -22.80 2.87 42.72
N ALA B 417 -23.65 3.33 41.80
CA ALA B 417 -23.50 3.01 40.38
C ALA B 417 -23.04 4.24 39.60
N SER B 418 -22.59 5.29 40.31
CA SER B 418 -22.14 6.50 39.61
C SER B 418 -20.95 6.23 38.69
N GLU B 419 -20.88 6.97 37.59
CA GLU B 419 -19.78 6.79 36.65
C GLU B 419 -18.51 7.33 37.27
N ILE B 420 -17.37 6.76 36.88
CA ILE B 420 -16.08 7.20 37.37
C ILE B 420 -15.28 7.76 36.21
N ASP B 421 -14.64 8.91 36.41
CA ASP B 421 -13.80 9.50 35.36
C ASP B 421 -12.38 9.08 35.68
N PHE B 422 -11.95 7.96 35.09
CA PHE B 422 -10.62 7.43 35.35
C PHE B 422 -9.47 8.31 34.91
N GLU B 423 -9.76 9.39 34.20
CA GLU B 423 -8.72 10.30 33.75
C GLU B 423 -8.75 11.62 34.53
N PHE B 424 -9.67 11.74 35.48
CA PHE B 424 -9.80 12.96 36.28
C PHE B 424 -9.76 14.19 35.37
N LYS B 425 -10.61 14.20 34.35
CA LYS B 425 -10.66 15.28 33.39
C LYS B 425 -11.33 16.57 33.87
N THR B 426 -12.18 16.48 34.89
CA THR B 426 -12.86 17.67 35.39
C THR B 426 -12.68 17.91 36.89
N GLN B 427 -13.04 19.12 37.31
CA GLN B 427 -12.93 19.51 38.71
C GLN B 427 -13.92 18.71 39.56
N ASP B 428 -15.04 18.35 38.95
CA ASP B 428 -16.07 17.57 39.65
C ASP B 428 -15.54 16.18 39.98
N ALA B 429 -14.83 15.58 39.03
CA ALA B 429 -14.27 14.25 39.22
C ALA B 429 -13.31 14.27 40.41
N THR B 430 -12.55 15.36 40.53
CA THR B 430 -11.60 15.50 41.62
C THR B 430 -12.30 15.63 42.98
N LYS B 431 -13.54 16.11 42.97
CA LYS B 431 -14.26 16.25 44.23
C LYS B 431 -15.04 14.98 44.62
N LYS B 432 -15.49 14.23 43.62
CA LYS B 432 -16.24 13.00 43.88
C LYS B 432 -15.32 11.78 43.93
N GLN B 433 -14.09 11.95 43.48
CA GLN B 433 -13.14 10.84 43.44
C GLN B 433 -11.83 11.15 44.18
N ARG B 434 -11.07 10.09 44.43
CA ARG B 434 -9.78 10.22 45.10
C ARG B 434 -8.76 9.56 44.19
N ARG B 435 -7.64 10.22 43.96
CA ARG B 435 -6.61 9.62 43.11
C ARG B 435 -6.08 8.41 43.87
N PRO B 436 -6.06 7.24 43.22
CA PRO B 436 -5.57 6.04 43.92
C PRO B 436 -4.16 6.15 44.45
N ILE B 437 -3.97 5.68 45.67
CA ILE B 437 -2.67 5.67 46.33
C ILE B 437 -2.39 4.26 46.83
N PRO B 438 -1.20 3.72 46.54
CA PRO B 438 -0.89 2.37 46.99
C PRO B 438 -1.02 2.28 48.51
N LYS B 439 -1.55 1.15 49.00
CA LYS B 439 -1.69 0.94 50.43
C LYS B 439 -0.49 0.11 50.86
N GLY B 440 0.47 0.75 51.50
CA GLY B 440 1.64 0.03 51.94
C GLY B 440 2.58 -0.40 50.82
N HIS B 441 3.31 -1.47 51.06
CA HIS B 441 4.31 -1.95 50.12
C HIS B 441 4.40 -3.47 50.21
N CYS B 442 4.67 -4.14 49.09
CA CYS B 442 4.80 -5.59 49.10
C CYS B 442 6.06 -6.06 48.37
N THR B 443 6.78 -6.99 48.98
CA THR B 443 7.98 -7.54 48.38
C THR B 443 7.68 -9.01 48.12
N ALA B 444 8.14 -9.52 46.98
CA ALA B 444 7.92 -10.91 46.64
C ALA B 444 9.27 -11.53 46.31
N CYS B 445 9.48 -12.75 46.79
CA CYS B 445 10.73 -13.47 46.55
C CYS B 445 10.41 -14.84 45.99
N ARG B 446 11.10 -15.23 44.92
CA ARG B 446 10.89 -16.53 44.34
C ARG B 446 11.80 -17.48 45.12
N ILE B 447 11.29 -18.67 45.44
CA ILE B 447 12.08 -19.65 46.19
C ILE B 447 12.11 -20.99 45.44
N THR B 448 13.21 -21.72 45.59
CA THR B 448 13.36 -23.01 44.94
C THR B 448 14.07 -23.96 45.91
N GLY B 461 0.39 -33.78 48.45
CA GLY B 461 -0.21 -32.93 47.43
C GLY B 461 0.83 -32.30 46.54
N THR B 462 0.47 -31.19 45.91
CA THR B 462 1.40 -30.49 45.02
C THR B 462 1.62 -29.06 45.50
N LEU B 463 0.78 -28.61 46.42
CA LEU B 463 0.90 -27.25 46.95
C LEU B 463 1.14 -27.25 48.46
N HIS B 464 2.26 -26.66 48.86
CA HIS B 464 2.62 -26.59 50.26
C HIS B 464 2.68 -25.13 50.70
N GLU B 465 1.75 -24.71 51.55
CA GLU B 465 1.74 -23.34 52.03
C GLU B 465 2.69 -23.23 53.22
N LEU B 466 3.58 -22.25 53.18
CA LEU B 466 4.56 -22.09 54.23
C LEU B 466 3.95 -21.72 55.57
N ASN B 467 4.44 -22.38 56.62
CA ASN B 467 3.95 -22.13 57.97
C ASN B 467 4.82 -21.09 58.65
N PHE B 468 4.27 -19.88 58.81
CA PHE B 468 5.00 -18.80 59.45
C PHE B 468 4.42 -18.54 60.84
N ARG B 469 5.16 -18.96 61.86
CA ARG B 469 4.71 -18.77 63.23
C ARG B 469 5.29 -17.48 63.79
N SER B 470 6.44 -17.09 63.24
CA SER B 470 7.14 -15.89 63.67
C SER B 470 6.74 -14.59 62.97
N SER B 471 6.27 -14.66 61.74
CA SER B 471 5.88 -13.48 60.97
C SER B 471 4.36 -13.35 60.81
N SER B 472 3.87 -12.12 60.77
CA SER B 472 2.43 -11.87 60.65
C SER B 472 1.94 -11.21 59.36
N ASN B 473 2.85 -10.64 58.58
CA ASN B 473 2.52 -9.97 57.33
C ASN B 473 3.16 -10.69 56.15
N VAL B 474 3.20 -12.00 56.21
CA VAL B 474 3.81 -12.80 55.15
C VAL B 474 3.05 -14.08 54.83
N TRP B 475 3.12 -14.49 53.57
CA TRP B 475 2.49 -15.71 53.12
C TRP B 475 3.33 -16.24 51.99
N GLY B 476 3.49 -17.56 51.93
CA GLY B 476 4.28 -18.15 50.88
C GLY B 476 3.85 -19.57 50.60
N TYR B 477 4.34 -20.11 49.50
CA TYR B 477 3.99 -21.47 49.11
C TYR B 477 5.14 -22.06 48.33
N PHE B 478 5.10 -23.37 48.18
CA PHE B 478 6.10 -24.11 47.42
C PHE B 478 5.23 -25.10 46.68
N SER B 479 5.59 -25.42 45.44
CA SER B 479 4.80 -26.37 44.67
C SER B 479 5.60 -27.07 43.59
N VAL B 480 5.09 -28.20 43.13
CA VAL B 480 5.74 -28.94 42.06
C VAL B 480 5.02 -28.54 40.78
N GLY B 481 5.74 -28.57 39.66
CA GLY B 481 5.13 -28.20 38.40
C GLY B 481 4.83 -29.37 37.49
N ASN B 482 3.76 -30.10 37.80
CA ASN B 482 3.39 -31.25 36.96
C ASN B 482 2.89 -30.78 35.60
N ASN B 483 3.12 -31.62 34.60
CA ASN B 483 2.66 -31.34 33.24
C ASN B 483 3.06 -29.99 32.66
N GLY B 484 4.33 -29.63 32.79
CA GLY B 484 4.81 -28.39 32.22
C GLY B 484 5.10 -28.66 30.75
N ASN B 485 5.66 -27.68 30.05
CA ASN B 485 5.97 -27.87 28.65
C ASN B 485 7.31 -28.60 28.49
N ILE B 486 8.15 -28.51 29.51
CA ILE B 486 9.46 -29.13 29.48
C ILE B 486 9.56 -30.37 30.36
N HIS B 487 8.88 -30.36 31.49
CA HIS B 487 8.89 -31.47 32.43
C HIS B 487 7.46 -31.93 32.77
N SER B 488 7.18 -33.21 32.60
CA SER B 488 5.85 -33.74 32.89
C SER B 488 5.70 -33.90 34.40
N PHE B 489 6.84 -34.00 35.08
CA PHE B 489 6.89 -34.11 36.52
C PHE B 489 8.30 -33.80 36.96
N SER B 490 8.45 -33.28 38.17
CA SER B 490 9.77 -32.93 38.67
C SER B 490 9.79 -32.92 40.18
N ASP B 491 10.92 -33.34 40.75
CA ASP B 491 11.09 -33.34 42.19
C ASP B 491 11.29 -31.89 42.60
N SER B 492 11.94 -31.12 41.73
CA SER B 492 12.20 -29.72 41.99
C SER B 492 10.89 -29.00 42.26
N GLN B 493 10.91 -28.10 43.23
CA GLN B 493 9.73 -27.33 43.57
C GLN B 493 10.09 -25.85 43.48
N PHE B 494 9.08 -25.03 43.23
CA PHE B 494 9.27 -23.59 43.12
C PHE B 494 8.07 -22.90 43.74
N GLY B 495 8.24 -21.65 44.13
CA GLY B 495 7.15 -20.92 44.72
C GLY B 495 7.54 -19.49 45.02
N HIS B 496 6.74 -18.83 45.84
CA HIS B 496 7.00 -17.45 46.21
C HIS B 496 6.60 -17.16 47.63
N ILE B 497 7.19 -16.09 48.17
CA ILE B 497 6.86 -15.63 49.50
C ILE B 497 6.51 -14.17 49.27
N PHE B 498 5.42 -13.73 49.89
CA PHE B 498 4.96 -12.35 49.76
C PHE B 498 4.99 -11.69 51.13
N ALA B 499 5.56 -10.49 51.21
CA ALA B 499 5.63 -9.77 52.48
C ALA B 499 5.10 -8.34 52.39
N PHE B 500 4.23 -7.98 53.32
CA PHE B 500 3.67 -6.64 53.35
C PHE B 500 4.31 -5.79 54.44
N GLY B 501 4.35 -4.48 54.19
CA GLY B 501 4.91 -3.53 55.14
C GLY B 501 4.31 -2.15 54.83
N GLU B 502 4.30 -1.26 55.82
CA GLU B 502 3.75 0.08 55.62
C GLU B 502 4.52 0.85 54.57
N ASN B 503 5.77 0.48 54.36
CA ASN B 503 6.64 1.12 53.37
C ASN B 503 7.67 0.12 52.87
N ARG B 504 8.52 0.54 51.94
CA ARG B 504 9.53 -0.32 51.36
C ARG B 504 10.44 -1.01 52.39
N GLN B 505 10.98 -0.24 53.33
CA GLN B 505 11.86 -0.81 54.34
C GLN B 505 11.15 -1.83 55.24
N ALA B 506 9.91 -1.53 55.61
CA ALA B 506 9.14 -2.43 56.47
C ALA B 506 8.79 -3.75 55.79
N SER B 507 8.38 -3.70 54.53
CA SER B 507 8.04 -4.93 53.85
C SER B 507 9.32 -5.75 53.65
N ARG B 508 10.44 -5.06 53.44
CA ARG B 508 11.72 -5.74 53.27
C ARG B 508 12.12 -6.44 54.57
N LYS B 509 11.98 -5.71 55.67
CA LYS B 509 12.32 -6.26 56.98
C LYS B 509 11.46 -7.47 57.30
N HIS B 510 10.17 -7.39 56.97
CA HIS B 510 9.26 -8.50 57.22
C HIS B 510 9.62 -9.70 56.37
N MET B 511 10.12 -9.45 55.16
CA MET B 511 10.53 -10.55 54.29
C MET B 511 11.74 -11.23 54.93
N VAL B 512 12.71 -10.43 55.37
CA VAL B 512 13.92 -10.98 55.99
C VAL B 512 13.56 -11.81 57.23
N VAL B 513 12.70 -11.26 58.08
CA VAL B 513 12.27 -11.96 59.28
C VAL B 513 11.67 -13.32 58.94
N ALA B 514 10.83 -13.35 57.91
CA ALA B 514 10.18 -14.59 57.49
C ALA B 514 11.20 -15.58 56.93
N LEU B 515 12.14 -15.08 56.13
CA LEU B 515 13.16 -15.93 55.55
C LEU B 515 14.04 -16.49 56.67
N LYS B 516 14.30 -15.67 57.68
CA LYS B 516 15.13 -16.10 58.80
C LYS B 516 14.42 -17.14 59.65
N GLU B 517 13.09 -17.07 59.72
CA GLU B 517 12.35 -18.07 60.48
C GLU B 517 12.55 -19.41 59.80
N LEU B 518 12.48 -19.42 58.47
CA LEU B 518 12.67 -20.63 57.70
C LEU B 518 14.10 -21.18 57.82
N SER B 519 15.09 -20.30 57.71
CA SER B 519 16.49 -20.72 57.79
C SER B 519 16.83 -21.31 59.15
N ILE B 520 16.30 -20.71 60.21
CA ILE B 520 16.55 -21.18 61.57
C ILE B 520 15.96 -22.59 61.76
N ARG B 521 14.82 -22.84 61.12
CA ARG B 521 14.17 -24.15 61.20
C ARG B 521 14.81 -25.14 60.24
N GLY B 522 15.73 -24.65 59.42
CA GLY B 522 16.39 -25.51 58.47
C GLY B 522 15.59 -25.81 57.22
N ASP B 523 14.73 -24.87 56.82
CA ASP B 523 13.91 -25.04 55.62
C ASP B 523 14.42 -24.16 54.50
N PHE B 524 14.52 -24.72 53.29
CA PHE B 524 15.01 -23.99 52.13
C PHE B 524 16.28 -23.24 52.52
N ARG B 525 17.07 -23.87 53.37
CA ARG B 525 18.31 -23.33 53.88
C ARG B 525 19.12 -22.49 52.89
N THR B 526 19.63 -23.13 51.84
CA THR B 526 20.46 -22.44 50.84
C THR B 526 19.77 -21.29 50.12
N THR B 527 18.55 -21.52 49.64
CA THR B 527 17.81 -20.50 48.92
C THR B 527 17.49 -19.29 49.79
N VAL B 528 16.78 -19.50 50.89
CA VAL B 528 16.43 -18.39 51.77
C VAL B 528 17.68 -17.69 52.28
N GLU B 529 18.80 -18.40 52.33
CA GLU B 529 20.04 -17.83 52.81
C GLU B 529 20.61 -16.77 51.88
N TYR B 530 20.65 -17.07 50.59
CA TYR B 530 21.19 -16.10 49.64
C TYR B 530 20.20 -14.94 49.44
N LEU B 531 18.91 -15.21 49.60
CA LEU B 531 17.91 -14.15 49.46
C LEU B 531 18.12 -13.15 50.59
N ILE B 532 18.34 -13.66 51.80
CA ILE B 532 18.58 -12.82 52.96
C ILE B 532 19.79 -11.93 52.70
N LYS B 533 20.86 -12.53 52.17
CA LYS B 533 22.08 -11.80 51.87
C LYS B 533 21.77 -10.67 50.89
N LEU B 534 21.05 -10.99 49.83
CA LEU B 534 20.68 -9.98 48.82
C LEU B 534 19.88 -8.85 49.47
N LEU B 535 18.83 -9.23 50.20
CA LEU B 535 17.96 -8.26 50.86
C LEU B 535 18.68 -7.36 51.86
N GLU B 536 19.73 -7.88 52.50
CA GLU B 536 20.45 -7.08 53.48
C GLU B 536 21.63 -6.32 52.90
N THR B 537 21.81 -6.41 51.59
CA THR B 537 22.90 -5.71 50.93
C THR B 537 22.64 -4.21 50.92
N GLU B 538 23.71 -3.43 51.00
CA GLU B 538 23.60 -1.98 51.00
C GLU B 538 22.94 -1.51 49.70
N ASP B 539 23.30 -2.15 48.59
CA ASP B 539 22.75 -1.78 47.29
C ASP B 539 21.24 -1.93 47.25
N PHE B 540 20.72 -3.07 47.72
CA PHE B 540 19.29 -3.28 47.69
C PHE B 540 18.55 -2.33 48.62
N GLU B 541 19.08 -2.09 49.81
CA GLU B 541 18.43 -1.18 50.74
C GLU B 541 18.37 0.23 50.16
N ASP B 542 19.45 0.64 49.48
CA ASP B 542 19.50 1.97 48.89
C ASP B 542 18.86 2.04 47.50
N ASN B 543 18.43 0.89 47.00
CA ASN B 543 17.77 0.79 45.70
C ASN B 543 18.66 1.20 44.51
N THR B 544 19.94 0.82 44.58
CA THR B 544 20.89 1.15 43.51
C THR B 544 21.20 -0.08 42.66
N ILE B 545 20.35 -1.09 42.76
CA ILE B 545 20.52 -2.33 42.01
C ILE B 545 20.10 -2.14 40.55
N THR B 546 20.36 -3.15 39.72
CA THR B 546 19.99 -3.11 38.30
C THR B 546 19.72 -4.52 37.82
N THR B 547 19.33 -4.63 36.56
CA THR B 547 19.03 -5.92 35.95
C THR B 547 20.27 -6.82 35.84
N GLY B 548 21.45 -6.24 36.07
CA GLY B 548 22.67 -7.02 35.99
C GLY B 548 23.31 -7.25 37.34
N TRP B 549 22.73 -6.65 38.37
CA TRP B 549 23.22 -6.76 39.73
C TRP B 549 23.47 -8.20 40.19
N LEU B 550 22.43 -9.02 40.19
CA LEU B 550 22.54 -10.41 40.61
C LEU B 550 23.58 -11.20 39.81
N ASP B 551 23.46 -11.17 38.48
CA ASP B 551 24.38 -11.90 37.62
C ASP B 551 25.84 -11.51 37.91
N ASP B 552 26.06 -10.24 38.29
CA ASP B 552 27.40 -9.79 38.59
C ASP B 552 27.88 -10.35 39.93
N LEU B 553 26.93 -10.65 40.81
CA LEU B 553 27.26 -11.22 42.10
C LEU B 553 27.58 -12.70 41.91
N ILE B 554 26.86 -13.31 40.97
CA ILE B 554 27.06 -14.72 40.66
C ILE B 554 28.11 -14.86 39.55
N MET C 2 -3.97 -39.07 -26.89
CA MET C 2 -2.58 -39.07 -27.45
C MET C 2 -1.64 -38.34 -26.50
N GLU C 3 -0.53 -37.83 -27.04
CA GLU C 3 0.43 -37.10 -26.23
C GLU C 3 0.42 -35.62 -26.58
N TYR C 4 0.86 -34.78 -25.66
CA TYR C 4 0.89 -33.35 -25.90
C TYR C 4 2.19 -32.75 -25.45
N GLU C 5 2.44 -31.51 -25.89
CA GLU C 5 3.63 -30.78 -25.48
C GLU C 5 3.35 -30.46 -24.02
N ILE C 6 4.37 -30.60 -23.17
CA ILE C 6 4.17 -30.40 -21.74
C ILE C 6 4.54 -29.07 -21.11
N THR C 7 3.71 -28.69 -20.13
CA THR C 7 3.90 -27.47 -19.34
C THR C 7 3.97 -27.94 -17.89
N ASN C 8 5.04 -27.56 -17.18
CA ASN C 8 5.20 -27.96 -15.79
C ASN C 8 4.93 -26.79 -14.85
N TYR C 9 3.72 -26.72 -14.30
CA TYR C 9 3.34 -25.64 -13.38
C TYR C 9 3.10 -26.17 -11.97
N SER C 10 3.63 -27.36 -11.68
CA SER C 10 3.45 -27.97 -10.37
C SER C 10 3.83 -27.08 -9.20
N GLU C 11 4.94 -26.34 -9.32
CA GLU C 11 5.35 -25.46 -8.25
C GLU C 11 4.40 -24.29 -8.12
N ARG C 12 4.01 -23.71 -9.26
CA ARG C 12 3.08 -22.60 -9.24
C ARG C 12 1.80 -23.03 -8.51
N HIS C 13 1.42 -24.28 -8.72
CA HIS C 13 0.20 -24.82 -8.09
C HIS C 13 0.25 -24.77 -6.57
N THR C 14 1.42 -25.00 -5.98
CA THR C 14 1.53 -24.98 -4.52
C THR C 14 1.32 -23.58 -3.95
N GLU C 15 1.41 -22.56 -4.78
CA GLU C 15 1.24 -21.18 -4.32
C GLU C 15 -0.16 -20.64 -4.61
N LEU C 16 -0.97 -21.41 -5.32
CA LEU C 16 -2.32 -20.99 -5.66
C LEU C 16 -3.26 -21.02 -4.46
N PRO C 17 -4.26 -20.13 -4.44
CA PRO C 17 -5.24 -20.07 -3.36
C PRO C 17 -5.92 -21.44 -3.31
N GLY C 18 -6.11 -21.97 -2.11
CA GLY C 18 -6.72 -23.28 -1.96
C GLY C 18 -8.05 -23.49 -2.68
N HIS C 19 -8.90 -22.47 -2.69
CA HIS C 19 -10.20 -22.61 -3.33
C HIS C 19 -10.18 -22.87 -4.83
N PHE C 20 -9.02 -22.69 -5.47
CA PHE C 20 -8.91 -22.95 -6.91
C PHE C 20 -8.76 -24.45 -7.16
N ILE C 21 -8.19 -25.16 -6.21
CA ILE C 21 -7.93 -26.59 -6.37
C ILE C 21 -9.08 -27.49 -5.92
N GLY C 22 -9.54 -28.33 -6.84
CA GLY C 22 -10.63 -29.23 -6.52
C GLY C 22 -10.18 -30.54 -5.90
N LEU C 23 -11.14 -31.46 -5.71
CA LEU C 23 -10.87 -32.75 -5.11
C LEU C 23 -10.13 -33.69 -6.06
N ASN C 24 -10.57 -33.75 -7.32
CA ASN C 24 -9.93 -34.65 -8.28
C ASN C 24 -8.71 -34.06 -8.98
N THR C 25 -7.63 -33.94 -8.21
CA THR C 25 -6.38 -33.40 -8.71
C THR C 25 -5.73 -34.32 -9.75
N VAL C 26 -5.01 -33.71 -10.69
CA VAL C 26 -4.36 -34.43 -11.77
C VAL C 26 -3.47 -35.60 -11.39
N ASP C 27 -2.76 -35.48 -10.27
CA ASP C 27 -1.86 -36.56 -9.86
C ASP C 27 -2.48 -37.74 -9.11
N LYS C 28 -3.69 -37.55 -8.58
CA LYS C 28 -4.34 -38.65 -7.86
C LYS C 28 -5.38 -39.33 -8.74
N LEU C 29 -5.27 -39.12 -10.05
CA LEU C 29 -6.23 -39.69 -10.99
C LEU C 29 -5.52 -40.57 -12.03
N GLU C 30 -6.07 -41.76 -12.27
CA GLU C 30 -5.49 -42.69 -13.24
C GLU C 30 -5.53 -42.07 -14.63
N GLU C 31 -4.56 -42.44 -15.46
CA GLU C 31 -4.48 -41.90 -16.82
C GLU C 31 -5.79 -42.00 -17.59
N SER C 32 -6.10 -40.94 -18.33
CA SER C 32 -7.29 -40.87 -19.15
C SER C 32 -7.08 -39.73 -20.14
N PRO C 33 -7.78 -39.75 -21.27
CA PRO C 33 -7.63 -38.69 -22.27
C PRO C 33 -7.74 -37.29 -21.67
N LEU C 34 -8.74 -37.07 -20.83
CA LEU C 34 -8.94 -35.77 -20.20
C LEU C 34 -7.85 -35.45 -19.20
N ARG C 35 -7.53 -36.42 -18.36
CA ARG C 35 -6.50 -36.24 -17.34
C ARG C 35 -5.17 -35.91 -17.99
N ASP C 36 -4.80 -36.63 -19.04
CA ASP C 36 -3.54 -36.38 -19.72
C ASP C 36 -3.54 -34.98 -20.33
N PHE C 37 -4.69 -34.53 -20.81
CA PHE C 37 -4.77 -33.20 -21.40
C PHE C 37 -4.53 -32.12 -20.34
N VAL C 38 -5.23 -32.24 -19.22
CA VAL C 38 -5.08 -31.27 -18.14
C VAL C 38 -3.66 -31.26 -17.57
N LYS C 39 -3.13 -32.44 -17.27
CA LYS C 39 -1.78 -32.54 -16.72
C LYS C 39 -0.74 -31.95 -17.67
N SER C 40 -0.75 -32.38 -18.92
CA SER C 40 0.21 -31.89 -19.90
C SER C 40 0.11 -30.38 -20.11
N HIS C 41 -1.11 -29.84 -20.00
CA HIS C 41 -1.32 -28.41 -20.21
C HIS C 41 -1.11 -27.54 -18.98
N GLY C 42 -0.55 -28.14 -17.93
CA GLY C 42 -0.27 -27.38 -16.72
C GLY C 42 -1.41 -27.13 -15.75
N GLY C 43 -2.52 -27.86 -15.91
CA GLY C 43 -3.66 -27.69 -15.01
C GLY C 43 -3.49 -28.51 -13.74
N HIS C 44 -4.30 -28.22 -12.72
CA HIS C 44 -4.21 -28.92 -11.45
C HIS C 44 -5.39 -29.84 -11.11
N THR C 45 -6.56 -29.54 -11.67
CA THR C 45 -7.74 -30.34 -11.36
C THR C 45 -8.47 -30.82 -12.59
N VAL C 46 -8.89 -32.07 -12.58
CA VAL C 46 -9.64 -32.61 -13.70
C VAL C 46 -11.13 -32.38 -13.47
N ILE C 47 -11.73 -31.54 -14.32
CA ILE C 47 -13.15 -31.25 -14.23
C ILE C 47 -13.83 -32.10 -15.31
N SER C 48 -14.41 -33.22 -14.90
CA SER C 48 -15.07 -34.14 -15.84
C SER C 48 -16.59 -34.15 -15.69
N LYS C 49 -17.10 -33.41 -14.71
CA LYS C 49 -18.54 -33.33 -14.48
C LYS C 49 -18.87 -31.94 -13.97
N ILE C 50 -19.79 -31.28 -14.65
CA ILE C 50 -20.20 -29.92 -14.32
C ILE C 50 -21.70 -29.79 -14.06
N LEU C 51 -22.06 -29.05 -13.02
CA LEU C 51 -23.47 -28.79 -12.72
C LEU C 51 -23.76 -27.39 -13.26
N ILE C 52 -24.79 -27.28 -14.10
CA ILE C 52 -25.15 -25.98 -14.63
C ILE C 52 -26.22 -25.35 -13.74
N ALA C 53 -25.86 -24.26 -13.08
CA ALA C 53 -26.79 -23.55 -12.21
C ALA C 53 -27.44 -22.46 -13.05
N ASN C 54 -28.21 -22.88 -14.06
CA ASN C 54 -28.88 -21.96 -14.96
C ASN C 54 -29.82 -22.78 -15.84
N ASN C 55 -30.52 -22.11 -16.74
CA ASN C 55 -31.44 -22.78 -17.66
C ASN C 55 -31.43 -22.00 -18.97
N GLY C 56 -32.48 -22.18 -19.78
CA GLY C 56 -32.59 -21.47 -21.04
C GLY C 56 -31.39 -21.53 -21.96
N ILE C 57 -31.18 -20.45 -22.72
CA ILE C 57 -30.07 -20.39 -23.66
C ILE C 57 -28.72 -20.48 -22.95
N ALA C 58 -28.63 -19.94 -21.74
CA ALA C 58 -27.36 -20.00 -21.01
C ALA C 58 -26.91 -21.47 -20.88
N ALA C 59 -27.81 -22.31 -20.40
CA ALA C 59 -27.50 -23.73 -20.24
C ALA C 59 -27.19 -24.40 -21.57
N VAL C 60 -27.99 -24.12 -22.60
CA VAL C 60 -27.76 -24.72 -23.91
C VAL C 60 -26.42 -24.30 -24.51
N LYS C 61 -26.09 -23.00 -24.41
CA LYS C 61 -24.83 -22.50 -24.94
C LYS C 61 -23.63 -23.10 -24.24
N GLU C 62 -23.71 -23.23 -22.91
CA GLU C 62 -22.60 -23.79 -22.13
C GLU C 62 -22.35 -25.23 -22.58
N ILE C 63 -23.43 -26.01 -22.71
CA ILE C 63 -23.30 -27.39 -23.13
C ILE C 63 -22.74 -27.52 -24.55
N ARG C 64 -23.31 -26.80 -25.51
CA ARG C 64 -22.83 -26.89 -26.89
C ARG C 64 -21.38 -26.46 -27.07
N SER C 65 -21.02 -25.33 -26.45
CA SER C 65 -19.65 -24.84 -26.57
C SER C 65 -18.63 -25.80 -25.96
N VAL C 66 -18.90 -26.32 -24.77
CA VAL C 66 -17.99 -27.25 -24.13
C VAL C 66 -17.94 -28.59 -24.89
N ARG C 67 -19.11 -29.11 -25.28
CA ARG C 67 -19.12 -30.37 -26.01
C ARG C 67 -18.43 -30.27 -27.36
N LYS C 68 -18.48 -29.10 -28.00
CA LYS C 68 -17.82 -28.94 -29.29
C LYS C 68 -16.31 -29.03 -29.08
N TRP C 69 -15.82 -28.34 -28.06
CA TRP C 69 -14.39 -28.38 -27.71
C TRP C 69 -13.99 -29.81 -27.35
N ALA C 70 -14.84 -30.48 -26.59
CA ALA C 70 -14.57 -31.86 -26.17
C ALA C 70 -14.45 -32.78 -27.38
N TYR C 71 -15.36 -32.62 -28.33
CA TYR C 71 -15.34 -33.45 -29.52
C TYR C 71 -14.07 -33.18 -30.34
N GLU C 72 -13.75 -31.90 -30.55
CA GLU C 72 -12.58 -31.53 -31.32
C GLU C 72 -11.29 -32.00 -30.66
N THR C 73 -11.28 -32.02 -29.34
CA THR C 73 -10.09 -32.39 -28.58
C THR C 73 -9.94 -33.88 -28.23
N PHE C 74 -11.06 -34.55 -27.95
CA PHE C 74 -11.00 -35.94 -27.55
C PHE C 74 -11.76 -36.93 -28.45
N GLY C 75 -12.54 -36.42 -29.40
CA GLY C 75 -13.28 -37.30 -30.28
C GLY C 75 -14.54 -37.84 -29.61
N ASP C 76 -14.78 -37.39 -28.37
CA ASP C 76 -15.95 -37.80 -27.59
C ASP C 76 -16.54 -36.52 -27.01
N ASP C 77 -17.70 -36.13 -27.50
CA ASP C 77 -18.33 -34.89 -27.04
C ASP C 77 -18.92 -34.95 -25.64
N ARG C 78 -18.79 -36.11 -24.99
CA ARG C 78 -19.31 -36.26 -23.63
C ARG C 78 -18.16 -36.47 -22.64
N THR C 79 -16.95 -36.09 -23.05
CA THR C 79 -15.80 -36.25 -22.18
C THR C 79 -16.02 -35.48 -20.88
N VAL C 80 -16.66 -34.32 -20.98
CA VAL C 80 -16.98 -33.53 -19.80
C VAL C 80 -18.50 -33.60 -19.66
N GLN C 81 -18.97 -34.29 -18.61
CA GLN C 81 -20.40 -34.47 -18.38
C GLN C 81 -21.11 -33.26 -17.80
N PHE C 82 -22.40 -33.14 -18.09
CA PHE C 82 -23.22 -32.04 -17.59
C PHE C 82 -24.44 -32.50 -16.82
N VAL C 83 -24.63 -31.91 -15.64
CA VAL C 83 -25.78 -32.21 -14.79
C VAL C 83 -26.65 -30.96 -14.84
N ALA C 84 -27.92 -31.12 -15.18
CA ALA C 84 -28.82 -29.98 -15.26
C ALA C 84 -29.72 -29.90 -14.04
N MET C 85 -30.16 -28.69 -13.72
CA MET C 85 -31.08 -28.45 -12.61
C MET C 85 -32.40 -28.22 -13.35
N ALA C 86 -33.44 -28.93 -12.97
CA ALA C 86 -34.72 -28.79 -13.67
C ALA C 86 -35.91 -28.46 -12.78
N THR C 87 -36.49 -27.29 -13.02
CA THR C 87 -37.66 -26.84 -12.26
C THR C 87 -38.91 -27.41 -12.94
N PRO C 88 -40.06 -27.38 -12.24
CA PRO C 88 -41.31 -27.89 -12.79
C PRO C 88 -41.66 -27.14 -14.08
N GLU C 89 -41.40 -25.83 -14.09
CA GLU C 89 -41.68 -25.01 -15.27
C GLU C 89 -40.92 -25.48 -16.50
N ASP C 90 -39.60 -25.64 -16.37
CA ASP C 90 -38.80 -26.09 -17.50
C ASP C 90 -39.16 -27.51 -17.95
N LEU C 91 -39.41 -28.39 -17.00
CA LEU C 91 -39.78 -29.77 -17.31
C LEU C 91 -41.08 -29.79 -18.12
N GLU C 92 -42.10 -29.13 -17.59
CA GLU C 92 -43.38 -29.08 -18.28
C GLU C 92 -43.24 -28.45 -19.67
N ALA C 93 -42.25 -27.60 -19.84
CA ALA C 93 -42.02 -26.95 -21.12
C ALA C 93 -41.10 -27.78 -22.02
N ASN C 94 -40.58 -28.87 -21.48
CA ASN C 94 -39.66 -29.73 -22.22
C ASN C 94 -38.43 -28.94 -22.66
N ALA C 95 -37.93 -28.09 -21.76
CA ALA C 95 -36.76 -27.26 -22.03
C ALA C 95 -35.64 -28.10 -22.64
N GLU C 96 -35.07 -27.62 -23.73
CA GLU C 96 -34.00 -28.33 -24.43
C GLU C 96 -32.77 -28.69 -23.61
N TYR C 97 -32.31 -27.80 -22.73
CA TYR C 97 -31.11 -28.09 -21.94
C TYR C 97 -31.27 -29.33 -21.06
N ILE C 98 -32.48 -29.63 -20.63
CA ILE C 98 -32.71 -30.80 -19.79
C ILE C 98 -32.49 -32.07 -20.61
N ARG C 99 -32.98 -32.07 -21.84
CA ARG C 99 -32.84 -33.21 -22.75
C ARG C 99 -31.37 -33.39 -23.14
N MET C 100 -30.66 -32.27 -23.30
CA MET C 100 -29.25 -32.29 -23.69
C MET C 100 -28.34 -32.81 -22.60
N ALA C 101 -28.60 -32.39 -21.35
CA ALA C 101 -27.78 -32.81 -20.22
C ALA C 101 -27.62 -34.31 -20.07
N ASP C 102 -26.48 -34.73 -19.54
CA ASP C 102 -26.23 -36.15 -19.34
C ASP C 102 -27.10 -36.69 -18.22
N GLN C 103 -27.46 -35.82 -17.28
CA GLN C 103 -28.34 -36.19 -16.19
C GLN C 103 -28.96 -34.91 -15.64
N TYR C 104 -30.03 -35.04 -14.88
CA TYR C 104 -30.68 -33.87 -14.32
C TYR C 104 -31.26 -34.15 -12.95
N ILE C 105 -31.41 -33.10 -12.16
CA ILE C 105 -31.96 -33.22 -10.83
C ILE C 105 -33.10 -32.23 -10.71
N GLU C 106 -34.25 -32.70 -10.25
CA GLU C 106 -35.41 -31.84 -10.10
C GLU C 106 -35.22 -30.90 -8.93
N VAL C 107 -35.64 -29.65 -9.11
CA VAL C 107 -35.54 -28.63 -8.07
C VAL C 107 -36.89 -27.90 -7.99
N PRO C 108 -37.12 -27.16 -6.89
CA PRO C 108 -38.38 -26.42 -6.71
C PRO C 108 -38.63 -25.37 -7.78
N GLY C 109 -39.90 -25.10 -8.05
CA GLY C 109 -40.25 -24.11 -9.06
C GLY C 109 -40.33 -22.71 -8.48
N GLY C 110 -40.99 -21.81 -9.21
CA GLY C 110 -41.14 -20.45 -8.74
C GLY C 110 -39.98 -19.54 -9.10
N THR C 111 -39.93 -18.36 -8.47
CA THR C 111 -38.87 -17.39 -8.73
C THR C 111 -37.51 -18.02 -8.44
N ASN C 112 -36.45 -17.52 -9.07
CA ASN C 112 -35.13 -18.11 -8.91
C ASN C 112 -34.53 -18.26 -7.52
N ASN C 113 -35.02 -17.50 -6.54
CA ASN C 113 -34.48 -17.65 -5.20
C ASN C 113 -34.78 -19.05 -4.66
N ASN C 114 -35.69 -19.76 -5.34
CA ASN C 114 -36.08 -21.11 -4.94
C ASN C 114 -35.29 -22.16 -5.69
N ASN C 115 -34.57 -21.76 -6.72
CA ASN C 115 -33.85 -22.73 -7.52
C ASN C 115 -32.49 -22.30 -8.06
N TYR C 116 -32.45 -21.84 -9.30
CA TYR C 116 -31.19 -21.45 -9.94
C TYR C 116 -30.32 -20.42 -9.23
N ALA C 117 -30.91 -19.61 -8.36
CA ALA C 117 -30.15 -18.60 -7.64
C ALA C 117 -30.01 -18.93 -6.16
N ASN C 118 -30.48 -20.11 -5.76
CA ASN C 118 -30.39 -20.54 -4.36
C ASN C 118 -29.03 -21.21 -4.16
N VAL C 119 -28.09 -20.48 -3.56
CA VAL C 119 -26.74 -20.99 -3.30
C VAL C 119 -26.70 -22.30 -2.51
N ASP C 120 -27.34 -22.34 -1.34
CA ASP C 120 -27.32 -23.57 -0.55
C ASP C 120 -27.80 -24.78 -1.34
N LEU C 121 -28.82 -24.59 -2.17
CA LEU C 121 -29.36 -25.69 -2.98
C LEU C 121 -28.35 -26.13 -4.03
N ILE C 122 -27.71 -25.15 -4.69
CA ILE C 122 -26.71 -25.45 -5.71
C ILE C 122 -25.58 -26.28 -5.12
N VAL C 123 -25.08 -25.84 -3.96
CA VAL C 123 -24.01 -26.56 -3.29
C VAL C 123 -24.45 -27.97 -2.93
N ASP C 124 -25.65 -28.10 -2.39
CA ASP C 124 -26.19 -29.40 -2.03
C ASP C 124 -26.27 -30.33 -3.24
N ILE C 125 -26.81 -29.81 -4.34
CA ILE C 125 -26.93 -30.59 -5.56
C ILE C 125 -25.55 -30.98 -6.09
N ALA C 126 -24.60 -30.04 -6.05
CA ALA C 126 -23.24 -30.29 -6.53
C ALA C 126 -22.65 -31.47 -5.77
N GLU C 127 -22.85 -31.49 -4.45
CA GLU C 127 -22.34 -32.57 -3.62
C GLU C 127 -23.05 -33.88 -3.93
N ARG C 128 -24.37 -33.83 -4.03
CA ARG C 128 -25.18 -35.01 -4.32
C ARG C 128 -24.84 -35.66 -5.66
N ALA C 129 -24.61 -34.83 -6.68
CA ALA C 129 -24.30 -35.33 -8.01
C ALA C 129 -22.80 -35.58 -8.21
N ASP C 130 -22.02 -35.34 -7.16
CA ASP C 130 -20.57 -35.57 -7.20
C ASP C 130 -19.92 -34.85 -8.38
N VAL C 131 -20.21 -33.55 -8.52
CA VAL C 131 -19.64 -32.78 -9.62
C VAL C 131 -18.32 -32.13 -9.25
N ASP C 132 -17.50 -31.86 -10.26
CA ASP C 132 -16.21 -31.23 -10.04
C ASP C 132 -16.31 -29.70 -10.06
N ALA C 133 -17.33 -29.18 -10.72
CA ALA C 133 -17.47 -27.73 -10.82
C ALA C 133 -18.90 -27.31 -11.12
N VAL C 134 -19.14 -26.01 -10.98
CA VAL C 134 -20.44 -25.42 -11.25
C VAL C 134 -20.23 -24.24 -12.19
N TRP C 135 -21.09 -24.12 -13.20
CA TRP C 135 -21.04 -23.00 -14.15
C TRP C 135 -22.37 -22.31 -13.93
N ALA C 136 -22.35 -21.02 -13.64
CA ALA C 136 -23.57 -20.27 -13.40
C ALA C 136 -23.92 -19.32 -14.54
N GLY C 137 -22.98 -19.13 -15.47
CA GLY C 137 -23.21 -18.25 -16.60
C GLY C 137 -23.53 -16.81 -16.25
N TRP C 138 -24.72 -16.35 -16.62
CA TRP C 138 -25.16 -15.00 -16.31
C TRP C 138 -26.54 -15.03 -15.68
N GLY C 139 -26.85 -14.01 -14.90
CA GLY C 139 -28.13 -13.98 -14.22
C GLY C 139 -28.05 -14.87 -13.00
N HIS C 140 -29.19 -15.09 -12.36
CA HIS C 140 -29.27 -15.94 -11.17
C HIS C 140 -28.21 -15.66 -10.11
N ALA C 141 -27.42 -16.65 -9.71
CA ALA C 141 -26.42 -16.44 -8.67
C ALA C 141 -25.00 -16.24 -9.20
N SER C 142 -24.87 -15.96 -10.50
CA SER C 142 -23.57 -15.79 -11.13
C SER C 142 -22.68 -14.71 -10.51
N GLU C 143 -23.28 -13.71 -9.86
CA GLU C 143 -22.52 -12.62 -9.26
C GLU C 143 -22.54 -12.66 -7.73
N ASN C 144 -22.93 -13.80 -7.17
CA ASN C 144 -23.01 -13.95 -5.72
C ASN C 144 -21.73 -14.62 -5.20
N PRO C 145 -20.87 -13.86 -4.51
CA PRO C 145 -19.63 -14.45 -3.99
C PRO C 145 -19.80 -15.65 -3.07
N LEU C 146 -21.00 -15.78 -2.49
CA LEU C 146 -21.24 -16.91 -1.61
C LEU C 146 -21.26 -18.22 -2.40
N LEU C 147 -21.51 -18.15 -3.70
CA LEU C 147 -21.54 -19.36 -4.50
C LEU C 147 -20.14 -19.99 -4.60
N PRO C 148 -19.12 -19.26 -5.10
CA PRO C 148 -17.80 -19.89 -5.17
C PRO C 148 -17.25 -20.22 -3.78
N GLU C 149 -17.59 -19.38 -2.80
CA GLU C 149 -17.12 -19.59 -1.44
C GLU C 149 -17.67 -20.87 -0.80
N LYS C 150 -18.99 -21.03 -0.81
CA LYS C 150 -19.59 -22.21 -0.23
C LYS C 150 -19.25 -23.49 -0.99
N LEU C 151 -19.06 -23.36 -2.30
CA LEU C 151 -18.69 -24.52 -3.11
C LEU C 151 -17.29 -24.98 -2.71
N SER C 152 -16.38 -24.05 -2.46
CA SER C 152 -15.01 -24.42 -2.09
C SER C 152 -14.91 -24.89 -0.64
N GLN C 153 -15.83 -24.41 0.20
CA GLN C 153 -15.87 -24.78 1.61
C GLN C 153 -16.38 -26.21 1.80
N SER C 154 -17.07 -26.72 0.79
CA SER C 154 -17.60 -28.07 0.82
C SER C 154 -16.47 -29.10 0.88
N LYS C 155 -16.76 -30.26 1.45
CA LYS C 155 -15.78 -31.33 1.55
C LYS C 155 -15.47 -31.83 0.13
N ARG C 156 -16.43 -31.61 -0.77
CA ARG C 156 -16.29 -32.03 -2.16
C ARG C 156 -15.36 -31.09 -2.92
N LYS C 157 -15.08 -29.93 -2.32
CA LYS C 157 -14.19 -28.93 -2.91
C LYS C 157 -14.56 -28.70 -4.37
N VAL C 158 -15.77 -28.17 -4.58
CA VAL C 158 -16.28 -27.91 -5.91
C VAL C 158 -15.74 -26.59 -6.46
N ILE C 159 -15.31 -26.62 -7.71
CA ILE C 159 -14.75 -25.45 -8.37
C ILE C 159 -15.86 -24.60 -8.99
N PHE C 160 -15.64 -23.28 -9.00
CA PHE C 160 -16.60 -22.35 -9.59
C PHE C 160 -15.98 -21.91 -10.90
N ILE C 161 -16.69 -22.11 -12.02
CA ILE C 161 -16.15 -21.69 -13.31
C ILE C 161 -16.50 -20.22 -13.47
N GLY C 162 -15.65 -19.38 -12.89
CA GLY C 162 -15.83 -17.95 -12.92
C GLY C 162 -14.85 -17.32 -11.94
N PRO C 163 -14.98 -16.03 -11.66
CA PRO C 163 -14.06 -15.37 -10.72
C PRO C 163 -14.32 -15.79 -9.28
N PRO C 164 -13.27 -15.78 -8.44
CA PRO C 164 -13.40 -16.16 -7.04
C PRO C 164 -14.17 -15.13 -6.21
N GLY C 165 -14.64 -15.55 -5.04
CA GLY C 165 -15.39 -14.65 -4.17
C GLY C 165 -14.64 -13.37 -3.84
N ASN C 166 -13.35 -13.50 -3.56
CA ASN C 166 -12.52 -12.33 -3.23
C ASN C 166 -12.50 -11.32 -4.36
N ALA C 167 -12.47 -11.81 -5.60
CA ALA C 167 -12.46 -10.92 -6.75
C ALA C 167 -13.77 -10.13 -6.81
N MET C 168 -14.89 -10.83 -6.65
CA MET C 168 -16.19 -10.18 -6.67
C MET C 168 -16.33 -9.17 -5.54
N ARG C 169 -15.92 -9.58 -4.34
CA ARG C 169 -16.00 -8.72 -3.17
C ARG C 169 -15.06 -7.53 -3.22
N SER C 170 -14.00 -7.61 -4.02
CA SER C 170 -13.05 -6.52 -4.13
C SER C 170 -13.65 -5.26 -4.76
N LEU C 171 -14.81 -5.40 -5.39
CA LEU C 171 -15.51 -4.26 -5.99
C LEU C 171 -16.88 -4.19 -5.34
N GLY C 172 -16.96 -3.48 -4.22
CA GLY C 172 -18.19 -3.35 -3.46
C GLY C 172 -19.19 -2.35 -4.02
N ASP C 173 -19.68 -1.46 -3.15
CA ASP C 173 -20.65 -0.47 -3.61
C ASP C 173 -20.03 0.50 -4.61
N LYS C 174 -20.81 1.48 -5.06
CA LYS C 174 -20.32 2.42 -6.05
C LYS C 174 -19.15 3.27 -5.55
N ILE C 175 -19.16 3.60 -4.27
CA ILE C 175 -18.07 4.41 -3.72
C ILE C 175 -16.77 3.61 -3.68
N SER C 176 -16.81 2.47 -3.00
CA SER C 176 -15.64 1.61 -2.88
C SER C 176 -15.12 1.17 -4.25
N SER C 177 -16.03 0.77 -5.13
CA SER C 177 -15.64 0.30 -6.45
C SER C 177 -14.87 1.36 -7.23
N THR C 178 -15.35 2.60 -7.19
CA THR C 178 -14.72 3.70 -7.90
C THR C 178 -13.34 4.01 -7.36
N ILE C 179 -13.21 4.00 -6.03
CA ILE C 179 -11.91 4.26 -5.40
C ILE C 179 -10.93 3.18 -5.85
N VAL C 180 -11.38 1.94 -5.91
CA VAL C 180 -10.52 0.84 -6.36
C VAL C 180 -10.12 1.06 -7.81
N ALA C 181 -11.08 1.45 -8.65
CA ALA C 181 -10.78 1.71 -10.06
C ALA C 181 -9.75 2.85 -10.19
N GLN C 182 -9.92 3.88 -9.37
CA GLN C 182 -9.00 5.01 -9.41
C GLN C 182 -7.60 4.61 -8.93
N SER C 183 -7.54 3.61 -8.05
CA SER C 183 -6.23 3.17 -7.56
C SER C 183 -5.50 2.41 -8.66
N ALA C 184 -6.26 1.93 -9.64
CA ALA C 184 -5.68 1.21 -10.78
C ALA C 184 -5.51 2.19 -11.94
N LYS C 185 -5.68 3.48 -11.63
CA LYS C 185 -5.56 4.54 -12.62
C LYS C 185 -6.55 4.42 -13.77
N VAL C 186 -7.79 4.07 -13.44
CA VAL C 186 -8.84 3.96 -14.44
C VAL C 186 -9.61 5.27 -14.31
N PRO C 187 -9.76 6.01 -15.42
CA PRO C 187 -10.49 7.29 -15.35
C PRO C 187 -11.94 7.07 -14.92
N CYS C 188 -12.43 7.93 -14.05
CA CYS C 188 -13.82 7.84 -13.58
C CYS C 188 -14.54 9.17 -13.72
N ILE C 189 -15.86 9.11 -13.76
CA ILE C 189 -16.70 10.29 -13.88
C ILE C 189 -16.49 11.21 -12.67
N PRO C 190 -16.33 12.52 -12.89
CA PRO C 190 -16.13 13.46 -11.78
C PRO C 190 -17.15 13.26 -10.67
N TRP C 191 -16.66 13.10 -9.45
CA TRP C 191 -17.55 12.89 -8.32
C TRP C 191 -16.92 13.37 -7.01
N SER C 192 -17.66 13.25 -5.92
CA SER C 192 -17.15 13.69 -4.62
C SER C 192 -15.86 12.97 -4.22
N GLY C 193 -15.64 11.79 -4.80
CA GLY C 193 -14.46 11.02 -4.47
C GLY C 193 -13.34 11.03 -5.53
N THR C 194 -13.43 11.92 -6.51
CA THR C 194 -12.38 11.99 -7.51
C THR C 194 -11.05 12.17 -6.79
N GLY C 195 -10.01 11.46 -7.22
CA GLY C 195 -8.72 11.59 -6.58
C GLY C 195 -8.49 10.69 -5.39
N VAL C 196 -9.56 10.12 -4.83
CA VAL C 196 -9.43 9.22 -3.68
C VAL C 196 -9.05 7.88 -4.28
N ASP C 197 -7.82 7.44 -4.03
CA ASP C 197 -7.33 6.22 -4.64
C ASP C 197 -6.48 5.30 -3.76
N THR C 198 -6.67 5.35 -2.45
CA THR C 198 -5.90 4.50 -1.55
C THR C 198 -6.68 3.26 -1.15
N VAL C 199 -6.11 2.09 -1.41
CA VAL C 199 -6.78 0.83 -1.09
C VAL C 199 -5.95 -0.10 -0.22
N HIS C 200 -6.62 -1.05 0.42
CA HIS C 200 -5.95 -2.02 1.26
C HIS C 200 -6.08 -3.40 0.63
N VAL C 201 -4.96 -4.12 0.52
CA VAL C 201 -4.99 -5.45 -0.06
C VAL C 201 -4.56 -6.47 0.98
N ASP C 202 -5.44 -7.42 1.27
CA ASP C 202 -5.13 -8.45 2.24
C ASP C 202 -4.05 -9.31 1.60
N GLU C 203 -2.89 -9.37 2.23
CA GLU C 203 -1.79 -10.14 1.69
C GLU C 203 -2.00 -11.65 1.70
N LYS C 204 -3.01 -12.11 2.44
CA LYS C 204 -3.31 -13.53 2.51
C LYS C 204 -4.32 -13.95 1.45
N THR C 205 -5.44 -13.23 1.38
CA THR C 205 -6.50 -13.55 0.43
C THR C 205 -6.47 -12.71 -0.84
N GLY C 206 -5.82 -11.56 -0.80
CA GLY C 206 -5.76 -10.70 -1.97
C GLY C 206 -7.00 -9.82 -2.07
N LEU C 207 -7.90 -9.95 -1.11
CA LEU C 207 -9.12 -9.16 -1.08
C LEU C 207 -8.79 -7.67 -1.00
N VAL C 208 -9.33 -6.90 -1.95
CA VAL C 208 -9.10 -5.46 -1.95
C VAL C 208 -10.25 -4.77 -1.25
N SER C 209 -9.93 -3.84 -0.35
CA SER C 209 -10.94 -3.12 0.36
C SER C 209 -10.51 -1.66 0.51
N VAL C 210 -11.39 -0.85 1.07
CA VAL C 210 -11.08 0.56 1.29
C VAL C 210 -11.33 0.87 2.75
N ASP C 211 -10.32 1.36 3.46
CA ASP C 211 -10.46 1.70 4.87
C ASP C 211 -11.53 2.79 4.99
N ASP C 212 -12.28 2.78 6.09
CA ASP C 212 -13.34 3.75 6.26
C ASP C 212 -12.87 5.21 6.17
N ASP C 213 -11.70 5.50 6.72
CA ASP C 213 -11.17 6.86 6.67
C ASP C 213 -10.96 7.34 5.24
N ILE C 214 -10.64 6.41 4.34
CA ILE C 214 -10.44 6.76 2.94
C ILE C 214 -11.81 6.84 2.24
N TYR C 215 -12.66 5.85 2.52
CA TYR C 215 -14.00 5.77 1.94
C TYR C 215 -14.78 7.05 2.24
N GLN C 216 -14.65 7.58 3.44
CA GLN C 216 -15.39 8.79 3.79
C GLN C 216 -14.98 10.02 3.00
N LYS C 217 -13.80 10.01 2.38
CA LYS C 217 -13.35 11.15 1.59
C LYS C 217 -14.26 11.35 0.37
N GLY C 218 -14.98 10.32 -0.01
CA GLY C 218 -15.87 10.42 -1.16
C GLY C 218 -17.33 10.58 -0.77
N CYS C 219 -17.57 10.68 0.53
CA CYS C 219 -18.92 10.81 1.07
C CYS C 219 -19.23 12.22 1.51
N CYS C 220 -20.51 12.50 1.71
CA CYS C 220 -20.97 13.80 2.16
C CYS C 220 -21.25 13.72 3.66
N THR C 221 -20.88 14.76 4.39
CA THR C 221 -21.09 14.78 5.84
C THR C 221 -22.44 15.40 6.18
N SER C 222 -23.05 16.07 5.21
CA SER C 222 -24.33 16.73 5.41
C SER C 222 -24.87 17.23 4.08
N PRO C 223 -26.16 17.62 4.03
CA PRO C 223 -26.73 18.12 2.78
C PRO C 223 -25.92 19.32 2.29
N GLU C 224 -25.55 20.18 3.23
CA GLU C 224 -24.77 21.38 2.93
C GLU C 224 -23.43 21.01 2.28
N ASP C 225 -22.73 20.05 2.90
CA ASP C 225 -21.45 19.59 2.40
C ASP C 225 -21.64 19.02 0.99
N GLY C 226 -22.73 18.30 0.78
CA GLY C 226 -23.00 17.74 -0.53
C GLY C 226 -23.21 18.85 -1.55
N LEU C 227 -23.85 19.93 -1.12
CA LEU C 227 -24.11 21.06 -2.02
C LEU C 227 -22.82 21.74 -2.46
N GLN C 228 -21.89 21.96 -1.53
CA GLN C 228 -20.63 22.60 -1.90
C GLN C 228 -19.92 21.73 -2.94
N LYS C 229 -19.92 20.42 -2.69
CA LYS C 229 -19.29 19.46 -3.60
C LYS C 229 -19.95 19.53 -4.98
N ALA C 230 -21.28 19.53 -5.00
CA ALA C 230 -22.02 19.59 -6.25
C ALA C 230 -21.67 20.86 -7.02
N LYS C 231 -21.49 21.96 -6.31
CA LYS C 231 -21.14 23.24 -6.92
C LYS C 231 -19.82 23.14 -7.69
N ARG C 232 -18.81 22.52 -7.07
CA ARG C 232 -17.52 22.36 -7.73
C ARG C 232 -17.66 21.49 -8.97
N ILE C 233 -18.33 20.35 -8.80
CA ILE C 233 -18.54 19.41 -9.90
C ILE C 233 -19.30 20.08 -11.04
N GLY C 234 -20.32 20.85 -10.70
CA GLY C 234 -21.10 21.53 -11.71
C GLY C 234 -22.39 20.78 -12.04
N PHE C 235 -23.51 21.49 -11.98
CA PHE C 235 -24.81 20.90 -12.27
C PHE C 235 -25.01 20.64 -13.77
N PRO C 236 -25.83 19.63 -14.12
CA PRO C 236 -26.57 18.78 -13.19
C PRO C 236 -25.71 17.70 -12.54
N VAL C 237 -26.14 17.24 -11.36
CA VAL C 237 -25.43 16.20 -10.64
C VAL C 237 -26.41 15.14 -10.16
N MET C 238 -25.86 14.05 -9.67
CA MET C 238 -26.67 12.95 -9.15
C MET C 238 -26.29 12.78 -7.69
N ILE C 239 -27.29 12.68 -6.82
CA ILE C 239 -27.05 12.44 -5.40
C ILE C 239 -27.36 10.97 -5.28
N LYS C 240 -26.42 10.16 -4.79
CA LYS C 240 -26.67 8.73 -4.70
C LYS C 240 -26.29 8.08 -3.38
N ALA C 241 -27.19 7.29 -2.82
CA ALA C 241 -26.91 6.55 -1.60
C ALA C 241 -26.17 5.30 -2.06
N SER C 242 -24.96 5.09 -1.53
CA SER C 242 -24.15 3.94 -1.92
C SER C 242 -24.80 2.58 -1.65
N GLU C 243 -25.65 2.52 -0.63
CA GLU C 243 -26.31 1.26 -0.26
C GLU C 243 -27.61 1.01 -1.01
N GLY C 244 -28.02 1.97 -1.83
CA GLY C 244 -29.26 1.81 -2.56
C GLY C 244 -29.09 1.08 -3.88
N GLY C 245 -30.20 0.85 -4.56
CA GLY C 245 -30.15 0.18 -5.85
C GLY C 245 -30.05 1.20 -6.96
N GLY C 246 -30.02 0.73 -8.20
CA GLY C 246 -29.92 1.65 -9.32
C GLY C 246 -31.21 2.43 -9.52
N GLY C 247 -32.13 2.29 -8.57
CA GLY C 247 -33.40 2.99 -8.65
C GLY C 247 -33.74 3.83 -7.44
N LYS C 248 -33.53 3.28 -6.25
CA LYS C 248 -33.84 3.99 -5.02
C LYS C 248 -32.60 4.63 -4.39
N GLY C 249 -32.83 5.74 -3.67
CA GLY C 249 -31.73 6.44 -3.04
C GLY C 249 -30.94 7.28 -4.01
N ILE C 250 -31.57 7.62 -5.13
CA ILE C 250 -30.92 8.43 -6.16
C ILE C 250 -31.83 9.58 -6.58
N ARG C 251 -31.24 10.75 -6.82
CA ARG C 251 -31.99 11.92 -7.26
C ARG C 251 -31.12 12.78 -8.17
N GLN C 252 -31.67 13.19 -9.31
CA GLN C 252 -30.94 14.06 -10.23
C GLN C 252 -31.24 15.48 -9.79
N VAL C 253 -30.22 16.33 -9.77
CA VAL C 253 -30.40 17.72 -9.36
C VAL C 253 -29.99 18.63 -10.51
N GLU C 254 -30.93 19.47 -10.95
CA GLU C 254 -30.67 20.40 -12.06
C GLU C 254 -30.23 21.78 -11.58
N ARG C 255 -30.84 22.26 -10.51
CA ARG C 255 -30.53 23.57 -9.96
C ARG C 255 -30.08 23.51 -8.51
N GLU C 256 -29.37 24.54 -8.07
CA GLU C 256 -28.88 24.62 -6.71
C GLU C 256 -29.99 24.69 -5.67
N GLU C 257 -31.02 25.50 -5.93
CA GLU C 257 -32.12 25.64 -4.98
C GLU C 257 -32.94 24.38 -4.77
N ASP C 258 -32.66 23.33 -5.54
CA ASP C 258 -33.39 22.07 -5.39
C ASP C 258 -32.55 21.01 -4.68
N PHE C 259 -31.25 21.24 -4.58
CA PHE C 259 -30.34 20.29 -3.97
C PHE C 259 -30.64 19.80 -2.56
N ILE C 260 -30.70 20.70 -1.59
CA ILE C 260 -30.95 20.29 -0.21
C ILE C 260 -32.15 19.37 -0.03
N ALA C 261 -33.31 19.79 -0.55
CA ALA C 261 -34.52 19.00 -0.44
C ALA C 261 -34.39 17.61 -1.08
N LEU C 262 -33.76 17.56 -2.25
CA LEU C 262 -33.58 16.30 -2.96
C LEU C 262 -32.55 15.42 -2.27
N TYR C 263 -31.61 16.04 -1.56
CA TYR C 263 -30.59 15.30 -0.83
C TYR C 263 -31.26 14.48 0.27
N HIS C 264 -32.20 15.10 0.98
CA HIS C 264 -32.91 14.41 2.06
C HIS C 264 -33.79 13.30 1.50
N GLN C 265 -34.44 13.57 0.38
CA GLN C 265 -35.32 12.57 -0.24
C GLN C 265 -34.56 11.30 -0.60
N ALA C 266 -33.36 11.47 -1.13
CA ALA C 266 -32.52 10.33 -1.50
C ALA C 266 -32.04 9.60 -0.25
N ALA C 267 -31.48 10.36 0.70
CA ALA C 267 -30.96 9.79 1.93
C ALA C 267 -32.03 9.03 2.73
N ASN C 268 -33.23 9.59 2.80
CA ASN C 268 -34.31 8.97 3.55
C ASN C 268 -34.80 7.64 2.96
N GLU C 269 -34.64 7.45 1.65
CA GLU C 269 -35.07 6.20 1.03
C GLU C 269 -34.19 5.02 1.44
N ILE C 270 -32.94 5.32 1.79
CA ILE C 270 -32.00 4.29 2.23
C ILE C 270 -31.34 4.84 3.50
N PRO C 271 -32.11 4.89 4.60
CA PRO C 271 -31.62 5.41 5.88
C PRO C 271 -30.25 4.88 6.33
N GLY C 272 -29.42 5.81 6.78
CA GLY C 272 -28.09 5.46 7.27
C GLY C 272 -27.05 5.21 6.21
N SER C 273 -27.47 5.17 4.94
CA SER C 273 -26.53 4.91 3.86
C SER C 273 -25.62 6.10 3.57
N PRO C 274 -24.37 5.82 3.19
CA PRO C 274 -23.43 6.90 2.87
C PRO C 274 -23.97 7.54 1.60
N ILE C 275 -23.64 8.82 1.39
CA ILE C 275 -24.10 9.52 0.20
C ILE C 275 -22.95 10.15 -0.57
N PHE C 276 -22.94 9.99 -1.89
CA PHE C 276 -21.91 10.60 -2.71
C PHE C 276 -22.55 11.40 -3.83
N ILE C 277 -21.79 12.31 -4.41
CA ILE C 277 -22.27 13.16 -5.49
C ILE C 277 -21.49 12.83 -6.76
N MET C 278 -22.18 12.74 -7.88
CA MET C 278 -21.50 12.44 -9.14
C MET C 278 -22.07 13.26 -10.28
N LYS C 279 -21.20 13.68 -11.20
CA LYS C 279 -21.63 14.47 -12.34
C LYS C 279 -22.56 13.65 -13.22
N LEU C 280 -23.53 14.33 -13.83
CA LEU C 280 -24.47 13.67 -14.71
C LEU C 280 -23.95 13.79 -16.14
N ALA C 281 -23.94 12.69 -16.89
CA ALA C 281 -23.46 12.71 -18.26
C ALA C 281 -24.62 12.99 -19.22
N GLY C 282 -24.38 13.86 -20.20
CA GLY C 282 -25.42 14.19 -21.16
C GLY C 282 -25.66 13.07 -22.15
N ARG C 283 -24.76 12.93 -23.11
CA ARG C 283 -24.88 11.87 -24.11
C ARG C 283 -23.54 11.17 -24.24
N ALA C 284 -23.57 9.85 -24.27
CA ALA C 284 -22.34 9.06 -24.39
C ALA C 284 -22.63 7.67 -24.90
N ARG C 285 -21.58 6.97 -25.33
CA ARG C 285 -21.70 5.62 -25.84
C ARG C 285 -21.31 4.63 -24.75
N HIS C 286 -22.01 3.50 -24.70
CA HIS C 286 -21.73 2.48 -23.71
C HIS C 286 -20.81 1.45 -24.35
N LEU C 287 -19.54 1.48 -23.96
CA LEU C 287 -18.56 0.54 -24.49
C LEU C 287 -18.13 -0.47 -23.44
N GLU C 288 -17.61 -1.60 -23.90
CA GLU C 288 -17.15 -2.65 -22.99
C GLU C 288 -15.87 -3.27 -23.51
N VAL C 289 -15.07 -3.79 -22.59
CA VAL C 289 -13.83 -4.47 -22.92
C VAL C 289 -14.01 -5.88 -22.35
N GLN C 290 -13.83 -6.89 -23.18
CA GLN C 290 -13.96 -8.28 -22.73
C GLN C 290 -12.64 -8.65 -22.07
N LEU C 291 -12.74 -9.08 -20.81
CA LEU C 291 -11.56 -9.47 -20.06
C LEU C 291 -11.53 -10.98 -19.89
N LEU C 292 -10.35 -11.57 -19.97
CA LEU C 292 -10.20 -13.00 -19.76
C LEU C 292 -8.93 -13.16 -18.93
N ALA C 293 -9.03 -13.84 -17.79
CA ALA C 293 -7.87 -14.00 -16.94
C ALA C 293 -7.70 -15.42 -16.46
N ASP C 294 -6.45 -15.86 -16.31
CA ASP C 294 -6.24 -17.21 -15.82
C ASP C 294 -5.96 -17.13 -14.32
N GLN C 295 -5.53 -18.22 -13.73
CA GLN C 295 -5.27 -18.22 -12.29
C GLN C 295 -3.86 -17.86 -11.89
N TYR C 296 -3.08 -17.35 -12.85
CA TYR C 296 -1.69 -17.01 -12.58
C TYR C 296 -1.38 -15.53 -12.78
N GLY C 297 -2.42 -14.70 -12.67
CA GLY C 297 -2.24 -13.26 -12.82
C GLY C 297 -2.28 -12.71 -14.23
N THR C 298 -2.45 -13.57 -15.22
CA THR C 298 -2.48 -13.13 -16.60
C THR C 298 -3.88 -12.67 -17.02
N ASN C 299 -3.99 -11.37 -17.28
CA ASN C 299 -5.26 -10.77 -17.71
C ASN C 299 -5.08 -10.22 -19.11
N ILE C 300 -5.95 -10.62 -20.03
CA ILE C 300 -5.87 -10.11 -21.39
C ILE C 300 -7.23 -9.60 -21.82
N SER C 301 -7.25 -8.81 -22.87
CA SER C 301 -8.50 -8.29 -23.39
C SER C 301 -8.76 -9.01 -24.71
N LEU C 302 -10.03 -9.20 -25.04
CA LEU C 302 -10.41 -9.85 -26.29
C LEU C 302 -11.23 -8.82 -27.03
N PHE C 303 -10.57 -7.70 -27.33
CA PHE C 303 -11.21 -6.58 -28.00
C PHE C 303 -12.38 -6.12 -27.14
N GLY C 304 -13.37 -5.49 -27.73
CA GLY C 304 -14.50 -5.02 -26.94
C GLY C 304 -15.81 -5.01 -27.68
N ARG C 305 -16.83 -4.43 -27.06
CA ARG C 305 -18.16 -4.34 -27.65
C ARG C 305 -18.72 -2.92 -27.51
N ASP C 306 -19.56 -2.53 -28.47
CA ASP C 306 -20.17 -1.22 -28.49
C ASP C 306 -21.69 -1.38 -28.47
N CYS C 307 -22.34 -0.83 -27.46
CA CYS C 307 -23.80 -0.91 -27.40
C CYS C 307 -24.35 0.42 -27.90
N SER C 308 -24.98 0.38 -29.08
CA SER C 308 -25.53 1.57 -29.70
C SER C 308 -26.99 1.86 -29.35
N VAL C 309 -27.70 0.84 -28.89
CA VAL C 309 -29.10 1.03 -28.52
C VAL C 309 -29.46 0.30 -27.24
N GLN C 310 -30.15 1.01 -26.35
CA GLN C 310 -30.60 0.47 -25.07
C GLN C 310 -31.97 1.03 -24.77
N ARG C 311 -32.89 0.18 -24.33
CA ARG C 311 -34.24 0.63 -23.99
C ARG C 311 -34.16 1.32 -22.63
N ARG C 312 -33.67 0.59 -21.63
CA ARG C 312 -33.49 1.09 -20.28
C ARG C 312 -32.03 0.79 -19.96
N HIS C 313 -31.81 -0.39 -19.39
CA HIS C 313 -30.47 -0.87 -19.06
C HIS C 313 -30.31 -2.10 -19.95
N GLN C 314 -31.35 -2.35 -20.75
CA GLN C 314 -31.38 -3.49 -21.65
C GLN C 314 -30.69 -3.17 -22.98
N LYS C 315 -29.61 -3.92 -23.26
CA LYS C 315 -28.86 -3.73 -24.50
C LYS C 315 -29.68 -4.27 -25.66
N ILE C 316 -29.89 -3.43 -26.66
CA ILE C 316 -30.68 -3.83 -27.83
C ILE C 316 -29.77 -4.14 -29.02
N ILE C 317 -28.88 -3.21 -29.35
CA ILE C 317 -27.95 -3.42 -30.45
C ILE C 317 -26.53 -3.31 -29.91
N GLU C 318 -25.75 -4.37 -30.10
CA GLU C 318 -24.37 -4.40 -29.62
C GLU C 318 -23.49 -4.97 -30.74
N GLU C 319 -22.27 -4.46 -30.85
CA GLU C 319 -21.36 -4.92 -31.89
C GLU C 319 -19.93 -5.10 -31.43
N ALA C 320 -19.19 -5.93 -32.16
CA ALA C 320 -17.78 -6.18 -31.89
C ALA C 320 -17.07 -6.27 -33.23
N PRO C 321 -15.87 -5.68 -33.35
CA PRO C 321 -15.15 -4.95 -32.31
C PRO C 321 -15.66 -3.51 -32.23
N VAL C 322 -15.01 -2.69 -31.41
CA VAL C 322 -15.40 -1.29 -31.27
C VAL C 322 -14.65 -0.49 -32.34
N THR C 323 -15.33 0.44 -32.99
CA THR C 323 -14.71 1.24 -34.04
C THR C 323 -14.98 2.74 -33.89
N ILE C 324 -15.91 3.09 -33.01
CA ILE C 324 -16.26 4.48 -32.79
C ILE C 324 -15.16 5.33 -32.15
N ALA C 325 -14.30 4.71 -31.35
CA ALA C 325 -13.22 5.44 -30.70
C ALA C 325 -11.90 5.25 -31.43
N LYS C 326 -10.97 6.17 -31.22
CA LYS C 326 -9.66 6.08 -31.84
C LYS C 326 -8.99 4.79 -31.39
N ALA C 327 -8.22 4.18 -32.27
CA ALA C 327 -7.52 2.94 -31.97
C ALA C 327 -6.74 3.00 -30.66
N GLU C 328 -5.93 4.04 -30.51
CA GLU C 328 -5.13 4.18 -29.29
C GLU C 328 -6.01 4.41 -28.08
N THR C 329 -7.13 5.10 -28.28
CA THR C 329 -8.04 5.38 -27.18
C THR C 329 -8.64 4.08 -26.65
N PHE C 330 -9.09 3.20 -27.55
CA PHE C 330 -9.67 1.95 -27.08
C PHE C 330 -8.58 1.09 -26.45
N HIS C 331 -7.34 1.22 -26.94
CA HIS C 331 -6.24 0.44 -26.38
C HIS C 331 -6.03 0.85 -24.93
N GLU C 332 -6.31 2.12 -24.63
CA GLU C 332 -6.17 2.63 -23.27
C GLU C 332 -7.27 2.03 -22.41
N MET C 333 -8.46 1.86 -22.98
CA MET C 333 -9.57 1.27 -22.24
C MET C 333 -9.22 -0.20 -21.97
N GLU C 334 -8.57 -0.85 -22.93
CA GLU C 334 -8.17 -2.24 -22.77
C GLU C 334 -7.11 -2.37 -21.68
N LYS C 335 -6.12 -1.48 -21.72
CA LYS C 335 -5.04 -1.50 -20.73
C LYS C 335 -5.58 -1.27 -19.32
N ALA C 336 -6.48 -0.30 -19.18
CA ALA C 336 -7.07 0.02 -17.88
C ALA C 336 -7.88 -1.17 -17.36
N ALA C 337 -8.58 -1.85 -18.26
CA ALA C 337 -9.38 -3.00 -17.87
C ALA C 337 -8.47 -4.10 -17.33
N VAL C 338 -7.32 -4.30 -17.98
CA VAL C 338 -6.36 -5.30 -17.56
C VAL C 338 -5.75 -4.93 -16.20
N ARG C 339 -5.49 -3.65 -15.99
CA ARG C 339 -4.93 -3.23 -14.71
C ARG C 339 -5.94 -3.55 -13.60
N LEU C 340 -7.20 -3.22 -13.84
CA LEU C 340 -8.24 -3.47 -12.85
C LEU C 340 -8.38 -4.96 -12.56
N GLY C 341 -8.38 -5.77 -13.61
CA GLY C 341 -8.50 -7.22 -13.42
C GLY C 341 -7.37 -7.77 -12.57
N LYS C 342 -6.15 -7.34 -12.87
CA LYS C 342 -4.99 -7.81 -12.10
C LYS C 342 -5.10 -7.41 -10.64
N LEU C 343 -5.48 -6.16 -10.40
CA LEU C 343 -5.60 -5.65 -9.04
C LEU C 343 -6.57 -6.42 -8.16
N VAL C 344 -7.76 -6.73 -8.69
CA VAL C 344 -8.75 -7.44 -7.88
C VAL C 344 -8.59 -8.96 -7.90
N GLY C 345 -7.57 -9.45 -8.59
CA GLY C 345 -7.32 -10.88 -8.66
C GLY C 345 -8.38 -11.60 -9.48
N TYR C 346 -8.80 -10.99 -10.57
CA TYR C 346 -9.83 -11.59 -11.41
C TYR C 346 -9.38 -12.90 -12.06
N VAL C 347 -10.35 -13.76 -12.33
CA VAL C 347 -10.11 -15.05 -12.98
C VAL C 347 -11.33 -15.31 -13.86
N SER C 348 -11.10 -15.91 -15.02
CA SER C 348 -12.17 -16.26 -15.97
C SER C 348 -12.60 -15.07 -16.84
N ALA C 349 -13.83 -15.14 -17.36
CA ALA C 349 -14.37 -14.08 -18.20
C ALA C 349 -15.08 -12.97 -17.42
N GLY C 350 -14.83 -11.74 -17.83
CA GLY C 350 -15.46 -10.61 -17.17
C GLY C 350 -15.57 -9.45 -18.15
N THR C 351 -16.39 -8.46 -17.82
CA THR C 351 -16.57 -7.31 -18.68
C THR C 351 -16.39 -6.00 -17.93
N VAL C 352 -15.58 -5.11 -18.49
CA VAL C 352 -15.38 -3.81 -17.88
C VAL C 352 -16.18 -2.83 -18.73
N GLU C 353 -17.20 -2.24 -18.13
CA GLU C 353 -18.05 -1.28 -18.82
C GLU C 353 -17.51 0.14 -18.69
N TYR C 354 -17.64 0.91 -19.77
CA TYR C 354 -17.17 2.29 -19.83
C TYR C 354 -18.22 3.21 -20.41
N LEU C 355 -18.12 4.48 -20.06
CA LEU C 355 -19.01 5.49 -20.61
C LEU C 355 -18.06 6.27 -21.50
N TYR C 356 -18.34 6.30 -22.81
CA TYR C 356 -17.48 6.98 -23.76
C TYR C 356 -18.11 8.25 -24.34
N SER C 357 -17.39 9.37 -24.21
CA SER C 357 -17.86 10.65 -24.72
C SER C 357 -17.06 10.96 -25.98
N HIS C 358 -17.65 10.68 -27.15
CA HIS C 358 -16.95 10.92 -28.40
C HIS C 358 -16.53 12.39 -28.58
N ASP C 359 -17.32 13.30 -28.03
CA ASP C 359 -17.03 14.73 -28.13
C ASP C 359 -15.56 15.04 -27.82
N ASP C 360 -15.12 14.64 -26.63
CA ASP C 360 -13.74 14.87 -26.20
C ASP C 360 -12.89 13.61 -26.23
N GLY C 361 -13.46 12.53 -26.74
CA GLY C 361 -12.71 11.28 -26.82
C GLY C 361 -12.28 10.71 -25.47
N LYS C 362 -13.03 11.02 -24.43
CA LYS C 362 -12.70 10.53 -23.09
C LYS C 362 -13.62 9.39 -22.67
N PHE C 363 -13.13 8.52 -21.80
CA PHE C 363 -13.90 7.37 -21.32
C PHE C 363 -13.84 7.28 -19.80
N TYR C 364 -14.89 6.72 -19.20
CA TYR C 364 -14.99 6.60 -17.76
C TYR C 364 -15.47 5.22 -17.31
N PHE C 365 -14.89 4.73 -16.23
CA PHE C 365 -15.24 3.43 -15.67
C PHE C 365 -16.67 3.43 -15.16
N LEU C 366 -17.41 2.37 -15.46
CA LEU C 366 -18.78 2.24 -14.98
C LEU C 366 -18.81 1.11 -13.96
N GLU C 367 -18.33 -0.05 -14.37
CA GLU C 367 -18.28 -1.20 -13.49
C GLU C 367 -17.66 -2.41 -14.16
N LEU C 368 -17.38 -3.42 -13.36
CA LEU C 368 -16.83 -4.65 -13.88
C LEU C 368 -17.87 -5.72 -13.58
N ASN C 369 -18.44 -6.29 -14.64
CA ASN C 369 -19.44 -7.36 -14.51
C ASN C 369 -18.61 -8.64 -14.43
N PRO C 370 -18.61 -9.29 -13.25
CA PRO C 370 -17.86 -10.52 -12.99
C PRO C 370 -18.46 -11.80 -13.54
N ARG C 371 -18.74 -11.82 -14.84
CA ARG C 371 -19.35 -12.98 -15.46
C ARG C 371 -19.35 -12.86 -16.96
N LEU C 372 -19.71 -13.95 -17.63
CA LEU C 372 -19.83 -13.96 -19.08
C LEU C 372 -21.21 -13.31 -19.29
N GLN C 373 -21.45 -12.72 -20.45
CA GLN C 373 -22.75 -12.10 -20.71
C GLN C 373 -23.41 -12.80 -21.89
N VAL C 374 -24.72 -12.66 -22.01
CA VAL C 374 -25.47 -13.33 -23.08
C VAL C 374 -25.00 -12.96 -24.49
N GLU C 375 -24.49 -11.74 -24.66
CA GLU C 375 -24.02 -11.32 -25.97
C GLU C 375 -22.58 -11.73 -26.27
N HIS C 376 -21.99 -12.61 -25.46
CA HIS C 376 -20.61 -13.01 -25.68
C HIS C 376 -20.27 -13.59 -27.06
N PRO C 377 -21.25 -14.21 -27.76
CA PRO C 377 -20.88 -14.75 -29.08
C PRO C 377 -20.38 -13.70 -30.08
N THR C 378 -20.70 -12.43 -29.85
CA THR C 378 -20.24 -11.37 -30.74
C THR C 378 -18.72 -11.32 -30.67
N THR C 379 -18.20 -11.40 -29.44
CA THR C 379 -16.76 -11.38 -29.22
C THR C 379 -16.13 -12.70 -29.68
N GLU C 380 -16.82 -13.80 -29.43
CA GLU C 380 -16.32 -15.11 -29.84
C GLU C 380 -16.11 -15.14 -31.34
N MET C 381 -17.09 -14.63 -32.09
CA MET C 381 -17.01 -14.65 -33.55
C MET C 381 -15.85 -13.84 -34.12
N VAL C 382 -15.60 -12.65 -33.57
CA VAL C 382 -14.51 -11.83 -34.08
C VAL C 382 -13.13 -12.17 -33.52
N SER C 383 -13.08 -12.94 -32.43
CA SER C 383 -11.81 -13.34 -31.82
C SER C 383 -11.50 -14.80 -32.10
N GLY C 384 -12.52 -15.55 -32.50
CA GLY C 384 -12.34 -16.97 -32.76
C GLY C 384 -12.26 -17.80 -31.49
N VAL C 385 -12.46 -17.15 -30.34
CA VAL C 385 -12.37 -17.85 -29.06
C VAL C 385 -13.67 -18.46 -28.54
N ASN C 386 -13.62 -19.75 -28.22
CA ASN C 386 -14.76 -20.46 -27.64
C ASN C 386 -14.64 -20.08 -26.16
N LEU C 387 -15.44 -19.10 -25.72
CA LEU C 387 -15.34 -18.64 -24.33
C LEU C 387 -15.68 -19.67 -23.24
N PRO C 388 -16.77 -20.44 -23.42
CA PRO C 388 -17.06 -21.42 -22.36
C PRO C 388 -15.95 -22.45 -22.23
N ALA C 389 -15.32 -22.81 -23.36
CA ALA C 389 -14.22 -23.78 -23.31
C ALA C 389 -13.01 -23.14 -22.63
N ALA C 390 -12.78 -21.86 -22.91
CA ALA C 390 -11.65 -21.16 -22.29
C ALA C 390 -11.89 -21.08 -20.78
N GLN C 391 -13.12 -20.73 -20.38
CA GLN C 391 -13.45 -20.66 -18.96
C GLN C 391 -13.15 -21.97 -18.27
N LEU C 392 -13.60 -23.06 -18.88
CA LEU C 392 -13.41 -24.40 -18.31
C LEU C 392 -11.94 -24.76 -18.13
N GLN C 393 -11.13 -24.50 -19.15
CA GLN C 393 -9.71 -24.83 -19.03
C GLN C 393 -9.06 -23.98 -17.96
N ILE C 394 -9.47 -22.71 -17.86
CA ILE C 394 -8.92 -21.81 -16.84
C ILE C 394 -9.27 -22.33 -15.45
N ALA C 395 -10.49 -22.84 -15.31
CA ALA C 395 -10.97 -23.35 -14.03
C ALA C 395 -10.21 -24.62 -13.63
N MET C 396 -9.65 -25.33 -14.61
CA MET C 396 -8.88 -26.53 -14.29
C MET C 396 -7.44 -26.15 -13.94
N GLY C 397 -7.12 -24.88 -14.05
CA GLY C 397 -5.78 -24.43 -13.72
C GLY C 397 -4.87 -24.30 -14.93
N ILE C 398 -5.41 -24.46 -16.13
CA ILE C 398 -4.59 -24.33 -17.32
C ILE C 398 -4.24 -22.86 -17.57
N PRO C 399 -2.93 -22.56 -17.73
CA PRO C 399 -2.48 -21.20 -17.97
C PRO C 399 -2.91 -20.68 -19.34
N MET C 400 -3.05 -19.37 -19.45
CA MET C 400 -3.51 -18.72 -20.68
C MET C 400 -2.80 -19.18 -21.96
N HIS C 401 -1.47 -19.31 -21.92
CA HIS C 401 -0.74 -19.72 -23.11
C HIS C 401 -0.95 -21.16 -23.55
N ARG C 402 -1.65 -21.96 -22.76
CA ARG C 402 -1.91 -23.34 -23.18
C ARG C 402 -3.37 -23.54 -23.61
N ILE C 403 -4.08 -22.44 -23.83
CA ILE C 403 -5.45 -22.53 -24.31
C ILE C 403 -5.35 -22.34 -25.83
N SER C 404 -5.65 -23.41 -26.57
CA SER C 404 -5.54 -23.41 -28.02
C SER C 404 -6.10 -22.20 -28.79
N ASP C 405 -7.31 -21.76 -28.46
CA ASP C 405 -7.91 -20.63 -29.16
C ASP C 405 -7.15 -19.32 -28.93
N ILE C 406 -6.52 -19.18 -27.76
CA ILE C 406 -5.75 -17.98 -27.46
C ILE C 406 -4.45 -18.04 -28.26
N ARG C 407 -3.82 -19.21 -28.31
CA ARG C 407 -2.60 -19.37 -29.10
C ARG C 407 -2.89 -18.98 -30.55
N THR C 408 -4.00 -19.47 -31.07
CA THR C 408 -4.39 -19.16 -32.45
C THR C 408 -4.62 -17.66 -32.63
N LEU C 409 -5.29 -17.05 -31.66
CA LEU C 409 -5.55 -15.61 -31.69
C LEU C 409 -4.25 -14.82 -31.79
N TYR C 410 -3.20 -15.35 -31.19
CA TYR C 410 -1.89 -14.70 -31.20
C TYR C 410 -0.98 -15.20 -32.32
N GLY C 411 -1.57 -15.95 -33.24
CA GLY C 411 -0.82 -16.47 -34.38
C GLY C 411 0.26 -17.48 -34.06
N MET C 412 0.07 -18.24 -32.98
CA MET C 412 1.05 -19.25 -32.56
C MET C 412 0.62 -20.64 -33.02
N ASN C 413 1.53 -21.61 -32.88
CA ASN C 413 1.22 -22.99 -33.20
C ASN C 413 0.37 -23.43 -32.02
N PRO C 414 -0.88 -23.82 -32.26
CA PRO C 414 -1.78 -24.25 -31.17
C PRO C 414 -1.35 -25.49 -30.37
N HIS C 415 -0.47 -26.30 -30.94
CA HIS C 415 -0.01 -27.51 -30.26
C HIS C 415 1.25 -27.26 -29.42
N SER C 416 1.93 -26.15 -29.68
CA SER C 416 3.15 -25.82 -28.94
C SER C 416 2.88 -25.38 -27.51
N ALA C 417 3.85 -25.62 -26.63
CA ALA C 417 3.73 -25.25 -25.23
C ALA C 417 4.54 -24.00 -24.93
N SER C 418 5.08 -23.37 -25.96
CA SER C 418 5.89 -22.16 -25.76
C SER C 418 5.12 -21.07 -25.04
N GLU C 419 5.82 -20.34 -24.18
CA GLU C 419 5.20 -19.25 -23.44
C GLU C 419 4.84 -18.12 -24.40
N ILE C 420 3.78 -17.39 -24.06
CA ILE C 420 3.35 -16.26 -24.89
C ILE C 420 3.55 -14.96 -24.12
N ASP C 421 4.22 -14.00 -24.76
CA ASP C 421 4.45 -12.70 -24.17
C ASP C 421 3.24 -11.85 -24.56
N PHE C 422 2.23 -11.82 -23.70
CA PHE C 422 1.01 -11.08 -23.97
C PHE C 422 1.19 -9.57 -24.01
N GLU C 423 2.45 -9.13 -24.12
CA GLU C 423 2.75 -7.70 -24.18
C GLU C 423 3.79 -7.41 -25.26
N PHE C 424 4.30 -8.47 -25.87
CA PHE C 424 5.32 -8.34 -26.91
C PHE C 424 6.49 -7.51 -26.43
N LYS C 425 7.07 -7.91 -25.29
CA LYS C 425 8.20 -7.21 -24.71
C LYS C 425 9.51 -7.66 -25.36
N THR C 426 9.85 -8.93 -25.15
CA THR C 426 11.08 -9.49 -25.70
C THR C 426 11.06 -9.43 -27.24
N GLN C 427 12.21 -9.15 -27.83
CA GLN C 427 12.31 -9.07 -29.29
C GLN C 427 12.01 -10.42 -29.92
N ASP C 428 12.07 -11.47 -29.10
CA ASP C 428 11.79 -12.83 -29.57
C ASP C 428 10.28 -13.03 -29.61
N ALA C 429 9.54 -12.13 -28.97
CA ALA C 429 8.09 -12.21 -28.92
C ALA C 429 7.47 -11.71 -30.22
N THR C 430 7.87 -10.53 -30.66
CA THR C 430 7.35 -9.97 -31.91
C THR C 430 7.74 -10.87 -33.08
N LYS C 431 8.72 -11.73 -32.83
CA LYS C 431 9.22 -12.65 -33.84
C LYS C 431 8.33 -13.89 -33.96
N LYS C 432 8.04 -14.52 -32.83
CA LYS C 432 7.22 -15.74 -32.79
C LYS C 432 5.72 -15.48 -32.60
N GLN C 433 5.33 -14.22 -32.45
CA GLN C 433 3.92 -13.90 -32.24
C GLN C 433 3.29 -12.96 -33.27
N ARG C 434 1.97 -12.94 -33.30
CA ARG C 434 1.18 -12.08 -34.18
C ARG C 434 0.25 -11.27 -33.30
N ARG C 435 0.17 -9.95 -33.55
CA ARG C 435 -0.71 -9.10 -32.75
C ARG C 435 -2.17 -9.38 -33.09
N PRO C 436 -2.99 -9.70 -32.07
CA PRO C 436 -4.41 -10.00 -32.27
C PRO C 436 -5.18 -8.96 -33.07
N ILE C 437 -5.85 -9.42 -34.11
CA ILE C 437 -6.66 -8.54 -34.94
C ILE C 437 -8.05 -9.15 -35.07
N PRO C 438 -9.10 -8.34 -34.86
CA PRO C 438 -10.48 -8.82 -34.96
C PRO C 438 -10.78 -9.38 -36.34
N LYS C 439 -11.52 -10.49 -36.37
CA LYS C 439 -11.88 -11.13 -37.62
C LYS C 439 -13.23 -10.56 -38.04
N GLY C 440 -13.21 -9.58 -38.94
CA GLY C 440 -14.45 -8.99 -39.40
C GLY C 440 -15.18 -8.15 -38.37
N HIS C 441 -16.50 -8.17 -38.44
CA HIS C 441 -17.34 -7.39 -37.55
C HIS C 441 -18.63 -8.16 -37.26
N CYS C 442 -19.17 -8.00 -36.06
CA CYS C 442 -20.40 -8.69 -35.69
C CYS C 442 -21.39 -7.74 -35.02
N THR C 443 -22.63 -7.79 -35.49
CA THR C 443 -23.69 -6.97 -34.93
C THR C 443 -24.70 -7.92 -34.31
N ALA C 444 -25.12 -7.64 -33.08
CA ALA C 444 -26.10 -8.49 -32.41
C ALA C 444 -27.31 -7.65 -32.04
N CYS C 445 -28.49 -8.22 -32.26
CA CYS C 445 -29.74 -7.54 -31.94
C CYS C 445 -30.60 -8.37 -31.02
N ARG C 446 -31.13 -7.73 -29.98
CA ARG C 446 -32.01 -8.44 -29.06
C ARG C 446 -33.39 -8.41 -29.73
N ILE C 447 -34.07 -9.54 -29.74
CA ILE C 447 -35.40 -9.63 -30.34
C ILE C 447 -36.40 -10.15 -29.32
N THR C 448 -37.67 -9.85 -29.54
CA THR C 448 -38.73 -10.30 -28.65
C THR C 448 -39.94 -10.64 -29.50
N SER C 449 -40.80 -11.50 -28.97
CA SER C 449 -42.00 -11.89 -29.69
C SER C 449 -43.16 -12.07 -28.72
N GLU C 450 -44.36 -12.04 -29.25
CA GLU C 450 -45.56 -12.22 -28.45
C GLU C 450 -46.04 -13.65 -28.57
N ASP C 451 -46.00 -14.41 -27.48
CA ASP C 451 -46.48 -15.78 -27.48
C ASP C 451 -47.52 -15.92 -26.38
N PRO C 452 -48.68 -15.26 -26.54
CA PRO C 452 -49.76 -15.31 -25.55
C PRO C 452 -50.23 -16.73 -25.31
N ASN C 453 -50.68 -17.01 -24.09
CA ASN C 453 -51.20 -18.33 -23.78
C ASN C 453 -52.67 -18.24 -24.15
N ASP C 454 -53.03 -18.79 -25.30
CA ASP C 454 -54.41 -18.74 -25.77
C ASP C 454 -55.12 -20.07 -25.55
N GLY C 455 -54.48 -20.98 -24.83
CA GLY C 455 -55.09 -22.27 -24.59
C GLY C 455 -54.67 -23.27 -25.65
N PHE C 456 -53.85 -22.82 -26.59
CA PHE C 456 -53.37 -23.70 -27.66
C PHE C 456 -51.89 -23.98 -27.44
N LYS C 457 -51.52 -25.26 -27.60
CA LYS C 457 -50.14 -25.68 -27.41
C LYS C 457 -49.17 -24.94 -28.32
N PRO C 458 -48.17 -24.29 -27.73
CA PRO C 458 -47.16 -23.54 -28.50
C PRO C 458 -46.17 -24.51 -29.16
N SER C 459 -45.18 -23.97 -29.84
CA SER C 459 -44.17 -24.79 -30.49
C SER C 459 -43.41 -25.56 -29.41
N GLY C 460 -43.36 -26.88 -29.56
CA GLY C 460 -42.67 -27.71 -28.58
C GLY C 460 -41.34 -27.16 -28.13
N GLY C 461 -40.91 -27.55 -26.93
CA GLY C 461 -39.63 -27.09 -26.41
C GLY C 461 -39.63 -25.62 -26.04
N THR C 462 -38.48 -25.15 -25.59
CA THR C 462 -38.33 -23.75 -25.18
C THR C 462 -37.42 -22.98 -26.12
N LEU C 463 -36.35 -23.64 -26.57
CA LEU C 463 -35.38 -23.00 -27.46
C LEU C 463 -35.78 -23.11 -28.93
N HIS C 464 -36.03 -21.96 -29.55
CA HIS C 464 -36.39 -21.90 -30.96
C HIS C 464 -35.24 -21.27 -31.70
N GLU C 465 -34.57 -22.06 -32.54
CA GLU C 465 -33.43 -21.57 -33.30
C GLU C 465 -33.85 -21.03 -34.64
N LEU C 466 -33.14 -20.01 -35.10
CA LEU C 466 -33.44 -19.35 -36.35
C LEU C 466 -32.38 -19.62 -37.41
N ASN C 467 -32.71 -20.49 -38.35
CA ASN C 467 -31.80 -20.83 -39.44
C ASN C 467 -32.35 -20.13 -40.68
N PHE C 468 -31.86 -18.92 -40.92
CA PHE C 468 -32.30 -18.10 -42.04
C PHE C 468 -32.01 -18.68 -43.41
N ARG C 469 -32.91 -18.43 -44.35
CA ARG C 469 -32.77 -18.93 -45.72
C ARG C 469 -32.06 -17.89 -46.58
N SER C 470 -32.30 -16.62 -46.28
CA SER C 470 -31.75 -15.52 -47.05
C SER C 470 -30.37 -15.00 -46.69
N SER C 471 -29.87 -15.33 -45.51
CA SER C 471 -28.55 -14.86 -45.09
C SER C 471 -27.62 -16.01 -44.69
N SER C 472 -26.36 -15.93 -45.13
CA SER C 472 -25.38 -16.96 -44.82
C SER C 472 -24.61 -16.68 -43.53
N ASN C 473 -24.51 -15.39 -43.19
CA ASN C 473 -23.76 -14.96 -42.01
C ASN C 473 -24.57 -14.56 -40.80
N VAL C 474 -25.80 -15.07 -40.69
CA VAL C 474 -26.66 -14.72 -39.57
C VAL C 474 -27.27 -15.94 -38.88
N TRP C 475 -27.32 -15.90 -37.55
CA TRP C 475 -27.90 -16.98 -36.75
C TRP C 475 -28.60 -16.34 -35.55
N GLY C 476 -29.68 -16.95 -35.09
CA GLY C 476 -30.40 -16.41 -33.96
C GLY C 476 -31.19 -17.43 -33.18
N TYR C 477 -31.84 -16.97 -32.13
CA TYR C 477 -32.65 -17.85 -31.27
C TYR C 477 -33.56 -16.98 -30.43
N PHE C 478 -34.52 -17.64 -29.79
CA PHE C 478 -35.41 -16.98 -28.86
C PHE C 478 -36.02 -18.08 -28.00
N SER C 479 -36.40 -17.71 -26.79
CA SER C 479 -36.98 -18.67 -25.86
C SER C 479 -37.61 -17.96 -24.69
N VAL C 480 -38.34 -18.70 -23.88
CA VAL C 480 -38.99 -18.12 -22.71
C VAL C 480 -37.95 -18.04 -21.58
N GLY C 481 -38.21 -17.19 -20.59
CA GLY C 481 -37.28 -17.07 -19.48
C GLY C 481 -37.88 -17.58 -18.19
N ASN C 482 -38.00 -18.89 -18.07
CA ASN C 482 -38.58 -19.49 -16.87
C ASN C 482 -37.73 -19.27 -15.63
N ASN C 483 -38.42 -19.19 -14.50
CA ASN C 483 -37.78 -19.04 -13.20
C ASN C 483 -36.82 -17.87 -13.04
N GLY C 484 -37.27 -16.69 -13.44
CA GLY C 484 -36.43 -15.51 -13.27
C GLY C 484 -36.64 -14.99 -11.86
N ASN C 485 -36.06 -13.84 -11.55
CA ASN C 485 -36.22 -13.28 -10.21
C ASN C 485 -37.54 -12.52 -10.08
N ILE C 486 -38.09 -12.08 -11.21
CA ILE C 486 -39.33 -11.32 -11.23
C ILE C 486 -40.53 -12.13 -11.75
N HIS C 487 -40.28 -12.99 -12.74
CA HIS C 487 -41.33 -13.82 -13.33
C HIS C 487 -40.90 -15.28 -13.30
N SER C 488 -41.74 -16.15 -12.76
CA SER C 488 -41.38 -17.57 -12.71
C SER C 488 -41.65 -18.19 -14.08
N PHE C 489 -42.48 -17.51 -14.87
CA PHE C 489 -42.79 -17.91 -16.23
C PHE C 489 -43.41 -16.70 -16.93
N SER C 490 -43.38 -16.69 -18.25
CA SER C 490 -43.92 -15.56 -18.98
C SER C 490 -44.29 -15.93 -20.40
N ASP C 491 -45.13 -15.12 -21.02
CA ASP C 491 -45.55 -15.35 -22.40
C ASP C 491 -44.50 -14.74 -23.31
N SER C 492 -43.74 -13.80 -22.75
CA SER C 492 -42.71 -13.11 -23.50
C SER C 492 -41.55 -14.03 -23.81
N GLN C 493 -41.13 -14.02 -25.07
CA GLN C 493 -40.00 -14.81 -25.50
C GLN C 493 -38.99 -13.78 -25.96
N PHE C 494 -37.72 -14.02 -25.66
CA PHE C 494 -36.67 -13.09 -26.06
C PHE C 494 -35.45 -13.86 -26.52
N GLY C 495 -34.61 -13.19 -27.30
CA GLY C 495 -33.42 -13.84 -27.80
C GLY C 495 -32.54 -12.83 -28.52
N HIS C 496 -31.66 -13.35 -29.37
CA HIS C 496 -30.76 -12.51 -30.14
C HIS C 496 -30.50 -13.08 -31.52
N ILE C 497 -30.08 -12.20 -32.41
CA ILE C 497 -29.69 -12.58 -33.76
C ILE C 497 -28.27 -12.03 -33.84
N PHE C 498 -27.35 -12.84 -34.34
CA PHE C 498 -25.96 -12.42 -34.49
C PHE C 498 -25.66 -12.40 -35.99
N ALA C 499 -25.13 -11.29 -36.47
CA ALA C 499 -24.81 -11.15 -37.89
C ALA C 499 -23.35 -10.77 -38.08
N PHE C 500 -22.67 -11.53 -38.93
CA PHE C 500 -21.25 -11.27 -39.21
C PHE C 500 -21.12 -10.59 -40.57
N GLY C 501 -20.07 -9.78 -40.71
CA GLY C 501 -19.79 -9.08 -41.95
C GLY C 501 -18.32 -8.76 -42.01
N GLU C 502 -17.79 -8.53 -43.21
CA GLU C 502 -16.37 -8.21 -43.35
C GLU C 502 -16.06 -6.87 -42.71
N ASN C 503 -17.10 -6.10 -42.45
CA ASN C 503 -16.98 -4.79 -41.83
C ASN C 503 -18.31 -4.43 -41.20
N ARG C 504 -18.36 -3.26 -40.55
CA ARG C 504 -19.57 -2.80 -39.89
C ARG C 504 -20.77 -2.63 -40.81
N GLN C 505 -20.56 -1.96 -41.96
CA GLN C 505 -21.66 -1.77 -42.89
C GLN C 505 -22.23 -3.11 -43.34
N ALA C 506 -21.35 -4.07 -43.59
CA ALA C 506 -21.77 -5.40 -44.03
C ALA C 506 -22.56 -6.17 -42.98
N SER C 507 -22.10 -6.18 -41.73
CA SER C 507 -22.81 -6.92 -40.70
C SER C 507 -24.19 -6.31 -40.50
N ARG C 508 -24.29 -4.99 -40.55
CA ARG C 508 -25.58 -4.33 -40.38
C ARG C 508 -26.51 -4.67 -41.53
N LYS C 509 -25.96 -4.74 -42.74
CA LYS C 509 -26.77 -5.06 -43.92
C LYS C 509 -27.36 -6.45 -43.74
N HIS C 510 -26.50 -7.42 -43.41
CA HIS C 510 -26.92 -8.79 -43.21
C HIS C 510 -27.96 -8.93 -42.11
N MET C 511 -27.84 -8.10 -41.07
CA MET C 511 -28.79 -8.13 -39.97
C MET C 511 -30.17 -7.72 -40.49
N VAL C 512 -30.22 -6.64 -41.25
CA VAL C 512 -31.49 -6.16 -41.80
C VAL C 512 -32.18 -7.27 -42.61
N VAL C 513 -31.41 -7.93 -43.47
CA VAL C 513 -31.93 -9.02 -44.29
C VAL C 513 -32.55 -10.11 -43.42
N ALA C 514 -31.84 -10.50 -42.38
CA ALA C 514 -32.33 -11.52 -41.46
C ALA C 514 -33.58 -11.08 -40.71
N LEU C 515 -33.61 -9.82 -40.28
CA LEU C 515 -34.74 -9.28 -39.55
C LEU C 515 -35.99 -9.25 -40.43
N LYS C 516 -35.82 -8.94 -41.70
CA LYS C 516 -36.95 -8.92 -42.62
C LYS C 516 -37.50 -10.33 -42.81
N GLU C 517 -36.61 -11.32 -42.91
CA GLU C 517 -37.06 -12.70 -43.08
C GLU C 517 -37.77 -13.15 -41.81
N LEU C 518 -37.24 -12.72 -40.66
CA LEU C 518 -37.81 -13.07 -39.37
C LEU C 518 -39.24 -12.55 -39.24
N SER C 519 -39.47 -11.35 -39.77
CA SER C 519 -40.78 -10.71 -39.69
C SER C 519 -41.86 -11.48 -40.45
N ILE C 520 -41.46 -12.46 -41.25
CA ILE C 520 -42.45 -13.25 -41.99
C ILE C 520 -43.22 -14.09 -40.98
N ARG C 521 -42.56 -14.41 -39.85
CA ARG C 521 -43.21 -15.19 -38.80
C ARG C 521 -44.29 -14.34 -38.16
N GLY C 522 -45.40 -14.98 -37.80
CA GLY C 522 -46.49 -14.25 -37.19
C GLY C 522 -46.16 -13.54 -35.89
N ASP C 523 -45.44 -14.23 -34.99
CA ASP C 523 -45.08 -13.63 -33.70
C ASP C 523 -44.02 -12.53 -33.76
N PHE C 524 -43.38 -12.37 -34.91
CA PHE C 524 -42.37 -11.32 -35.08
C PHE C 524 -42.79 -10.37 -36.19
N ARG C 525 -44.05 -10.46 -36.60
CA ARG C 525 -44.57 -9.62 -37.68
C ARG C 525 -44.31 -8.13 -37.51
N THR C 526 -44.43 -7.62 -36.29
CA THR C 526 -44.22 -6.19 -36.06
C THR C 526 -43.27 -5.85 -34.92
N THR C 527 -42.75 -6.86 -34.23
CA THR C 527 -41.86 -6.62 -33.10
C THR C 527 -40.42 -6.26 -33.43
N VAL C 528 -40.01 -6.46 -34.68
CA VAL C 528 -38.64 -6.11 -35.09
C VAL C 528 -38.60 -4.98 -36.11
N GLU C 529 -39.75 -4.39 -36.39
CA GLU C 529 -39.82 -3.28 -37.33
C GLU C 529 -38.96 -2.09 -36.89
N TYR C 530 -39.01 -1.79 -35.60
CA TYR C 530 -38.24 -0.65 -35.07
C TYR C 530 -36.74 -0.87 -35.25
N LEU C 531 -36.31 -2.12 -35.24
CA LEU C 531 -34.89 -2.44 -35.42
C LEU C 531 -34.49 -2.22 -36.88
N ILE C 532 -35.34 -2.67 -37.79
CA ILE C 532 -35.06 -2.51 -39.22
C ILE C 532 -34.95 -1.03 -39.58
N LYS C 533 -35.83 -0.23 -39.00
CA LYS C 533 -35.82 1.21 -39.26
C LYS C 533 -34.56 1.88 -38.71
N LEU C 534 -34.15 1.48 -37.52
CA LEU C 534 -32.96 2.05 -36.89
C LEU C 534 -31.67 1.65 -37.63
N LEU C 535 -31.72 0.52 -38.33
CA LEU C 535 -30.55 0.04 -39.06
C LEU C 535 -30.45 0.58 -40.48
N GLU C 536 -31.57 0.98 -41.05
CA GLU C 536 -31.58 1.51 -42.41
C GLU C 536 -31.50 3.03 -42.40
N THR C 537 -31.31 3.61 -41.22
CA THR C 537 -31.22 5.06 -41.07
C THR C 537 -29.92 5.60 -41.66
N GLU C 538 -29.73 6.84 -41.64
C1 S1A D . 16.55 37.26 -9.35
C2 S1A D . 15.75 36.20 -8.60
C3 S1A D . 16.72 35.39 -7.73
C4 S1A D . 15.93 34.32 -6.89
C5 S1A D . 16.81 33.67 -5.78
C6 S1A D . 17.63 34.74 -5.02
C7 S1A D . 18.36 35.64 -6.03
C8 S1A D . 19.19 36.71 -5.30
C9 S1A D . 19.87 37.64 -6.34
C10 S1A D . 21.20 37.47 -6.68
C11 S1A D . 21.84 38.34 -7.79
C12 S1A D . 22.50 37.45 -8.85
C13 S1A D . 21.46 36.59 -9.57
C14 S1A D . 20.43 37.39 -10.33
C15 S1A D . 19.61 36.52 -11.27
C16 S1A D . 18.67 37.37 -12.11
C17 S1A D . 17.50 37.98 -11.32
C19 S1A D . 15.02 35.29 -9.58
C20 S1A D . 13.67 34.02 -6.29
C21 S1A D . 16.71 35.56 -4.11
C22 S1A D . 20.22 36.08 -4.37
C23 S1A D . 22.17 40.36 -6.60
C24 S1A D . 24.48 36.20 -9.20
C25 S1A D . 16.54 38.63 -12.33
C26 S1A D . 15.69 37.82 -13.10
C27 S1A D . 14.97 38.36 -14.17
C28 S1A D . 15.09 39.71 -14.45
C29 S1A D . 15.93 40.53 -13.68
C30 S1A D . 16.65 39.99 -12.62
O1 S1A D . 17.01 38.36 -8.94
O3 S1A D . 17.68 34.72 -8.57
O4 S1A D . 14.78 34.95 -6.30
O5 S1A D . 17.71 32.71 -6.35
O7 S1A D . 17.40 36.30 -6.85
O11 S1A D . 22.82 39.23 -7.23
O12 S1A D . 23.50 36.63 -8.23
O18 S1A D . 16.81 36.93 -10.61
C1 S1A E . -3.63 -11.68 49.81
C2 S1A E . -4.58 -10.78 49.02
C3 S1A E . -5.47 -11.66 48.12
C4 S1A E . -6.45 -10.76 47.29
C5 S1A E . -7.60 -11.61 46.62
C6 S1A E . -8.19 -12.66 47.60
C7 S1A E . -7.03 -13.45 48.24
C8 S1A E . -7.56 -14.53 49.21
C9 S1A E . -6.37 -15.27 49.86
C10 S1A E . -5.99 -16.52 49.39
C11 S1A E . -4.76 -17.23 50.00
C12 S1A E . -3.79 -17.63 48.88
C13 S1A E . -3.25 -16.40 48.14
C14 S1A E . -2.52 -15.40 49.02
C15 S1A E . -1.74 -14.40 48.19
C16 S1A E . -0.82 -13.56 49.04
C17 S1A E . -1.53 -12.63 50.04
C19 S1A E . -3.80 -9.76 48.21
C20 S1A E . -7.35 -8.58 47.37
C21 S1A E . -9.04 -11.98 48.66
C22 S1A E . -8.50 -15.51 48.50
C23 S1A E . -5.79 -18.04 51.98
C24 S1A E . -3.52 -19.27 47.19
C25 S1A E . -0.45 -11.79 50.77
C26 S1A E . 0.22 -10.77 50.10
C27 S1A E . 1.21 -10.03 50.75
C28 S1A E . 1.53 -10.32 52.07
C29 S1A E . 0.87 -11.34 52.74
C30 S1A E . -0.12 -12.08 52.09
O1 S1A E . -3.85 -12.35 50.85
O3 S1A E . -4.65 -12.42 47.23
O4 S1A E . -7.02 -9.77 48.14
O5 S1A E . -7.11 -12.26 45.45
O7 S1A E . -6.22 -12.53 48.98
O11 S1A E . -5.18 -18.40 50.72
O12 S1A E . -4.47 -18.52 47.98
O18 S1A E . -2.40 -11.74 49.31
C1 S1A F . -20.78 -19.04 -33.20
C2 S1A F . -19.40 -19.13 -32.59
C3 S1A F . -19.47 -20.06 -31.36
C4 S1A F . -18.05 -20.18 -30.71
C5 S1A F . -17.99 -21.32 -29.66
C6 S1A F . -18.65 -22.60 -30.19
C7 S1A F . -20.05 -22.26 -30.74
C8 S1A F . -20.76 -23.53 -31.25
C9 S1A F . -22.12 -23.14 -31.88
C10 S1A F . -23.32 -23.37 -31.20
C11 S1A F . -24.65 -22.81 -31.77
C12 S1A F . -25.34 -21.89 -30.74
C13 S1A F . -24.50 -20.64 -30.47
C14 S1A F . -24.28 -19.77 -31.71
C15 S1A F . -23.85 -18.36 -31.33
C16 S1A F . -23.81 -17.47 -32.58
C17 S1A F . -22.70 -17.83 -33.57
C19 S1A F . -18.89 -17.75 -32.19
C20 S1A F . -15.78 -19.86 -31.29
C21 S1A F . -17.77 -23.23 -31.27
C22 S1A F . -20.96 -24.54 -30.11
C23 S1A F . -25.94 -23.78 -33.50
C24 S1A F . -26.65 -22.01 -28.77
C25 S1A F . -22.57 -16.69 -34.60
C26 S1A F . -21.94 -15.49 -34.23
C27 S1A F . -21.98 -14.38 -35.07
C28 S1A F . -22.67 -14.46 -36.29
C29 S1A F . -23.31 -15.65 -36.65
C30 S1A F . -23.25 -16.76 -35.81
O1 S1A F . -21.37 -19.83 -33.97
O3 S1A F . -20.39 -19.54 -30.40
O4 S1A F . -17.07 -20.39 -31.72
O5 S1A F . -18.63 -20.93 -28.44
O7 S1A F . -19.91 -21.35 -31.82
O11 S1A F . -25.53 -23.89 -32.11
O12 S1A F . -25.55 -22.61 -29.52
O18 S1A F . -21.45 -17.97 -32.85
#